data_4FRR
#
_entry.id   4FRR
#
_cell.length_a   137.270
_cell.length_b   139.735
_cell.length_c   146.399
_cell.angle_alpha   90.000
_cell.angle_beta   90.000
_cell.angle_gamma   90.000
#
_symmetry.space_group_name_H-M   'P 21 21 21'
#
loop_
_entity.id
_entity.type
_entity.pdbx_description
1 polymer 'Soluble acetylcholine receptor'
2 non-polymer 3-[(2S)-azetidin-2-ylmethoxy]-5-[(1S,2R)-2-(2-methoxyethyl)cyclopropyl]pyridine
3 non-polymer GLYCEROL
4 water water
#
_entity_poly.entity_id   1
_entity_poly.type   'polypeptide(L)'
_entity_poly.pdbx_seq_one_letter_code
;MSALLILALVGAAVADYKDDDDKLHSQANLMRLKSDLFNRSPMYPGPTKDDPLTVTLGFTLQDIVKADSSTNEVDLVYYE
QQRWKLNSLMWDPNEYGNITDFRTSAADIWTPDITAYSSTRPVQVLSPQIAVVTHDGSVMFIPAQRLSFMCDPTGVDSEE
GATCAVKFGSWVYSGFEIDLKTDTDQVDLSSYYASSKYEILSATQTRQVQHYSCCPEPYIDVNLVVKFRERR
;
_entity_poly.pdbx_strand_id   A,B,C,D,E,F,G,H,I,J
#
# COMPACT_ATOMS: atom_id res chain seq x y z
N LEU A 24 26.27 57.59 -32.80
CA LEU A 24 25.76 56.56 -31.82
C LEU A 24 25.93 57.01 -30.36
N HIS A 25 25.66 58.29 -30.10
CA HIS A 25 25.65 58.83 -28.72
C HIS A 25 24.51 58.28 -27.87
N SER A 26 23.80 57.28 -28.39
CA SER A 26 22.61 56.76 -27.69
C SER A 26 22.99 56.03 -26.39
N GLN A 27 24.12 55.32 -26.39
CA GLN A 27 24.64 54.67 -25.19
C GLN A 27 24.85 55.68 -24.05
N ALA A 28 25.55 56.78 -24.33
CA ALA A 28 25.75 57.82 -23.34
C ALA A 28 24.40 58.41 -22.89
N ASN A 29 23.45 58.48 -23.82
CA ASN A 29 22.11 58.99 -23.51
C ASN A 29 21.31 58.11 -22.58
N LEU A 30 21.37 56.80 -22.80
CA LEU A 30 20.69 55.85 -21.93
C LEU A 30 21.31 55.83 -20.50
N MET A 31 22.65 55.87 -20.43
CA MET A 31 23.36 55.97 -19.17
C MET A 31 22.92 57.23 -18.40
N ARG A 32 22.79 58.36 -19.08
CA ARG A 32 22.32 59.63 -18.46
C ARG A 32 20.87 59.51 -17.97
N LEU A 33 20.00 59.01 -18.84
CA LEU A 33 18.61 58.79 -18.46
C LEU A 33 18.53 57.94 -17.18
N LYS A 34 19.13 56.75 -17.22
CA LYS A 34 19.07 55.81 -16.09
C LYS A 34 19.67 56.45 -14.83
N SER A 35 20.78 57.16 -15.03
CA SER A 35 21.46 57.91 -13.99
C SER A 35 20.60 59.00 -13.38
N ASP A 36 19.86 59.72 -14.22
CA ASP A 36 18.93 60.75 -13.75
C ASP A 36 17.75 60.17 -12.94
N LEU A 37 17.13 59.12 -13.45
CA LEU A 37 16.00 58.49 -12.76
C LEU A 37 16.37 57.76 -11.48
N PHE A 38 17.49 57.03 -11.49
CA PHE A 38 17.81 56.14 -10.39
C PHE A 38 18.80 56.67 -9.36
N ASN A 39 19.95 57.17 -9.82
CA ASN A 39 21.06 57.61 -8.95
C ASN A 39 20.80 58.96 -8.29
N ARG A 40 20.36 59.92 -9.10
CA ARG A 40 20.11 61.30 -8.66
C ARG A 40 18.75 61.47 -7.94
N SER A 41 17.78 60.64 -8.32
CA SER A 41 16.42 60.67 -7.72
C SER A 41 16.24 59.59 -6.62
N PRO A 42 15.32 59.84 -5.66
CA PRO A 42 15.06 58.79 -4.66
C PRO A 42 13.92 57.86 -5.07
N TYR A 44 10.78 56.72 -5.20
CA TYR A 44 9.42 56.20 -5.00
C TYR A 44 9.35 55.26 -3.82
N PRO A 45 8.79 55.77 -2.73
CA PRO A 45 8.68 55.03 -1.48
C PRO A 45 7.54 54.04 -1.47
N GLY A 46 6.99 53.69 -2.64
CA GLY A 46 5.79 52.87 -2.67
C GLY A 46 4.55 53.74 -2.57
N PRO A 47 3.36 53.14 -2.77
CA PRO A 47 2.11 53.91 -2.81
C PRO A 47 1.60 54.24 -1.40
N THR A 48 0.84 55.32 -1.29
CA THR A 48 0.19 55.71 -0.05
C THR A 48 -1.29 55.97 -0.33
N LYS A 49 -2.06 56.18 0.73
CA LYS A 49 -3.49 56.54 0.65
C LYS A 49 -3.69 57.78 -0.21
N ASP A 50 -2.78 58.74 -0.09
CA ASP A 50 -2.90 60.01 -0.82
C ASP A 50 -2.42 59.92 -2.25
N ASP A 51 -1.76 58.79 -2.57
CA ASP A 51 -1.13 58.57 -3.86
C ASP A 51 -1.24 57.07 -4.22
N PRO A 52 -2.47 56.57 -4.46
CA PRO A 52 -2.64 55.13 -4.65
C PRO A 52 -2.20 54.63 -6.03
N LEU A 53 -1.98 53.33 -6.14
CA LEU A 53 -1.48 52.75 -7.38
C LEU A 53 -2.38 51.60 -7.85
N THR A 54 -2.65 51.57 -9.16
CA THR A 54 -3.33 50.43 -9.77
C THR A 54 -2.35 49.53 -10.51
N VAL A 55 -2.25 48.28 -10.08
CA VAL A 55 -1.42 47.31 -10.79
C VAL A 55 -2.31 46.43 -11.64
N THR A 56 -2.05 46.38 -12.95
CA THR A 56 -2.71 45.41 -13.82
C THR A 56 -1.95 44.08 -13.81
N LEU A 57 -2.70 42.98 -13.62
CA LEU A 57 -2.18 41.62 -13.60
C LEU A 57 -2.85 40.77 -14.63
N GLY A 58 -2.09 39.82 -15.17
CA GLY A 58 -2.57 38.83 -16.15
C GLY A 58 -1.70 37.59 -16.02
N PHE A 59 -2.26 36.43 -16.23
CA PHE A 59 -1.48 35.22 -16.04
C PHE A 59 -1.40 34.49 -17.37
N THR A 60 -0.27 33.86 -17.64
CA THR A 60 -0.10 33.02 -18.79
C THR A 60 0.30 31.67 -18.20
N LEU A 61 -0.54 30.66 -18.35
CA LEU A 61 -0.24 29.34 -17.77
C LEU A 61 0.58 28.52 -18.76
N GLN A 62 1.77 28.10 -18.32
CA GLN A 62 2.66 27.31 -19.17
C GLN A 62 2.56 25.80 -18.96
N ASP A 63 2.37 25.35 -17.71
CA ASP A 63 2.33 23.89 -17.48
C ASP A 63 1.88 23.59 -16.05
N ILE A 64 0.99 22.61 -15.91
CA ILE A 64 0.74 22.01 -14.60
C ILE A 64 1.74 20.87 -14.63
N VAL A 65 2.78 20.96 -13.80
CA VAL A 65 3.88 19.99 -13.88
C VAL A 65 3.49 18.76 -13.11
N LYS A 66 2.93 18.98 -11.91
CA LYS A 66 2.68 17.94 -10.90
C LYS A 66 1.37 18.23 -10.12
N ALA A 67 0.67 17.15 -9.78
CA ALA A 67 -0.49 17.17 -8.92
C ALA A 67 -0.30 16.03 -7.93
N ASP A 68 -0.15 16.40 -6.66
CA ASP A 68 0.14 15.42 -5.62
C ASP A 68 -1.11 15.14 -4.76
N SER A 69 -1.70 13.97 -4.93
CA SER A 69 -2.96 13.73 -4.27
C SER A 69 -2.78 13.27 -2.84
N SER A 70 -1.55 12.97 -2.43
CA SER A 70 -1.30 12.58 -1.04
C SER A 70 -1.07 13.85 -0.17
N THR A 71 -0.75 15.00 -0.78
CA THR A 71 -0.58 16.21 0.02
C THR A 71 -1.53 17.34 -0.36
N ASN A 72 -2.28 17.18 -1.44
CA ASN A 72 -3.08 18.26 -2.02
C ASN A 72 -2.28 19.50 -2.35
N GLU A 73 -1.19 19.29 -3.10
CA GLU A 73 -0.39 20.39 -3.66
C GLU A 73 -0.33 20.20 -5.17
N VAL A 74 -0.42 21.32 -5.90
CA VAL A 74 -0.24 21.24 -7.35
C VAL A 74 0.83 22.22 -7.73
N ASP A 75 1.65 21.88 -8.74
CA ASP A 75 2.76 22.72 -9.14
C ASP A 75 2.47 23.28 -10.51
N LEU A 76 2.51 24.62 -10.62
CA LEU A 76 2.21 25.33 -11.87
C LEU A 76 3.43 26.11 -12.29
N VAL A 77 3.65 26.18 -13.59
CA VAL A 77 4.67 27.03 -14.19
C VAL A 77 3.88 28.05 -15.04
N TYR A 78 4.15 29.35 -14.84
CA TYR A 78 3.35 30.42 -15.44
C TYR A 78 4.17 31.71 -15.48
N TYR A 79 3.70 32.68 -16.27
CA TYR A 79 4.18 34.08 -16.25
C TYR A 79 3.14 34.93 -15.55
N GLU A 80 3.60 35.90 -14.78
CA GLU A 80 2.72 36.84 -14.10
C GLU A 80 3.03 38.20 -14.70
N GLN A 81 2.20 38.64 -15.65
CA GLN A 81 2.40 39.95 -16.25
C GLN A 81 1.93 41.06 -15.26
N GLN A 82 2.84 41.98 -14.91
CA GLN A 82 2.51 43.06 -14.01
C GLN A 82 2.79 44.37 -14.71
N ARG A 83 1.86 45.32 -14.60
CA ARG A 83 2.01 46.66 -15.19
C ARG A 83 1.47 47.69 -14.23
N TRP A 84 2.20 48.82 -14.14
CA TRP A 84 1.80 49.96 -13.35
C TRP A 84 2.45 51.18 -13.94
N LYS A 85 2.19 52.36 -13.40
CA LYS A 85 2.69 53.59 -13.99
C LYS A 85 2.99 54.62 -12.91
N LEU A 86 4.19 55.21 -12.96
CA LEU A 86 4.63 56.22 -11.99
C LEU A 86 5.02 57.51 -12.70
N ASN A 87 4.54 58.64 -12.15
CA ASN A 87 5.00 59.95 -12.54
C ASN A 87 6.51 60.08 -12.35
N SER A 88 7.04 59.48 -11.29
CA SER A 88 8.47 59.63 -11.02
C SER A 88 9.38 58.88 -12.03
N LEU A 89 8.78 58.23 -13.03
CA LEU A 89 9.53 57.51 -14.07
C LEU A 89 9.30 58.07 -15.47
N MET A 90 8.59 59.20 -15.55
CA MET A 90 8.39 59.91 -16.81
C MET A 90 9.66 60.66 -17.23
N TRP A 91 9.90 60.72 -18.54
CA TRP A 91 10.88 61.62 -19.17
C TRP A 91 10.43 62.06 -20.54
N ASP A 92 10.96 63.18 -21.00
CA ASP A 92 10.73 63.58 -22.39
C ASP A 92 11.80 62.88 -23.24
N PRO A 93 11.37 62.03 -24.20
CA PRO A 93 12.33 61.34 -25.09
C PRO A 93 13.28 62.30 -25.83
N ASN A 94 12.76 63.46 -26.22
CA ASN A 94 13.56 64.48 -26.91
C ASN A 94 14.75 64.97 -26.11
N GLU A 95 14.62 65.00 -24.78
CA GLU A 95 15.75 65.36 -23.95
C GLU A 95 16.82 64.22 -23.88
N TYR A 96 16.55 63.10 -24.51
CA TYR A 96 17.44 61.96 -24.33
C TYR A 96 17.66 61.18 -25.59
N GLY A 97 17.93 61.92 -26.68
CA GLY A 97 18.12 61.34 -28.02
C GLY A 97 17.00 60.40 -28.44
N ASN A 98 15.76 60.78 -28.18
CA ASN A 98 14.59 59.99 -28.57
C ASN A 98 14.52 58.54 -28.02
N ILE A 99 15.03 58.31 -26.82
CA ILE A 99 14.82 57.02 -26.16
C ILE A 99 13.38 56.98 -25.63
N THR A 100 12.61 55.98 -26.04
CA THR A 100 11.19 55.86 -25.64
C THR A 100 10.98 54.82 -24.53
N ASP A 101 11.90 53.85 -24.44
CA ASP A 101 11.86 52.86 -23.38
C ASP A 101 13.25 52.27 -23.10
N PHE A 102 13.39 51.52 -22.00
CA PHE A 102 14.63 50.81 -21.69
C PHE A 102 14.35 49.64 -20.74
N ARG A 103 15.27 48.71 -20.73
CA ARG A 103 15.24 47.57 -19.81
C ARG A 103 16.17 47.82 -18.67
N THR A 104 15.73 47.43 -17.48
CA THR A 104 16.62 47.48 -16.33
C THR A 104 16.28 46.38 -15.35
N SER A 105 17.25 45.97 -14.57
CA SER A 105 17.01 45.04 -13.50
C SER A 105 15.84 45.48 -12.61
N ALA A 106 14.96 44.54 -12.32
CA ALA A 106 13.83 44.75 -11.45
C ALA A 106 14.24 45.28 -10.07
N ALA A 107 15.47 44.99 -9.67
CA ALA A 107 15.96 45.41 -8.36
C ALA A 107 16.30 46.91 -8.37
N ASP A 108 16.37 47.53 -9.54
CA ASP A 108 16.66 48.97 -9.59
C ASP A 108 15.45 49.86 -9.29
N ILE A 109 14.25 49.29 -9.35
CA ILE A 109 13.04 50.07 -9.21
C ILE A 109 12.17 49.44 -8.16
N TRP A 110 11.18 50.18 -7.71
CA TRP A 110 10.15 49.63 -6.86
C TRP A 110 9.34 48.62 -7.68
N THR A 111 8.99 47.48 -7.07
CA THR A 111 8.05 46.54 -7.62
C THR A 111 7.00 46.16 -6.56
N PRO A 112 5.76 45.88 -7.02
CA PRO A 112 4.68 45.52 -6.08
C PRO A 112 4.86 44.15 -5.43
N ASP A 113 4.41 43.99 -4.19
CA ASP A 113 4.58 42.77 -3.40
C ASP A 113 3.40 41.78 -3.60
N ILE A 114 3.19 41.42 -4.87
CA ILE A 114 2.10 40.58 -5.29
C ILE A 114 2.43 39.17 -4.86
N THR A 115 1.52 38.54 -4.13
CA THR A 115 1.85 37.31 -3.42
C THR A 115 0.71 36.34 -3.64
N ALA A 116 1.01 35.07 -3.89
CA ALA A 116 -0.03 34.05 -3.86
C ALA A 116 -0.42 33.81 -2.39
N TYR A 117 -1.72 33.65 -2.12
CA TYR A 117 -2.21 33.55 -0.76
C TYR A 117 -2.22 32.11 -0.26
N SER A 118 -1.95 31.16 -1.13
CA SER A 118 -2.05 29.78 -0.73
C SER A 118 -0.87 28.90 -1.21
N SER A 119 0.30 29.50 -1.37
CA SER A 119 1.48 28.73 -1.74
C SER A 119 1.90 27.84 -0.55
N THR A 120 2.55 26.73 -0.86
CA THR A 120 3.03 25.81 0.16
C THR A 120 4.57 25.70 0.18
N ARG A 121 5.24 26.34 -0.77
N ARG A 121 5.25 26.30 -0.80
CA ARG A 121 6.71 26.42 -0.84
CA ARG A 121 6.73 26.34 -0.90
C ARG A 121 7.05 27.83 -1.32
C ARG A 121 7.08 27.77 -1.39
N PRO A 122 8.28 28.28 -1.07
CA PRO A 122 8.69 29.57 -1.68
C PRO A 122 8.61 29.50 -3.23
N VAL A 123 8.12 30.57 -3.86
CA VAL A 123 8.00 30.57 -5.32
C VAL A 123 9.40 30.56 -5.97
N GLN A 124 9.57 29.79 -7.01
CA GLN A 124 10.90 29.74 -7.60
C GLN A 124 10.85 30.50 -8.90
N VAL A 125 11.84 31.35 -9.10
CA VAL A 125 11.88 32.19 -10.29
C VAL A 125 12.58 31.48 -11.42
N LEU A 126 11.95 31.49 -12.61
CA LEU A 126 12.55 30.79 -13.75
C LEU A 126 13.23 31.67 -14.81
N SER A 127 13.04 32.97 -14.73
CA SER A 127 13.47 33.86 -15.78
C SER A 127 14.31 35.00 -15.18
N PRO A 128 15.04 35.76 -16.03
CA PRO A 128 15.61 36.99 -15.53
C PRO A 128 14.51 37.89 -14.93
N GLN A 129 14.92 38.82 -14.09
CA GLN A 129 13.97 39.72 -13.44
C GLN A 129 14.32 41.11 -13.89
N ILE A 130 13.74 41.47 -15.02
CA ILE A 130 14.11 42.68 -15.78
C ILE A 130 12.79 43.32 -16.19
N ALA A 131 12.71 44.61 -15.95
CA ALA A 131 11.50 45.39 -16.24
C ALA A 131 11.74 46.25 -17.46
N VAL A 132 10.66 46.58 -18.17
CA VAL A 132 10.71 47.48 -19.30
C VAL A 132 10.02 48.76 -18.84
N VAL A 133 10.77 49.86 -18.82
CA VAL A 133 10.21 51.14 -18.44
C VAL A 133 10.02 51.96 -19.72
N THR A 134 8.83 52.54 -19.87
CA THR A 134 8.47 53.38 -21.03
C THR A 134 8.34 54.86 -20.61
N HIS A 135 8.57 55.78 -21.55
CA HIS A 135 8.69 57.23 -21.26
C HIS A 135 7.53 57.90 -20.58
N ASP A 136 6.34 57.32 -20.72
CA ASP A 136 5.15 57.78 -20.01
C ASP A 136 5.17 57.33 -18.55
N GLY A 137 6.21 56.60 -18.15
CA GLY A 137 6.37 56.16 -16.75
C GLY A 137 5.76 54.79 -16.50
N SER A 138 5.32 54.13 -17.57
CA SER A 138 4.72 52.83 -17.36
C SER A 138 5.83 51.80 -17.29
N VAL A 139 5.58 50.80 -16.44
CA VAL A 139 6.50 49.72 -16.23
C VAL A 139 5.80 48.40 -16.54
N MET A 140 6.52 47.53 -17.25
CA MET A 140 6.06 46.15 -17.49
C MET A 140 7.08 45.14 -16.99
N PHE A 141 6.61 44.21 -16.20
CA PHE A 141 7.50 43.26 -15.55
C PHE A 141 6.84 41.89 -15.66
N ILE A 142 7.50 40.91 -16.29
CA ILE A 142 6.87 39.61 -16.55
C ILE A 142 7.78 38.43 -16.16
N PRO A 143 7.85 38.13 -14.85
CA PRO A 143 8.68 37.03 -14.46
C PRO A 143 7.98 35.65 -14.68
N ALA A 144 8.75 34.65 -15.07
CA ALA A 144 8.26 33.26 -15.06
C ALA A 144 8.54 32.57 -13.70
N GLN A 145 7.61 31.73 -13.26
CA GLN A 145 7.72 31.08 -11.95
C GLN A 145 7.14 29.70 -11.84
N ARG A 146 7.70 28.92 -10.93
CA ARG A 146 7.06 27.71 -10.52
C ARG A 146 6.48 27.90 -9.11
N LEU A 147 5.19 27.56 -8.96
CA LEU A 147 4.47 27.70 -7.69
C LEU A 147 3.85 26.34 -7.25
N SER A 148 4.09 25.95 -5.99
CA SER A 148 3.34 24.86 -5.36
C SER A 148 2.26 25.56 -4.54
N PHE A 149 1.00 25.17 -4.71
CA PHE A 149 -0.11 25.77 -3.97
C PHE A 149 -1.14 24.68 -3.58
N MET A 150 -2.04 25.05 -2.66
CA MET A 150 -3.00 24.14 -2.08
C MET A 150 -4.11 23.84 -3.10
N CYS A 151 -4.28 22.56 -3.42
CA CYS A 151 -5.21 22.16 -4.45
C CYS A 151 -5.42 20.68 -4.32
N ASP A 152 -6.68 20.28 -4.21
CA ASP A 152 -7.10 18.88 -4.18
C ASP A 152 -7.35 18.42 -5.62
N PRO A 153 -6.57 17.45 -6.14
CA PRO A 153 -6.82 17.09 -7.55
C PRO A 153 -7.81 15.95 -7.76
N THR A 154 -8.60 15.62 -6.72
CA THR A 154 -9.68 14.64 -6.88
C THR A 154 -10.52 14.96 -8.13
N GLY A 155 -10.66 13.97 -9.01
CA GLY A 155 -11.45 14.12 -10.22
C GLY A 155 -10.59 14.42 -11.44
N VAL A 156 -9.29 14.53 -11.20
CA VAL A 156 -8.36 14.84 -12.28
C VAL A 156 -8.38 13.67 -13.28
N ASP A 157 -8.57 12.45 -12.80
CA ASP A 157 -8.61 11.26 -13.67
C ASP A 157 -10.02 10.93 -14.21
N SER A 158 -10.86 11.93 -14.38
CA SER A 158 -12.22 11.76 -14.90
C SER A 158 -12.46 12.82 -15.95
N GLU A 159 -13.55 12.65 -16.69
CA GLU A 159 -13.93 13.55 -17.78
C GLU A 159 -14.07 15.01 -17.35
N GLU A 160 -14.71 15.25 -16.21
CA GLU A 160 -14.99 16.63 -15.77
C GLU A 160 -13.82 17.31 -15.04
N GLY A 161 -12.83 16.51 -14.65
CA GLY A 161 -11.57 17.05 -14.12
C GLY A 161 -11.63 17.63 -12.71
N ALA A 162 -10.56 18.31 -12.31
CA ALA A 162 -10.46 18.90 -10.99
C ALA A 162 -10.49 20.39 -11.17
N THR A 163 -10.91 21.09 -10.14
CA THR A 163 -10.89 22.54 -10.11
C THR A 163 -10.07 22.99 -8.93
N CYS A 164 -9.26 24.03 -9.12
CA CYS A 164 -8.48 24.60 -8.06
C CYS A 164 -8.33 26.10 -8.25
N ALA A 165 -8.16 26.82 -7.16
CA ALA A 165 -8.07 28.28 -7.25
C ALA A 165 -6.87 28.72 -6.42
N VAL A 166 -6.26 29.85 -6.79
CA VAL A 166 -5.22 30.49 -6.00
C VAL A 166 -5.34 31.97 -6.31
N LYS A 167 -5.35 32.81 -5.27
CA LYS A 167 -5.44 34.26 -5.48
C LYS A 167 -4.13 34.94 -5.25
N PHE A 168 -3.96 36.07 -5.96
CA PHE A 168 -2.71 36.81 -5.94
C PHE A 168 -3.02 38.25 -5.60
N GLY A 169 -2.40 38.79 -4.57
CA GLY A 169 -2.58 40.23 -4.34
C GLY A 169 -1.45 40.75 -3.49
N SER A 170 -1.44 42.06 -3.27
CA SER A 170 -0.47 42.66 -2.38
C SER A 170 -0.60 42.05 -1.00
N TRP A 171 0.53 41.71 -0.42
CA TRP A 171 0.56 41.18 0.93
C TRP A 171 0.27 42.23 1.94
N VAL A 172 0.92 43.39 1.84
CA VAL A 172 0.84 44.37 2.92
C VAL A 172 0.04 45.65 2.60
N TYR A 173 -0.37 45.86 1.36
CA TYR A 173 -1.12 47.07 1.01
C TYR A 173 -2.58 46.76 0.74
N SER A 174 -3.43 47.48 1.44
CA SER A 174 -4.87 47.44 1.25
C SER A 174 -5.28 48.07 -0.08
N GLY A 175 -6.58 47.93 -0.38
CA GLY A 175 -7.20 48.49 -1.58
C GLY A 175 -7.07 50.02 -1.68
N PHE A 176 -6.80 50.65 -0.55
CA PHE A 176 -6.58 52.09 -0.50
C PHE A 176 -5.19 52.50 -0.94
N GLU A 177 -4.26 51.54 -1.05
CA GLU A 177 -2.93 51.91 -1.53
C GLU A 177 -2.59 51.18 -2.82
N ILE A 178 -3.00 49.92 -2.94
CA ILE A 178 -2.84 49.18 -4.17
C ILE A 178 -4.17 48.57 -4.59
N ASP A 179 -4.63 48.98 -5.77
CA ASP A 179 -5.78 48.34 -6.37
C ASP A 179 -5.27 47.52 -7.54
N LEU A 180 -6.02 46.50 -7.94
CA LEU A 180 -5.64 45.60 -9.03
C LEU A 180 -6.68 45.64 -10.12
N LYS A 181 -6.25 45.45 -11.37
CA LYS A 181 -7.18 45.20 -12.43
C LYS A 181 -6.64 44.14 -13.39
N THR A 182 -7.52 43.54 -14.19
CA THR A 182 -7.06 42.68 -15.26
C THR A 182 -7.50 43.29 -16.58
N ASP A 183 -6.82 42.96 -17.70
CA ASP A 183 -7.32 43.39 -19.02
C ASP A 183 -8.33 42.46 -19.64
N THR A 184 -8.44 41.25 -19.09
CA THR A 184 -9.34 40.22 -19.59
C THR A 184 -9.57 39.28 -18.42
N ASP A 185 -10.66 38.55 -18.40
CA ASP A 185 -10.73 37.56 -17.38
C ASP A 185 -10.38 36.19 -17.90
N GLN A 186 -9.80 36.13 -19.11
CA GLN A 186 -9.32 34.86 -19.66
C GLN A 186 -7.81 34.69 -19.41
N VAL A 187 -7.42 33.65 -18.69
CA VAL A 187 -6.00 33.34 -18.50
C VAL A 187 -5.41 32.99 -19.88
N ASP A 188 -4.24 33.48 -20.20
CA ASP A 188 -3.73 33.23 -21.54
C ASP A 188 -3.16 31.81 -21.58
N LEU A 189 -3.68 30.98 -22.48
CA LEU A 189 -3.39 29.54 -22.59
C LEU A 189 -2.67 29.23 -23.88
N SER A 190 -2.22 30.26 -24.59
CA SER A 190 -1.72 30.03 -25.95
C SER A 190 -0.28 29.51 -25.98
N SER A 191 0.39 29.43 -24.83
CA SER A 191 1.73 28.80 -24.77
C SER A 191 1.65 27.58 -23.87
N TYR A 192 0.44 27.12 -23.56
CA TYR A 192 0.37 26.03 -22.61
C TYR A 192 1.10 24.83 -23.22
N TYR A 193 1.95 24.14 -22.45
CA TYR A 193 2.70 23.00 -22.97
C TYR A 193 1.75 21.93 -23.58
N ALA A 194 1.89 21.65 -24.87
CA ALA A 194 0.97 20.71 -25.52
C ALA A 194 1.13 19.24 -25.10
N SER A 195 2.25 18.87 -24.48
CA SER A 195 2.45 17.46 -24.12
C SER A 195 2.54 17.32 -22.60
N SER A 196 1.99 18.32 -21.89
CA SER A 196 1.78 18.23 -20.46
C SER A 196 1.04 16.99 -20.04
N LYS A 197 1.26 16.54 -18.82
CA LYS A 197 0.46 15.45 -18.25
C LYS A 197 -1.00 15.86 -18.11
N TYR A 198 -1.25 17.16 -17.93
CA TYR A 198 -2.62 17.64 -17.78
C TYR A 198 -3.02 18.59 -18.88
N GLU A 199 -4.27 18.43 -19.35
CA GLU A 199 -4.87 19.46 -20.19
C GLU A 199 -5.78 20.41 -19.39
N ILE A 200 -5.77 21.67 -19.82
CA ILE A 200 -6.65 22.73 -19.29
C ILE A 200 -8.04 22.72 -19.93
N LEU A 201 -9.08 22.73 -19.10
CA LEU A 201 -10.45 22.81 -19.58
C LEU A 201 -10.91 24.27 -19.50
N SER A 202 -10.49 24.97 -18.44
CA SER A 202 -10.67 26.41 -18.40
C SER A 202 -9.78 27.00 -17.36
N ALA A 203 -9.54 28.30 -17.50
CA ALA A 203 -8.70 29.06 -16.58
C ALA A 203 -9.10 30.55 -16.66
N THR A 204 -9.62 31.08 -15.56
CA THR A 204 -10.07 32.46 -15.50
C THR A 204 -9.32 33.15 -14.39
N GLN A 205 -9.32 34.47 -14.47
CA GLN A 205 -8.63 35.34 -13.54
C GLN A 205 -9.61 36.49 -13.27
N THR A 206 -9.92 36.71 -12.01
CA THR A 206 -11.03 37.60 -11.62
C THR A 206 -10.66 38.39 -10.39
N ARG A 207 -10.79 39.71 -10.46
CA ARG A 207 -10.55 40.61 -9.36
C ARG A 207 -11.55 40.37 -8.23
N GLN A 208 -11.08 40.36 -6.99
CA GLN A 208 -11.97 40.26 -5.81
C GLN A 208 -11.63 41.32 -4.74
N VAL A 209 -12.61 41.69 -3.92
CA VAL A 209 -12.45 42.62 -2.80
C VAL A 209 -12.69 41.76 -1.53
N GLN A 210 -11.69 41.62 -0.63
CA GLN A 210 -11.83 40.78 0.54
C GLN A 210 -11.47 41.46 1.84
N HIS A 211 -12.16 41.04 2.90
CA HIS A 211 -11.82 41.47 4.27
C HIS A 211 -11.33 40.28 5.09
N TYR A 212 -10.13 40.43 5.60
CA TYR A 212 -9.52 39.38 6.40
C TYR A 212 -9.68 39.66 7.89
N SER A 213 -9.66 38.58 8.66
CA SER A 213 -9.85 38.70 10.09
C SER A 213 -8.72 39.55 10.72
N CYS A 214 -7.52 39.49 10.14
CA CYS A 214 -6.38 40.25 10.64
C CYS A 214 -6.62 41.79 10.72
N CYS A 215 -7.43 42.34 9.81
CA CYS A 215 -7.25 43.72 9.35
C CYS A 215 -8.57 44.40 8.97
N PRO A 216 -8.72 45.70 9.25
CA PRO A 216 -10.02 46.32 9.00
C PRO A 216 -10.27 46.76 7.53
N GLU A 217 -9.23 47.01 6.75
CA GLU A 217 -9.45 47.51 5.40
C GLU A 217 -9.53 46.40 4.37
N PRO A 218 -10.22 46.66 3.24
CA PRO A 218 -10.26 45.62 2.18
C PRO A 218 -8.93 45.44 1.45
N TYR A 219 -8.64 44.22 1.01
CA TYR A 219 -7.43 43.92 0.27
C TYR A 219 -7.89 43.32 -1.05
N ILE A 220 -7.20 43.69 -2.12
CA ILE A 220 -7.59 43.24 -3.46
C ILE A 220 -6.73 42.05 -3.90
N ASP A 221 -7.36 41.07 -4.57
CA ASP A 221 -6.63 40.01 -5.21
C ASP A 221 -7.17 39.78 -6.61
N VAL A 222 -6.41 39.02 -7.40
CA VAL A 222 -6.92 38.42 -8.61
C VAL A 222 -6.93 36.89 -8.40
N ASN A 223 -8.10 36.30 -8.60
CA ASN A 223 -8.31 34.87 -8.33
C ASN A 223 -8.22 34.05 -9.59
N LEU A 224 -7.28 33.10 -9.60
CA LEU A 224 -7.05 32.23 -10.75
C LEU A 224 -7.74 30.93 -10.47
N VAL A 225 -8.75 30.57 -11.28
CA VAL A 225 -9.51 29.31 -11.13
C VAL A 225 -9.16 28.47 -12.33
N VAL A 226 -8.66 27.28 -12.10
CA VAL A 226 -8.19 26.42 -13.18
C VAL A 226 -8.89 25.09 -13.05
N LYS A 227 -9.56 24.68 -14.12
CA LYS A 227 -10.09 23.33 -14.24
C LYS A 227 -9.20 22.52 -15.18
N PHE A 228 -8.82 21.31 -14.77
CA PHE A 228 -7.85 20.50 -15.54
C PHE A 228 -8.07 19.01 -15.33
N ARG A 229 -7.50 18.21 -16.24
CA ARG A 229 -7.60 16.75 -16.12
C ARG A 229 -6.42 16.06 -16.81
N GLU A 230 -6.15 14.81 -16.44
CA GLU A 230 -5.12 14.03 -17.12
C GLU A 230 -5.40 14.03 -18.60
N ARG A 231 -4.36 14.19 -19.40
CA ARG A 231 -4.52 14.13 -20.85
C ARG A 231 -4.85 12.71 -21.28
N ARG A 232 -5.81 12.62 -22.21
CA ARG A 232 -6.19 11.38 -22.95
C ARG A 232 -5.97 10.07 -22.22
N ASP B 21 62.12 37.70 -11.83
CA ASP B 21 61.24 37.98 -10.66
C ASP B 21 60.53 39.32 -10.74
N ASP B 22 60.32 39.81 -11.96
CA ASP B 22 59.41 40.95 -12.20
C ASP B 22 58.06 40.49 -12.74
N LYS B 23 57.65 39.30 -12.30
CA LYS B 23 56.26 38.84 -12.40
C LYS B 23 55.40 39.91 -11.72
N LEU B 24 56.01 40.55 -10.72
CA LEU B 24 55.43 41.68 -10.01
C LEU B 24 54.92 42.80 -10.93
N HIS B 25 55.67 43.13 -12.00
CA HIS B 25 55.24 44.15 -12.99
C HIS B 25 54.13 43.64 -13.88
N SER B 26 54.14 42.34 -14.18
CA SER B 26 53.07 41.73 -14.96
C SER B 26 51.78 41.71 -14.14
N GLN B 27 51.89 41.42 -12.83
CA GLN B 27 50.76 41.49 -11.89
C GLN B 27 50.26 42.93 -11.73
N ALA B 28 51.18 43.90 -11.67
CA ALA B 28 50.82 45.32 -11.50
C ALA B 28 50.04 45.79 -12.72
N ASN B 29 50.46 45.35 -13.91
CA ASN B 29 49.81 45.72 -15.16
C ASN B 29 48.39 45.14 -15.22
N LEU B 30 48.23 43.86 -14.87
CA LEU B 30 46.91 43.19 -14.82
C LEU B 30 45.96 43.90 -13.86
N MET B 31 46.46 44.27 -12.68
CA MET B 31 45.64 44.98 -11.72
C MET B 31 45.29 46.35 -12.21
N ARG B 32 46.24 47.04 -12.84
CA ARG B 32 45.99 48.39 -13.41
C ARG B 32 44.98 48.30 -14.55
N LEU B 33 45.04 47.23 -15.33
CA LEU B 33 44.11 47.10 -16.45
C LEU B 33 42.65 46.93 -15.96
N LYS B 34 42.46 45.96 -15.05
CA LYS B 34 41.15 45.71 -14.43
C LYS B 34 40.59 46.96 -13.77
N SER B 35 41.44 47.77 -13.15
CA SER B 35 40.96 48.98 -12.49
C SER B 35 40.54 50.07 -13.50
N ASP B 36 41.34 50.28 -14.55
CA ASP B 36 40.96 51.20 -15.60
C ASP B 36 39.67 50.77 -16.30
N LEU B 37 39.54 49.48 -16.58
CA LEU B 37 38.33 48.99 -17.24
C LEU B 37 37.10 49.13 -16.34
N PHE B 38 37.23 48.74 -15.08
CA PHE B 38 36.06 48.60 -14.21
C PHE B 38 35.82 49.79 -13.31
N ASN B 39 36.80 50.07 -12.44
CA ASN B 39 36.86 51.31 -11.66
C ASN B 39 36.87 52.55 -12.58
N ARG B 40 36.19 52.41 -13.72
CA ARG B 40 35.64 53.50 -14.50
C ARG B 40 34.19 53.65 -13.96
N SER B 41 33.26 54.22 -14.73
CA SER B 41 31.89 54.41 -14.20
C SER B 41 30.70 53.84 -15.00
N PRO B 42 30.20 54.57 -16.03
CA PRO B 42 28.97 54.08 -16.62
C PRO B 42 29.22 52.98 -17.65
N TYR B 44 27.95 50.15 -19.04
CA TYR B 44 27.26 49.66 -20.23
C TYR B 44 25.81 49.33 -19.87
N PRO B 45 24.84 50.09 -20.41
CA PRO B 45 23.43 49.84 -20.05
C PRO B 45 22.79 48.66 -20.77
N GLY B 46 23.60 47.80 -21.39
CA GLY B 46 23.05 46.77 -22.25
C GLY B 46 22.72 47.33 -23.62
N PRO B 47 22.24 46.50 -24.54
CA PRO B 47 22.03 46.91 -25.92
C PRO B 47 20.75 47.69 -26.18
N THR B 48 20.69 48.34 -27.34
CA THR B 48 19.49 49.05 -27.80
C THR B 48 19.37 48.84 -29.29
N LYS B 49 18.27 49.31 -29.86
CA LYS B 49 18.02 49.21 -31.29
C LYS B 49 19.10 49.95 -32.09
N ASP B 50 19.56 51.08 -31.58
CA ASP B 50 20.63 51.89 -32.21
C ASP B 50 22.01 51.32 -31.93
N ASP B 51 22.04 50.26 -31.12
CA ASP B 51 23.29 49.66 -30.68
C ASP B 51 23.14 48.17 -30.41
N PRO B 52 22.78 47.40 -31.46
CA PRO B 52 22.49 46.00 -31.17
C PRO B 52 23.77 45.23 -30.82
N LEU B 53 23.59 44.19 -30.01
CA LEU B 53 24.67 43.34 -29.65
C LEU B 53 24.45 41.97 -30.25
N THR B 54 25.46 41.44 -30.92
CA THR B 54 25.43 40.05 -31.35
C THR B 54 25.88 39.14 -30.22
N VAL B 55 25.12 38.09 -29.94
CA VAL B 55 25.51 37.09 -28.95
C VAL B 55 25.53 35.72 -29.59
N THR B 56 26.66 35.05 -29.54
CA THR B 56 26.78 33.72 -30.13
C THR B 56 26.66 32.59 -29.07
N LEU B 57 25.80 31.62 -29.35
CA LEU B 57 25.40 30.57 -28.41
C LEU B 57 25.70 29.19 -28.97
N GLY B 58 26.24 28.30 -28.14
CA GLY B 58 26.49 26.90 -28.54
C GLY B 58 26.35 26.00 -27.31
N PHE B 59 25.87 24.78 -27.49
CA PHE B 59 25.70 23.86 -26.37
C PHE B 59 26.61 22.65 -26.50
N THR B 60 27.07 22.15 -25.36
CA THR B 60 27.87 20.94 -25.28
C THR B 60 27.04 20.10 -24.31
N LEU B 61 26.42 19.06 -24.85
CA LEU B 61 25.54 18.25 -24.04
C LEU B 61 26.35 17.15 -23.34
N GLN B 62 26.34 17.11 -22.00
CA GLN B 62 27.14 16.14 -21.23
C GLN B 62 26.37 14.90 -20.80
N ASP B 63 25.08 15.07 -20.54
CA ASP B 63 24.29 13.95 -19.99
C ASP B 63 22.82 14.31 -19.97
N ILE B 64 22.01 13.32 -20.28
CA ILE B 64 20.62 13.39 -19.92
C ILE B 64 20.58 12.56 -18.66
N VAL B 65 20.35 13.24 -17.52
CA VAL B 65 20.41 12.63 -16.20
C VAL B 65 19.10 11.95 -15.88
N LYS B 66 17.98 12.58 -16.17
CA LYS B 66 16.71 12.01 -15.75
C LYS B 66 15.63 12.28 -16.81
N ALA B 67 14.75 11.31 -17.03
CA ALA B 67 13.55 11.54 -17.83
C ALA B 67 12.34 11.09 -17.05
N ASP B 68 11.52 12.03 -16.58
CA ASP B 68 10.40 11.71 -15.69
C ASP B 68 9.10 11.77 -16.48
N SER B 69 8.61 10.60 -16.87
CA SER B 69 7.32 10.45 -17.54
C SER B 69 6.12 10.59 -16.62
N SER B 70 6.33 10.76 -15.31
CA SER B 70 5.17 11.05 -14.44
C SER B 70 4.91 12.57 -14.39
N THR B 71 5.91 13.40 -14.72
CA THR B 71 5.68 14.84 -14.75
C THR B 71 6.01 15.47 -16.11
N ASN B 72 6.50 14.67 -17.05
CA ASN B 72 7.02 15.21 -18.33
C ASN B 72 8.03 16.36 -18.17
N GLU B 73 9.10 16.04 -17.41
CA GLU B 73 10.26 16.87 -17.26
C GLU B 73 11.46 15.99 -17.55
N VAL B 74 12.47 16.56 -18.20
CA VAL B 74 13.73 15.89 -18.48
C VAL B 74 14.81 16.83 -17.97
N ASP B 75 15.84 16.26 -17.36
CA ASP B 75 16.99 17.05 -16.87
C ASP B 75 18.21 16.81 -17.70
N LEU B 76 18.85 17.88 -18.15
CA LEU B 76 20.09 17.78 -18.91
C LEU B 76 21.19 18.50 -18.17
N VAL B 77 22.42 18.00 -18.35
CA VAL B 77 23.62 18.68 -17.90
C VAL B 77 24.36 19.00 -19.18
N TYR B 78 24.78 20.26 -19.31
CA TYR B 78 25.40 20.77 -20.52
C TYR B 78 26.24 22.01 -20.18
N TYR B 79 27.13 22.38 -21.11
CA TYR B 79 27.88 23.66 -21.11
C TYR B 79 27.21 24.60 -22.08
N GLU B 80 27.02 25.82 -21.68
CA GLU B 80 26.44 26.77 -22.57
C GLU B 80 27.48 27.82 -22.90
N GLN B 81 28.03 27.77 -24.10
CA GLN B 81 29.01 28.80 -24.52
C GLN B 81 28.30 30.04 -25.04
N GLN B 82 28.66 31.19 -24.46
CA GLN B 82 28.12 32.52 -24.83
C GLN B 82 29.30 33.45 -25.17
N ARG B 83 29.22 34.09 -26.34
N ARG B 83 29.22 34.10 -26.32
CA ARG B 83 30.27 35.01 -26.80
CA ARG B 83 30.26 35.03 -26.75
C ARG B 83 29.64 36.30 -27.31
C ARG B 83 29.63 36.31 -27.29
N TRP B 84 30.22 37.44 -26.90
CA TRP B 84 29.85 38.75 -27.37
C TRP B 84 31.04 39.65 -27.23
N LYS B 85 30.88 40.90 -27.67
CA LYS B 85 32.01 41.82 -27.70
C LYS B 85 31.54 43.25 -27.42
N LEU B 86 32.18 43.92 -26.48
CA LEU B 86 31.86 45.33 -26.21
C LEU B 86 33.05 46.21 -26.47
N ASN B 87 32.82 47.35 -27.08
CA ASN B 87 33.86 48.34 -27.29
C ASN B 87 34.45 48.80 -25.97
N SER B 88 33.63 48.85 -24.92
CA SER B 88 34.08 49.42 -23.64
C SER B 88 35.01 48.49 -22.89
N LEU B 89 35.14 47.25 -23.38
CA LEU B 89 36.10 46.31 -22.81
C LEU B 89 37.40 46.17 -23.64
N MET B 90 37.61 47.02 -24.63
CA MET B 90 38.84 46.96 -25.44
C MET B 90 40.04 47.63 -24.75
N TRP B 91 41.25 47.12 -24.97
CA TRP B 91 42.45 47.88 -24.60
C TRP B 91 43.57 47.59 -25.54
N ASP B 92 44.59 48.45 -25.48
CA ASP B 92 45.81 48.28 -26.24
C ASP B 92 46.84 47.44 -25.39
N PRO B 93 47.06 46.16 -25.73
CA PRO B 93 48.02 45.35 -24.95
C PRO B 93 49.38 46.04 -24.71
N ASN B 94 49.84 46.84 -25.67
CA ASN B 94 51.13 47.54 -25.57
C ASN B 94 51.21 48.45 -24.34
N GLU B 95 50.04 48.90 -23.92
CA GLU B 95 49.89 49.83 -22.82
C GLU B 95 49.91 49.12 -21.46
N TYR B 96 49.66 47.81 -21.48
CA TYR B 96 49.46 47.02 -20.27
C TYR B 96 50.36 45.77 -20.24
N GLY B 97 51.67 46.00 -20.41
CA GLY B 97 52.68 44.94 -20.41
C GLY B 97 52.32 43.77 -21.32
N ASN B 98 51.70 44.05 -22.47
CA ASN B 98 51.41 43.00 -23.47
C ASN B 98 50.33 41.98 -23.05
N ILE B 99 49.55 42.33 -22.05
CA ILE B 99 48.42 41.51 -21.65
C ILE B 99 47.36 41.52 -22.75
N THR B 100 47.01 40.33 -23.20
CA THR B 100 46.06 40.19 -24.27
C THR B 100 44.70 39.64 -23.81
N ASP B 101 44.64 39.04 -22.64
CA ASP B 101 43.34 38.65 -22.08
C ASP B 101 43.44 38.48 -20.59
N PHE B 102 42.28 38.36 -19.93
CA PHE B 102 42.28 38.11 -18.50
C PHE B 102 40.99 37.40 -18.06
N ARG B 103 41.01 36.81 -16.86
CA ARG B 103 39.82 36.14 -16.30
C ARG B 103 39.16 37.05 -15.28
N THR B 104 37.84 37.08 -15.25
CA THR B 104 37.20 37.87 -14.25
C THR B 104 35.85 37.30 -13.89
N SER B 105 35.44 37.57 -12.66
CA SER B 105 34.14 37.13 -12.18
C SER B 105 33.02 37.66 -13.10
N ALA B 106 32.09 36.80 -13.47
CA ALA B 106 30.97 37.19 -14.33
C ALA B 106 30.07 38.28 -13.68
N ALA B 107 30.18 38.45 -12.37
CA ALA B 107 29.40 39.45 -11.68
C ALA B 107 30.00 40.84 -11.95
N ASP B 108 31.24 40.89 -12.42
CA ASP B 108 31.93 42.18 -12.65
C ASP B 108 31.58 42.81 -14.01
N ILE B 109 30.88 42.05 -14.87
CA ILE B 109 30.58 42.57 -16.23
C ILE B 109 29.10 42.42 -16.56
N TRP B 110 28.65 43.10 -17.61
CA TRP B 110 27.32 42.86 -18.13
C TRP B 110 27.31 41.45 -18.74
N THR B 111 26.24 40.70 -18.53
CA THR B 111 26.07 39.42 -19.22
C THR B 111 24.66 39.36 -19.84
N PRO B 112 24.50 38.62 -20.93
CA PRO B 112 23.17 38.59 -21.58
C PRO B 112 22.14 37.76 -20.83
N ASP B 113 20.85 38.10 -21.00
CA ASP B 113 19.80 37.43 -20.26
C ASP B 113 19.26 36.23 -21.07
N ILE B 114 20.16 35.35 -21.51
CA ILE B 114 19.73 34.19 -22.30
C ILE B 114 19.07 33.14 -21.36
N THR B 115 17.88 32.67 -21.75
CA THR B 115 17.05 31.84 -20.87
C THR B 115 16.37 30.67 -21.60
N ALA B 116 16.23 29.54 -20.93
CA ALA B 116 15.40 28.45 -21.47
C ALA B 116 13.97 28.92 -21.36
N TYR B 117 13.17 28.72 -22.41
CA TYR B 117 11.84 29.29 -22.42
C TYR B 117 10.82 28.34 -21.82
N SER B 118 11.18 27.07 -21.64
CA SER B 118 10.28 26.08 -21.09
C SER B 118 10.91 25.30 -19.91
N SER B 119 11.71 25.98 -19.11
CA SER B 119 12.24 25.30 -17.91
C SER B 119 11.12 25.12 -16.87
N THR B 120 11.30 24.15 -15.96
CA THR B 120 10.34 23.92 -14.91
C THR B 120 10.93 24.10 -13.51
N ARG B 121 12.25 24.34 -13.43
N ARG B 121 12.25 24.31 -13.41
CA ARG B 121 12.99 24.58 -12.17
CA ARG B 121 12.94 24.62 -12.16
C ARG B 121 14.09 25.63 -12.47
C ARG B 121 14.08 25.60 -12.45
N PRO B 122 14.53 26.38 -11.44
CA PRO B 122 15.65 27.28 -11.63
C PRO B 122 16.87 26.45 -12.07
N VAL B 123 17.65 27.00 -12.97
CA VAL B 123 18.84 26.32 -13.44
C VAL B 123 19.82 26.16 -12.28
N GLN B 124 20.47 25.02 -12.20
CA GLN B 124 21.51 24.89 -11.22
C GLN B 124 22.86 25.00 -11.91
N VAL B 125 23.67 25.93 -11.41
CA VAL B 125 25.00 26.22 -11.94
C VAL B 125 26.03 25.23 -11.39
N LEU B 126 26.77 24.60 -12.28
CA LEU B 126 27.69 23.57 -11.88
C LEU B 126 29.14 24.02 -11.92
N SER B 127 29.40 25.22 -12.44
CA SER B 127 30.79 25.63 -12.61
C SER B 127 31.03 27.06 -12.09
N PRO B 128 32.29 27.43 -11.83
CA PRO B 128 32.58 28.79 -11.38
C PRO B 128 31.99 29.77 -12.38
N GLN B 129 31.60 30.93 -11.91
CA GLN B 129 31.06 31.88 -12.83
C GLN B 129 32.06 32.95 -13.24
N ILE B 130 32.91 32.60 -14.19
CA ILE B 130 34.07 33.44 -14.52
C ILE B 130 34.15 33.52 -16.03
N ALA B 131 34.38 34.71 -16.56
CA ALA B 131 34.43 34.96 -17.98
C ALA B 131 35.86 35.28 -18.38
N VAL B 132 36.17 35.11 -19.67
CA VAL B 132 37.46 35.45 -20.20
C VAL B 132 37.27 36.61 -21.20
N VAL B 133 38.01 37.70 -20.96
CA VAL B 133 37.89 38.96 -21.72
C VAL B 133 39.17 39.17 -22.52
N THR B 134 39.04 39.37 -23.83
CA THR B 134 40.19 39.54 -24.71
C THR B 134 40.28 41.02 -25.07
N HIS B 135 41.46 41.47 -25.47
CA HIS B 135 41.75 42.89 -25.66
C HIS B 135 40.98 43.53 -26.77
N ASP B 136 40.43 42.72 -27.65
CA ASP B 136 39.54 43.24 -28.67
C ASP B 136 38.12 43.39 -28.13
N GLY B 137 37.96 43.29 -26.82
CA GLY B 137 36.66 43.41 -26.21
C GLY B 137 35.74 42.20 -26.21
N SER B 138 36.18 41.06 -26.77
CA SER B 138 35.31 39.85 -26.77
C SER B 138 35.27 39.16 -25.39
N VAL B 139 34.12 38.63 -25.06
CA VAL B 139 33.96 37.92 -23.82
C VAL B 139 33.60 36.49 -24.16
N MET B 140 34.25 35.58 -23.46
CA MET B 140 33.89 34.19 -23.56
C MET B 140 33.37 33.74 -22.18
N PHE B 141 32.17 33.18 -22.12
CA PHE B 141 31.59 32.71 -20.84
C PHE B 141 30.88 31.38 -21.03
N ILE B 142 31.33 30.36 -20.28
CA ILE B 142 30.86 28.99 -20.50
C ILE B 142 30.37 28.32 -19.20
N PRO B 143 29.16 28.67 -18.73
CA PRO B 143 28.67 28.08 -17.49
C PRO B 143 28.21 26.63 -17.74
N ALA B 144 28.67 25.67 -16.92
CA ALA B 144 28.03 24.34 -16.94
C ALA B 144 26.75 24.41 -16.10
N GLN B 145 25.73 23.64 -16.46
CA GLN B 145 24.39 23.78 -15.83
C GLN B 145 23.58 22.50 -15.83
N ARG B 146 22.75 22.31 -14.79
CA ARG B 146 21.66 21.40 -14.86
C ARG B 146 20.31 22.12 -15.05
N LEU B 147 19.56 21.70 -16.08
CA LEU B 147 18.24 22.19 -16.47
C LEU B 147 17.17 21.10 -16.45
N SER B 148 16.06 21.34 -15.72
CA SER B 148 14.77 20.62 -15.91
C SER B 148 13.89 21.41 -16.85
N PHE B 149 13.40 20.74 -17.89
CA PHE B 149 12.56 21.43 -18.86
C PHE B 149 11.40 20.56 -19.28
N MET B 150 10.40 21.16 -19.91
CA MET B 150 9.19 20.44 -20.26
C MET B 150 9.46 19.45 -21.39
N CYS B 151 9.12 18.18 -21.22
CA CYS B 151 9.51 17.17 -22.22
C CYS B 151 8.76 15.87 -21.98
N ASP B 152 8.03 15.38 -22.99
CA ASP B 152 7.33 14.09 -22.88
C ASP B 152 8.28 13.01 -23.34
N PRO B 153 8.81 12.22 -22.41
CA PRO B 153 9.77 11.23 -22.91
C PRO B 153 9.15 9.99 -23.56
N THR B 154 7.91 10.07 -24.04
CA THR B 154 7.27 8.91 -24.69
C THR B 154 8.12 8.32 -25.81
N GLY B 155 8.16 6.99 -25.88
CA GLY B 155 9.00 6.29 -26.84
C GLY B 155 10.50 6.22 -26.55
N VAL B 156 10.95 6.75 -25.41
CA VAL B 156 12.38 6.63 -25.05
C VAL B 156 12.78 5.16 -25.01
N ASP B 157 11.83 4.30 -24.73
CA ASP B 157 12.09 2.88 -24.59
C ASP B 157 11.87 2.12 -25.92
N SER B 158 12.05 2.79 -27.05
CA SER B 158 11.92 2.16 -28.36
C SER B 158 13.12 2.53 -29.21
N GLU B 159 13.25 1.88 -30.36
CA GLU B 159 14.32 2.14 -31.30
C GLU B 159 14.30 3.58 -31.89
N GLU B 160 13.11 4.11 -32.19
CA GLU B 160 12.99 5.50 -32.70
C GLU B 160 13.35 6.56 -31.64
N GLY B 161 13.05 6.26 -30.39
CA GLY B 161 13.41 7.13 -29.28
C GLY B 161 12.38 8.21 -29.01
N ALA B 162 12.71 9.11 -28.09
CA ALA B 162 11.88 10.23 -27.72
C ALA B 162 12.51 11.48 -28.30
N THR B 163 11.70 12.53 -28.45
CA THR B 163 12.20 13.79 -28.94
C THR B 163 11.78 14.86 -27.93
N CYS B 164 12.69 15.77 -27.65
CA CYS B 164 12.31 16.92 -26.86
C CYS B 164 12.99 18.15 -27.42
N ALA B 165 12.42 19.30 -27.14
CA ALA B 165 12.88 20.53 -27.70
C ALA B 165 12.72 21.64 -26.67
N VAL B 166 13.69 22.56 -26.60
CA VAL B 166 13.58 23.71 -25.69
C VAL B 166 14.22 24.89 -26.36
N LYS B 167 13.52 26.02 -26.39
CA LYS B 167 14.09 27.20 -26.99
C LYS B 167 14.84 28.06 -25.97
N PHE B 168 15.91 28.69 -26.42
CA PHE B 168 16.68 29.62 -25.63
C PHE B 168 16.70 30.99 -26.32
N GLY B 169 16.62 32.05 -25.54
CA GLY B 169 16.69 33.40 -26.08
C GLY B 169 16.71 34.45 -24.98
N SER B 170 16.87 35.69 -25.39
CA SER B 170 16.80 36.78 -24.46
C SER B 170 15.40 36.80 -23.89
N TRP B 171 15.29 37.08 -22.60
CA TRP B 171 13.97 37.26 -21.99
C TRP B 171 13.27 38.60 -22.37
N VAL B 172 14.02 39.68 -22.46
CA VAL B 172 13.39 41.01 -22.63
C VAL B 172 13.83 41.74 -23.92
N TYR B 173 14.84 41.21 -24.61
CA TYR B 173 15.39 41.91 -25.80
C TYR B 173 14.93 41.28 -27.12
N SER B 174 14.39 42.09 -28.02
CA SER B 174 14.02 41.58 -29.32
C SER B 174 15.27 41.34 -30.21
N GLY B 175 15.03 40.78 -31.40
CA GLY B 175 16.09 40.62 -32.36
C GLY B 175 16.68 41.92 -32.88
N PHE B 176 16.05 43.05 -32.60
CA PHE B 176 16.65 44.35 -32.92
C PHE B 176 17.69 44.81 -31.88
N GLU B 177 17.72 44.19 -30.71
CA GLU B 177 18.69 44.60 -29.69
C GLU B 177 19.70 43.48 -29.42
N ILE B 178 19.23 42.25 -29.34
CA ILE B 178 20.17 41.16 -29.24
C ILE B 178 20.01 40.30 -30.46
N ASP B 179 21.04 40.32 -31.29
CA ASP B 179 21.08 39.41 -32.41
C ASP B 179 21.72 38.08 -31.97
N LEU B 180 20.90 37.05 -31.78
CA LEU B 180 21.37 35.78 -31.27
C LEU B 180 21.79 34.90 -32.42
N LYS B 181 22.98 34.28 -32.34
CA LYS B 181 23.58 33.48 -33.42
C LYS B 181 24.16 32.16 -32.94
N THR B 182 24.41 31.23 -33.86
CA THR B 182 25.18 30.05 -33.53
C THR B 182 26.31 29.95 -34.53
N ASP B 183 27.36 29.22 -34.18
CA ASP B 183 28.41 28.89 -35.15
C ASP B 183 28.06 27.61 -35.90
N THR B 184 27.18 26.80 -35.33
CA THR B 184 26.86 25.54 -36.00
C THR B 184 25.52 25.15 -35.47
N ASP B 185 24.80 24.32 -36.22
CA ASP B 185 23.57 23.77 -35.70
C ASP B 185 23.73 22.40 -35.04
N GLN B 186 24.96 21.89 -35.01
CA GLN B 186 25.23 20.61 -34.39
C GLN B 186 25.65 20.85 -32.94
N VAL B 187 24.92 20.24 -32.00
CA VAL B 187 25.33 20.28 -30.60
C VAL B 187 26.64 19.53 -30.44
N ASP B 188 27.57 20.07 -29.67
CA ASP B 188 28.79 19.32 -29.41
C ASP B 188 28.48 18.09 -28.50
N LEU B 189 28.71 16.90 -29.01
CA LEU B 189 28.49 15.67 -28.25
C LEU B 189 29.78 14.99 -27.91
N SER B 190 30.90 15.65 -28.16
CA SER B 190 32.20 15.01 -28.02
C SER B 190 32.45 14.69 -26.56
N SER B 191 31.77 15.39 -25.62
CA SER B 191 31.89 15.12 -24.15
C SER B 191 30.71 14.35 -23.55
N TYR B 192 29.86 13.74 -24.36
CA TYR B 192 28.65 13.13 -23.82
C TYR B 192 28.96 11.86 -23.00
N TYR B 193 28.37 11.75 -21.81
CA TYR B 193 28.71 10.68 -20.87
C TYR B 193 28.46 9.29 -21.48
N ALA B 194 29.52 8.51 -21.68
CA ALA B 194 29.38 7.25 -22.43
C ALA B 194 28.51 6.23 -21.68
N SER B 195 28.40 6.34 -20.35
CA SER B 195 27.59 5.37 -19.58
C SER B 195 26.24 5.97 -19.09
N SER B 196 25.82 7.07 -19.70
CA SER B 196 24.50 7.62 -19.45
C SER B 196 23.43 6.55 -19.58
N LYS B 197 22.29 6.71 -18.90
CA LYS B 197 21.12 5.84 -19.12
C LYS B 197 20.55 6.01 -20.53
N TYR B 198 20.88 7.12 -21.18
CA TYR B 198 20.32 7.46 -22.47
C TYR B 198 21.40 7.76 -23.45
N GLU B 199 21.22 7.22 -24.64
CA GLU B 199 22.15 7.44 -25.71
C GLU B 199 21.53 8.46 -26.65
N ILE B 200 22.38 9.32 -27.21
CA ILE B 200 21.91 10.42 -28.06
C ILE B 200 21.85 10.00 -29.51
N LEU B 201 20.64 10.06 -30.07
CA LEU B 201 20.44 9.80 -31.49
C LEU B 201 20.83 11.03 -32.27
N SER B 202 20.46 12.21 -31.78
CA SER B 202 20.86 13.46 -32.46
C SER B 202 20.57 14.62 -31.55
N ALA B 203 21.30 15.70 -31.75
CA ALA B 203 21.09 16.88 -30.96
C ALA B 203 21.41 18.08 -31.83
N THR B 204 20.40 18.92 -32.12
CA THR B 204 20.64 20.08 -32.95
C THR B 204 20.32 21.38 -32.20
N GLN B 205 20.99 22.46 -32.62
CA GLN B 205 20.73 23.77 -32.09
C GLN B 205 20.48 24.72 -33.26
N THR B 206 19.23 25.12 -33.45
CA THR B 206 18.82 25.87 -34.69
C THR B 206 18.29 27.27 -34.38
N ARG B 207 18.99 28.29 -34.86
CA ARG B 207 18.52 29.65 -34.76
C ARG B 207 17.23 29.81 -35.61
N GLN B 208 16.23 30.50 -35.06
CA GLN B 208 14.99 30.75 -35.76
C GLN B 208 14.63 32.21 -35.56
N VAL B 209 14.11 32.83 -36.62
CA VAL B 209 13.75 34.21 -36.61
C VAL B 209 12.23 34.22 -36.79
N GLN B 210 11.51 34.78 -35.84
CA GLN B 210 10.04 34.79 -35.92
C GLN B 210 9.44 36.18 -35.78
N HIS B 211 8.36 36.43 -36.52
CA HIS B 211 7.55 37.66 -36.38
C HIS B 211 6.13 37.40 -35.96
N TYR B 212 5.55 38.34 -35.23
CA TYR B 212 4.19 38.22 -34.68
C TYR B 212 3.24 39.34 -35.10
N SER B 213 1.95 39.00 -35.03
CA SER B 213 0.78 39.90 -35.04
C SER B 213 1.03 41.37 -34.67
N CYS B 214 1.11 41.61 -33.35
CA CYS B 214 1.25 42.92 -32.71
C CYS B 214 2.37 43.74 -33.28
N CYS B 215 3.53 43.10 -33.25
CA CYS B 215 4.82 43.73 -33.06
C CYS B 215 5.59 43.75 -34.39
N PRO B 216 6.25 44.87 -34.72
CA PRO B 216 7.12 44.81 -35.90
C PRO B 216 8.51 44.12 -35.71
N GLU B 217 8.99 43.98 -34.46
CA GLU B 217 10.35 43.45 -34.20
C GLU B 217 10.48 41.97 -34.51
N PRO B 218 11.64 41.57 -35.05
CA PRO B 218 11.94 40.13 -35.05
C PRO B 218 12.29 39.64 -33.65
N TYR B 219 12.00 38.38 -33.39
CA TYR B 219 12.41 37.70 -32.18
C TYR B 219 13.24 36.49 -32.61
N ILE B 220 14.37 36.28 -31.95
CA ILE B 220 15.29 35.23 -32.29
C ILE B 220 15.32 34.22 -31.12
N ASP B 221 15.26 32.93 -31.45
CA ASP B 221 15.60 31.91 -30.46
C ASP B 221 16.52 30.86 -31.07
N VAL B 222 17.17 30.11 -30.18
CA VAL B 222 17.90 28.91 -30.62
C VAL B 222 17.12 27.69 -30.10
N ASN B 223 16.66 26.84 -31.01
CA ASN B 223 15.85 25.70 -30.63
C ASN B 223 16.78 24.49 -30.45
N LEU B 224 16.89 24.00 -29.22
CA LEU B 224 17.65 22.80 -28.94
C LEU B 224 16.75 21.58 -29.03
N VAL B 225 17.01 20.70 -30.00
CA VAL B 225 16.17 19.54 -30.21
C VAL B 225 17.06 18.33 -29.99
N VAL B 226 16.61 17.42 -29.12
CA VAL B 226 17.40 16.26 -28.75
C VAL B 226 16.56 15.01 -28.90
N LYS B 227 17.10 14.06 -29.63
CA LYS B 227 16.43 12.78 -29.85
C LYS B 227 17.27 11.75 -29.15
N PHE B 228 16.62 10.97 -28.29
CA PHE B 228 17.36 10.08 -27.42
C PHE B 228 16.60 8.81 -27.07
N ARG B 229 17.33 7.79 -26.65
CA ARG B 229 16.66 6.58 -26.23
C ARG B 229 17.44 5.89 -25.11
N GLU B 230 16.78 4.95 -24.44
CA GLU B 230 17.43 4.16 -23.39
C GLU B 230 18.61 3.41 -23.98
N ARG B 231 19.71 3.36 -23.23
N ARG B 231 19.72 3.36 -23.24
CA ARG B 231 20.87 2.56 -23.62
CA ARG B 231 20.88 2.59 -23.65
C ARG B 231 20.45 1.10 -23.61
C ARG B 231 20.54 1.10 -23.58
N ARG B 232 20.82 0.36 -24.65
CA ARG B 232 20.45 -1.06 -24.77
C ARG B 232 21.16 -1.99 -23.76
N ASP C 22 53.24 41.33 25.95
CA ASP C 22 53.12 39.84 25.85
C ASP C 22 52.02 39.43 24.87
N LYS C 23 50.80 39.23 25.39
CA LYS C 23 49.61 39.00 24.59
C LYS C 23 49.39 40.18 23.64
N LEU C 24 49.41 41.38 24.23
CA LEU C 24 49.42 42.65 23.51
C LEU C 24 50.13 42.50 22.16
N HIS C 25 51.41 42.13 22.21
CA HIS C 25 52.34 42.24 21.08
C HIS C 25 52.29 41.15 20.04
N SER C 26 52.21 39.88 20.45
CA SER C 26 52.18 38.76 19.49
C SER C 26 50.92 38.80 18.63
N GLN C 27 49.84 39.21 19.28
CA GLN C 27 48.55 39.42 18.63
C GLN C 27 48.57 40.64 17.71
N ALA C 28 49.13 41.74 18.19
CA ALA C 28 49.21 42.98 17.40
C ALA C 28 50.07 42.79 16.14
N ASN C 29 51.04 41.86 16.23
CA ASN C 29 51.90 41.53 15.10
C ASN C 29 51.16 40.79 13.98
N LEU C 30 50.34 39.80 14.37
CA LEU C 30 49.48 39.10 13.44
C LEU C 30 48.54 40.07 12.74
N MET C 31 47.88 40.95 13.51
CA MET C 31 47.01 41.97 12.94
C MET C 31 47.76 42.83 11.93
N ARG C 32 49.02 43.14 12.21
CA ARG C 32 49.86 44.01 11.38
C ARG C 32 50.28 43.24 10.12
N LEU C 33 50.70 41.99 10.31
CA LEU C 33 51.07 41.17 9.17
C LEU C 33 49.93 41.06 8.13
N LYS C 34 48.74 40.74 8.62
CA LYS C 34 47.55 40.65 7.77
C LYS C 34 47.22 41.98 7.09
N SER C 35 47.28 43.06 7.86
CA SER C 35 46.99 44.39 7.33
C SER C 35 47.96 44.70 6.21
N ASP C 36 49.20 44.29 6.41
CA ASP C 36 50.25 44.52 5.42
C ASP C 36 50.02 43.73 4.15
N LEU C 37 49.54 42.50 4.29
CA LEU C 37 49.32 41.65 3.13
C LEU C 37 48.02 41.96 2.39
N PHE C 38 46.95 42.31 3.11
CA PHE C 38 45.63 42.42 2.48
C PHE C 38 45.21 43.85 2.14
N ASN C 39 45.57 44.79 3.01
CA ASN C 39 45.26 46.20 2.80
C ASN C 39 46.33 46.93 2.01
N ARG C 40 47.56 46.42 2.05
CA ARG C 40 48.75 47.17 1.58
C ARG C 40 49.43 46.66 0.31
N SER C 41 49.30 45.36 -0.01
CA SER C 41 49.95 44.80 -1.20
C SER C 41 49.28 45.23 -2.52
N PRO C 42 50.09 45.56 -3.56
CA PRO C 42 49.60 45.69 -4.95
C PRO C 42 49.02 44.40 -5.55
N TYR C 44 47.31 39.93 -5.60
CA TYR C 44 47.33 38.85 -6.62
C TYR C 44 46.02 38.64 -7.40
N PRO C 45 46.03 39.02 -8.69
CA PRO C 45 44.86 38.94 -9.60
C PRO C 45 44.66 37.61 -10.31
N GLY C 46 45.43 36.60 -9.93
CA GLY C 46 45.38 35.30 -10.61
C GLY C 46 46.59 35.11 -11.51
N PRO C 47 46.84 33.87 -11.93
CA PRO C 47 47.96 33.55 -12.80
C PRO C 47 47.77 34.07 -14.21
N THR C 48 48.89 34.34 -14.88
CA THR C 48 48.93 34.74 -16.29
C THR C 48 49.91 33.81 -16.98
N LYS C 49 50.06 34.00 -18.30
CA LYS C 49 51.07 33.28 -19.08
C LYS C 49 52.48 33.69 -18.67
N ASP C 50 52.65 34.95 -18.32
CA ASP C 50 53.96 35.46 -17.93
C ASP C 50 54.27 35.15 -16.47
N ASP C 51 53.33 34.50 -15.77
CA ASP C 51 53.42 34.24 -14.35
C ASP C 51 52.49 33.06 -13.98
N PRO C 52 52.82 31.84 -14.46
CA PRO C 52 51.94 30.72 -14.22
C PRO C 52 52.01 30.17 -12.79
N LEU C 53 51.05 29.33 -12.42
CA LEU C 53 50.97 28.83 -11.07
C LEU C 53 50.80 27.32 -11.13
N THR C 54 51.49 26.61 -10.26
CA THR C 54 51.25 25.17 -10.15
C THR C 54 50.43 24.92 -8.88
N VAL C 55 49.39 24.11 -9.00
CA VAL C 55 48.57 23.81 -7.86
C VAL C 55 48.66 22.34 -7.62
N THR C 56 49.05 21.97 -6.40
CA THR C 56 49.09 20.55 -6.06
C THR C 56 47.70 20.18 -5.51
N LEU C 57 47.15 19.08 -6.02
CA LEU C 57 45.85 18.54 -5.62
C LEU C 57 46.04 17.15 -5.06
N GLY C 58 45.35 16.84 -3.95
CA GLY C 58 45.31 15.48 -3.36
C GLY C 58 43.88 15.16 -2.82
N PHE C 59 43.39 13.95 -3.01
CA PHE C 59 42.06 13.70 -2.51
C PHE C 59 42.06 12.76 -1.33
N THR C 60 41.15 13.01 -0.40
CA THR C 60 40.91 12.08 0.68
C THR C 60 39.47 11.68 0.58
N LEU C 61 39.25 10.42 0.29
CA LEU C 61 37.91 9.93 0.17
C LEU C 61 37.34 9.51 1.55
N GLN C 62 36.28 10.17 1.99
CA GLN C 62 35.63 9.81 3.27
C GLN C 62 34.50 8.80 3.16
N ASP C 63 33.66 8.85 2.14
CA ASP C 63 32.49 7.94 2.11
C ASP C 63 31.89 7.93 0.73
N ILE C 64 31.47 6.76 0.25
CA ILE C 64 30.55 6.79 -0.88
C ILE C 64 29.20 6.69 -0.24
N VAL C 65 28.42 7.76 -0.33
CA VAL C 65 27.15 7.76 0.35
C VAL C 65 26.03 7.00 -0.37
N LYS C 66 25.94 7.14 -1.69
CA LYS C 66 24.78 6.68 -2.44
C LYS C 66 25.20 6.39 -3.85
N ALA C 67 24.58 5.37 -4.46
CA ALA C 67 24.83 5.03 -5.84
C ALA C 67 23.45 4.80 -6.43
N ASP C 68 23.08 5.62 -7.39
CA ASP C 68 21.74 5.54 -7.96
C ASP C 68 21.82 4.98 -9.39
N SER C 69 21.44 3.72 -9.56
CA SER C 69 21.52 3.07 -10.87
C SER C 69 20.33 3.43 -11.76
N SER C 70 19.37 4.20 -11.24
CA SER C 70 18.27 4.68 -12.08
C SER C 70 18.64 5.96 -12.88
N THR C 71 19.54 6.79 -12.36
CA THR C 71 20.03 7.99 -13.05
C THR C 71 21.54 7.96 -13.28
N ASN C 72 22.22 6.92 -12.80
CA ASN C 72 23.68 6.81 -12.87
C ASN C 72 24.36 8.04 -12.28
N GLU C 73 24.11 8.24 -10.99
CA GLU C 73 24.70 9.30 -10.22
C GLU C 73 25.24 8.64 -8.97
N VAL C 74 26.43 9.06 -8.57
CA VAL C 74 26.98 8.59 -7.31
C VAL C 74 27.38 9.78 -6.45
N ASP C 75 27.18 9.66 -5.13
CA ASP C 75 27.49 10.74 -4.20
C ASP C 75 28.69 10.38 -3.32
N LEU C 76 29.72 11.23 -3.37
CA LEU C 76 30.95 11.06 -2.61
C LEU C 76 31.08 12.17 -1.61
N VAL C 77 31.54 11.83 -0.41
CA VAL C 77 32.06 12.84 0.55
C VAL C 77 33.59 12.65 0.57
N TYR C 78 34.33 13.75 0.42
CA TYR C 78 35.80 13.70 0.28
C TYR C 78 36.36 15.07 0.71
N TYR C 79 37.66 15.12 1.05
CA TYR C 79 38.41 16.40 1.21
C TYR C 79 39.29 16.53 0.03
N GLU C 80 39.56 17.79 -0.33
CA GLU C 80 40.33 18.12 -1.48
C GLU C 80 41.42 19.01 -0.98
N GLN C 81 42.62 18.47 -0.83
CA GLN C 81 43.74 19.28 -0.42
C GLN C 81 44.28 20.02 -1.63
N GLN C 82 44.35 21.36 -1.53
CA GLN C 82 44.88 22.25 -2.57
C GLN C 82 46.03 23.01 -1.99
N ARG C 83 47.13 23.09 -2.73
CA ARG C 83 48.29 23.82 -2.27
C ARG C 83 48.90 24.57 -3.43
N TRP C 84 49.24 25.84 -3.18
CA TRP C 84 50.00 26.64 -4.13
C TRP C 84 50.85 27.65 -3.38
N LYS C 85 51.62 28.46 -4.10
CA LYS C 85 52.63 29.29 -3.45
C LYS C 85 52.72 30.60 -4.21
N LEU C 86 52.77 31.72 -3.50
CA LEU C 86 52.80 33.04 -4.13
C LEU C 86 53.84 33.95 -3.51
N ASN C 87 54.63 34.62 -4.35
CA ASN C 87 55.58 35.59 -3.87
C ASN C 87 54.91 36.68 -3.06
N SER C 88 53.72 37.09 -3.48
CA SER C 88 53.02 38.20 -2.83
C SER C 88 52.49 37.87 -1.42
N LEU C 89 52.69 36.63 -0.95
CA LEU C 89 52.30 36.25 0.40
C LEU C 89 53.49 35.86 1.27
N MET C 90 54.68 36.21 0.82
CA MET C 90 55.89 35.96 1.58
C MET C 90 56.06 37.06 2.61
N TRP C 91 56.63 36.69 3.76
CA TRP C 91 57.10 37.69 4.73
C TRP C 91 58.30 37.19 5.47
N ASP C 92 59.07 38.10 6.04
CA ASP C 92 60.14 37.70 6.94
C ASP C 92 59.59 37.66 8.39
N PRO C 93 59.55 36.45 9.01
CA PRO C 93 59.04 36.31 10.37
C PRO C 93 59.72 37.25 11.36
N ASN C 94 60.99 37.57 11.12
CA ASN C 94 61.76 38.51 11.94
C ASN C 94 61.16 39.90 12.02
N GLU C 95 60.49 40.31 10.94
CA GLU C 95 59.73 41.58 10.89
C GLU C 95 58.39 41.56 11.67
N TYR C 96 57.93 40.36 12.03
CA TYR C 96 56.57 40.18 12.55
C TYR C 96 56.52 39.31 13.81
N GLY C 97 57.51 39.46 14.69
CA GLY C 97 57.58 38.72 15.95
C GLY C 97 57.63 37.20 15.80
N ASN C 98 58.36 36.73 14.79
CA ASN C 98 58.54 35.29 14.53
C ASN C 98 57.26 34.48 14.29
N ILE C 99 56.25 35.13 13.74
CA ILE C 99 55.11 34.41 13.18
C ILE C 99 55.55 33.72 11.89
N THR C 100 55.28 32.41 11.80
CA THR C 100 55.67 31.57 10.65
C THR C 100 54.46 31.25 9.74
N ASP C 101 53.26 31.28 10.32
CA ASP C 101 52.04 31.09 9.55
C ASP C 101 50.81 31.66 10.24
N PHE C 102 49.70 31.78 9.49
CA PHE C 102 48.40 32.16 10.05
C PHE C 102 47.26 31.51 9.27
N ARG C 103 46.09 31.42 9.92
CA ARG C 103 44.84 31.00 9.29
C ARG C 103 44.05 32.19 8.84
N THR C 104 43.44 32.08 7.68
CA THR C 104 42.56 33.18 7.27
C THR C 104 41.43 32.68 6.40
N SER C 105 40.37 33.48 6.36
CA SER C 105 39.19 33.10 5.60
C SER C 105 39.61 32.93 4.14
N ALA C 106 39.21 31.84 3.51
CA ALA C 106 39.55 31.64 2.08
C ALA C 106 39.06 32.77 1.16
N ALA C 107 38.04 33.51 1.57
CA ALA C 107 37.59 34.65 0.78
C ALA C 107 38.57 35.82 0.82
N ASP C 108 39.51 35.84 1.76
CA ASP C 108 40.43 37.00 1.89
C ASP C 108 41.56 36.94 0.87
N ILE C 109 41.68 35.79 0.21
CA ILE C 109 42.79 35.53 -0.67
C ILE C 109 42.28 34.95 -1.99
N TRP C 110 43.11 35.04 -3.01
CA TRP C 110 42.79 34.40 -4.28
C TRP C 110 42.80 32.88 -4.07
N THR C 111 41.79 32.15 -4.57
CA THR C 111 41.89 30.67 -4.60
C THR C 111 41.60 30.15 -6.00
N PRO C 112 42.11 28.94 -6.33
CA PRO C 112 41.92 28.48 -7.69
C PRO C 112 40.55 27.84 -7.96
N ASP C 113 40.07 27.93 -9.22
CA ASP C 113 38.70 27.49 -9.59
C ASP C 113 38.64 26.02 -9.97
N ILE C 114 39.13 25.17 -9.08
CA ILE C 114 39.15 23.75 -9.34
C ILE C 114 37.74 23.18 -9.31
N THR C 115 37.37 22.48 -10.36
CA THR C 115 35.99 22.07 -10.58
C THR C 115 35.98 20.62 -11.02
N ALA C 116 35.01 19.82 -10.50
CA ALA C 116 34.67 18.50 -11.04
C ALA C 116 34.06 18.72 -12.45
N TYR C 117 34.45 17.93 -13.45
CA TYR C 117 34.01 18.20 -14.81
C TYR C 117 32.71 17.42 -15.12
N SER C 118 32.31 16.51 -14.24
CA SER C 118 31.10 15.75 -14.49
C SER C 118 30.17 15.71 -13.31
N SER C 119 30.14 16.76 -12.50
CA SER C 119 29.11 16.83 -11.44
C SER C 119 27.70 16.91 -12.07
N THR C 120 26.66 16.49 -11.33
CA THR C 120 25.31 16.55 -11.79
C THR C 120 24.48 17.46 -10.88
N ARG C 121 25.07 17.93 -9.77
CA ARG C 121 24.45 18.84 -8.81
C ARG C 121 25.50 19.83 -8.35
N PRO C 122 25.09 21.03 -7.88
CA PRO C 122 26.10 21.89 -7.29
C PRO C 122 26.81 21.17 -6.14
N VAL C 123 28.11 21.34 -6.05
CA VAL C 123 28.90 20.72 -5.00
C VAL C 123 28.49 21.36 -3.68
N GLN C 124 28.36 20.54 -2.64
CA GLN C 124 28.01 21.08 -1.31
C GLN C 124 29.24 21.10 -0.37
N VAL C 125 29.47 22.26 0.23
CA VAL C 125 30.62 22.50 1.05
C VAL C 125 30.27 22.08 2.48
N LEU C 126 31.10 21.24 3.09
CA LEU C 126 30.79 20.72 4.43
C LEU C 126 31.61 21.31 5.55
N SER C 127 32.73 21.92 5.22
CA SER C 127 33.65 22.36 6.25
C SER C 127 33.77 23.87 6.16
N PRO C 128 34.32 24.52 7.20
CA PRO C 128 34.66 25.93 7.08
C PRO C 128 35.59 26.12 5.86
N GLN C 129 35.65 27.35 5.36
CA GLN C 129 36.41 27.77 4.17
C GLN C 129 37.56 28.64 4.67
N ILE C 130 38.63 28.00 5.11
CA ILE C 130 39.72 28.70 5.82
C ILE C 130 41.03 28.11 5.35
N ALA C 131 41.96 28.99 4.98
CA ALA C 131 43.27 28.60 4.42
C ALA C 131 44.34 28.87 5.46
N VAL C 132 45.42 28.09 5.39
CA VAL C 132 46.64 28.36 6.16
C VAL C 132 47.67 28.93 5.19
N VAL C 133 48.26 30.07 5.56
CA VAL C 133 49.29 30.76 4.76
C VAL C 133 50.59 30.75 5.55
N THR C 134 51.66 30.32 4.89
CA THR C 134 53.00 30.22 5.48
C THR C 134 53.93 31.32 4.91
N HIS C 135 54.96 31.67 5.68
CA HIS C 135 55.80 32.83 5.39
C HIS C 135 56.56 32.69 4.11
N ASP C 136 56.82 31.45 3.69
CA ASP C 136 57.44 31.19 2.38
C ASP C 136 56.43 31.42 1.26
N GLY C 137 55.21 31.82 1.63
CA GLY C 137 54.19 32.22 0.67
C GLY C 137 53.27 31.08 0.26
N SER C 138 53.48 29.90 0.83
CA SER C 138 52.65 28.77 0.43
C SER C 138 51.29 28.82 1.12
N VAL C 139 50.27 28.42 0.38
CA VAL C 139 48.92 28.42 0.90
C VAL C 139 48.46 26.96 0.93
N MET C 140 47.80 26.54 2.01
CA MET C 140 47.11 25.27 2.01
C MET C 140 45.60 25.38 2.37
N PHE C 141 44.75 24.71 1.61
CA PHE C 141 43.30 24.91 1.67
C PHE C 141 42.65 23.54 1.49
N ILE C 142 41.87 23.13 2.49
CA ILE C 142 41.31 21.77 2.48
C ILE C 142 39.80 21.70 2.72
N PRO C 143 39.00 22.05 1.70
CA PRO C 143 37.57 22.00 1.91
C PRO C 143 37.00 20.56 1.80
N ALA C 144 36.17 20.17 2.76
CA ALA C 144 35.37 18.94 2.63
C ALA C 144 34.10 19.24 1.77
N GLN C 145 33.68 18.26 0.96
CA GLN C 145 32.60 18.49 0.02
C GLN C 145 31.79 17.23 -0.19
N ARG C 146 30.52 17.41 -0.58
CA ARG C 146 29.72 16.34 -1.08
C ARG C 146 29.41 16.66 -2.54
N LEU C 147 29.73 15.67 -3.39
CA LEU C 147 29.63 15.82 -4.84
C LEU C 147 28.78 14.67 -5.37
N SER C 148 27.79 15.01 -6.20
CA SER C 148 27.07 14.02 -6.99
C SER C 148 27.68 14.07 -8.35
N PHE C 149 28.08 12.93 -8.90
CA PHE C 149 28.70 12.94 -10.22
C PHE C 149 28.26 11.76 -11.09
N MET C 150 28.56 11.83 -12.39
CA MET C 150 28.11 10.81 -13.34
C MET C 150 28.92 9.51 -13.18
N CYS C 151 28.21 8.41 -12.90
CA CYS C 151 28.83 7.15 -12.56
C CYS C 151 27.80 6.03 -12.71
N ASP C 152 28.14 5.03 -13.52
CA ASP C 152 27.33 3.83 -13.67
C ASP C 152 27.78 2.83 -12.63
N PRO C 153 26.96 2.59 -11.61
CA PRO C 153 27.35 1.61 -10.60
C PRO C 153 27.08 0.13 -10.97
N THR C 154 26.90 -0.19 -12.25
CA THR C 154 26.78 -1.62 -12.66
C THR C 154 27.96 -2.45 -12.13
N GLY C 155 27.65 -3.62 -11.56
CA GLY C 155 28.70 -4.47 -10.99
C GLY C 155 29.08 -4.14 -9.55
N VAL C 156 28.48 -3.10 -8.97
CA VAL C 156 28.70 -2.75 -7.58
C VAL C 156 28.29 -3.89 -6.62
N ASP C 157 27.40 -4.75 -7.09
CA ASP C 157 26.94 -5.88 -6.29
C ASP C 157 27.64 -7.19 -6.64
N SER C 158 28.78 -7.12 -7.29
CA SER C 158 29.56 -8.33 -7.58
C SER C 158 30.96 -8.14 -7.01
N GLU C 159 31.72 -9.23 -7.05
CA GLU C 159 33.11 -9.28 -6.56
C GLU C 159 34.05 -8.27 -7.23
N GLU C 160 33.98 -8.17 -8.55
CA GLU C 160 34.84 -7.28 -9.33
C GLU C 160 34.52 -5.79 -9.03
N GLY C 161 33.29 -5.52 -8.64
CA GLY C 161 32.87 -4.17 -8.23
C GLY C 161 32.50 -3.26 -9.39
N ALA C 162 32.10 -2.03 -9.07
CA ALA C 162 31.91 -0.97 -10.06
C ALA C 162 33.15 -0.07 -10.18
N THR C 163 33.21 0.66 -11.30
CA THR C 163 34.30 1.63 -11.55
C THR C 163 33.70 2.94 -12.02
N CYS C 164 34.12 4.06 -11.41
CA CYS C 164 33.78 5.37 -11.92
C CYS C 164 34.94 6.33 -11.91
N ALA C 165 34.80 7.39 -12.68
CA ALA C 165 35.86 8.34 -12.78
C ALA C 165 35.27 9.72 -12.85
N VAL C 166 35.98 10.69 -12.28
CA VAL C 166 35.62 12.10 -12.38
C VAL C 166 36.92 12.94 -12.44
N LYS C 167 37.01 13.89 -13.37
CA LYS C 167 38.18 14.73 -13.50
C LYS C 167 37.98 16.03 -12.72
N PHE C 168 39.07 16.58 -12.15
CA PHE C 168 39.05 17.91 -11.51
C PHE C 168 40.14 18.79 -12.13
N GLY C 169 39.82 20.04 -12.41
CA GLY C 169 40.81 20.98 -12.95
C GLY C 169 40.20 22.37 -12.95
N SER C 170 40.99 23.36 -13.28
CA SER C 170 40.53 24.71 -13.39
C SER C 170 39.44 24.80 -14.47
N TRP C 171 38.46 25.66 -14.25
CA TRP C 171 37.43 25.83 -15.26
C TRP C 171 37.82 26.74 -16.39
N VAL C 172 38.50 27.85 -16.06
CA VAL C 172 38.76 28.87 -17.06
C VAL C 172 40.23 29.07 -17.41
N TYR C 173 41.16 28.42 -16.70
CA TYR C 173 42.60 28.59 -16.98
C TYR C 173 43.17 27.32 -17.63
N SER C 174 43.85 27.50 -18.74
CA SER C 174 44.58 26.45 -19.43
C SER C 174 45.89 26.10 -18.73
N GLY C 175 46.53 25.02 -19.17
CA GLY C 175 47.83 24.57 -18.66
C GLY C 175 48.96 25.57 -18.81
N PHE C 176 48.73 26.63 -19.57
CA PHE C 176 49.65 27.75 -19.65
C PHE C 176 49.54 28.71 -18.48
N GLU C 177 48.38 28.73 -17.79
CA GLU C 177 48.21 29.57 -16.60
C GLU C 177 48.19 28.80 -15.29
N ILE C 178 47.51 27.67 -15.27
CA ILE C 178 47.50 26.83 -14.10
C ILE C 178 47.97 25.44 -14.50
N ASP C 179 49.05 25.01 -13.88
CA ASP C 179 49.40 23.62 -13.97
C ASP C 179 48.94 22.85 -12.68
N LEU C 180 48.72 21.55 -12.81
CA LEU C 180 48.35 20.73 -11.66
C LEU C 180 49.38 19.66 -11.48
N LYS C 181 49.63 19.30 -10.23
CA LYS C 181 50.31 18.04 -9.96
C LYS C 181 49.74 17.37 -8.74
N THR C 182 50.07 16.09 -8.57
CA THR C 182 49.71 15.37 -7.35
C THR C 182 50.99 15.01 -6.63
N ASP C 183 50.95 14.85 -5.31
CA ASP C 183 52.18 14.41 -4.63
C ASP C 183 52.29 12.91 -4.70
N THR C 184 51.17 12.27 -5.00
CA THR C 184 51.06 10.83 -5.07
C THR C 184 49.86 10.47 -5.96
N ASP C 185 49.88 9.28 -6.54
CA ASP C 185 48.74 8.85 -7.34
C ASP C 185 47.77 7.98 -6.53
N GLN C 186 48.06 7.76 -5.25
CA GLN C 186 47.16 6.99 -4.42
C GLN C 186 46.27 7.94 -3.63
N VAL C 187 44.95 7.83 -3.84
CA VAL C 187 43.98 8.61 -3.05
C VAL C 187 44.12 8.18 -1.58
N ASP C 188 44.08 9.12 -0.66
CA ASP C 188 44.16 8.79 0.76
C ASP C 188 42.87 8.08 1.21
N LEU C 189 42.99 6.82 1.59
CA LEU C 189 41.84 6.09 2.09
C LEU C 189 41.88 5.90 3.58
N SER C 190 42.82 6.56 4.27
CA SER C 190 43.05 6.28 5.69
C SER C 190 41.91 6.77 6.59
N SER C 191 41.08 7.71 6.13
CA SER C 191 39.85 8.03 6.89
C SER C 191 38.52 7.67 6.21
N TYR C 192 38.54 6.67 5.34
CA TYR C 192 37.33 6.18 4.70
C TYR C 192 36.40 5.57 5.75
N TYR C 193 35.11 5.86 5.67
CA TYR C 193 34.20 5.40 6.73
C TYR C 193 34.07 3.86 6.78
N ALA C 194 34.48 3.28 7.91
CA ALA C 194 34.60 1.82 8.01
C ALA C 194 33.28 1.11 7.86
N SER C 195 32.18 1.80 8.10
CA SER C 195 30.85 1.18 8.01
C SER C 195 30.04 1.69 6.83
N SER C 196 30.74 2.30 5.86
CA SER C 196 30.09 2.70 4.61
C SER C 196 29.31 1.53 3.99
N LYS C 197 28.29 1.84 3.18
CA LYS C 197 27.62 0.79 2.39
C LYS C 197 28.54 0.18 1.34
N TYR C 198 29.56 0.95 0.95
CA TYR C 198 30.46 0.57 -0.11
C TYR C 198 31.88 0.50 0.38
N GLU C 199 32.54 -0.60 0.11
CA GLU C 199 33.96 -0.66 0.36
C GLU C 199 34.75 -0.24 -0.89
N ILE C 200 35.90 0.37 -0.64
CA ILE C 200 36.80 0.80 -1.72
C ILE C 200 37.77 -0.30 -2.10
N LEU C 201 37.72 -0.71 -3.35
CA LEU C 201 38.69 -1.65 -3.88
C LEU C 201 40.03 -0.95 -4.21
N SER C 202 39.96 0.22 -4.83
CA SER C 202 41.15 1.04 -5.12
C SER C 202 40.72 2.45 -5.51
N ALA C 203 41.63 3.39 -5.36
CA ALA C 203 41.34 4.75 -5.71
C ALA C 203 42.60 5.48 -6.12
N THR C 204 42.63 5.96 -7.34
CA THR C 204 43.82 6.66 -7.83
C THR C 204 43.51 8.06 -8.32
N GLN C 205 44.51 8.92 -8.31
CA GLN C 205 44.41 10.31 -8.76
C GLN C 205 45.60 10.53 -9.70
N THR C 206 45.33 10.85 -10.97
CA THR C 206 46.38 10.94 -11.98
C THR C 206 46.20 12.22 -12.76
N ARG C 207 47.25 13.04 -12.80
CA ARG C 207 47.30 14.19 -13.70
C ARG C 207 47.17 13.77 -15.16
N GLN C 208 46.35 14.50 -15.93
CA GLN C 208 46.22 14.28 -17.38
C GLN C 208 46.25 15.60 -18.09
N VAL C 209 46.54 15.55 -19.39
CA VAL C 209 46.56 16.71 -20.25
C VAL C 209 45.60 16.43 -21.39
N GLN C 210 44.75 17.40 -21.71
CA GLN C 210 43.78 17.29 -22.83
C GLN C 210 43.99 18.39 -23.87
N HIS C 211 44.02 17.95 -25.14
N HIS C 211 43.41 18.20 -25.04
CA HIS C 211 44.34 18.77 -26.35
CA HIS C 211 42.78 19.37 -25.66
C HIS C 211 43.17 18.89 -27.31
C HIS C 211 41.27 19.30 -25.48
N TYR C 212 42.85 20.11 -27.76
N TYR C 212 40.62 20.45 -25.28
CA TYR C 212 41.66 20.33 -28.60
CA TYR C 212 39.16 20.48 -25.27
C TYR C 212 41.99 21.03 -29.89
C TYR C 212 38.69 21.18 -26.54
N SER C 213 41.39 20.56 -30.97
N SER C 213 37.51 20.81 -27.00
N SER C 213 41.27 20.64 -31.01
CA SER C 213 41.73 21.01 -32.32
CA SER C 213 37.06 21.26 -28.31
CA SER C 213 41.86 20.99 -32.30
C SER C 213 41.91 22.53 -32.49
C SER C 213 36.58 22.67 -28.24
C SER C 213 42.00 22.51 -32.48
N CYS C 214 41.13 23.32 -31.75
N CYS C 214 36.21 23.11 -27.05
CA CYS C 214 41.07 24.76 -32.03
CA CYS C 214 35.89 24.53 -26.84
C CYS C 214 42.29 25.49 -31.54
C CYS C 214 37.09 25.31 -27.35
N CYS C 215 42.98 24.88 -30.59
N CYS C 215 38.27 24.82 -26.99
CA CYS C 215 43.64 25.66 -29.57
CA CYS C 215 39.47 25.62 -26.89
C CYS C 215 45.01 25.13 -29.19
C CYS C 215 40.69 25.01 -27.58
N PRO C 216 46.08 25.92 -29.44
N PRO C 216 41.81 25.77 -27.64
CA PRO C 216 47.46 25.50 -29.16
CA PRO C 216 43.11 25.29 -28.08
C PRO C 216 47.70 25.13 -27.71
C PRO C 216 44.14 25.34 -26.94
N GLU C 217 47.05 25.88 -26.82
N GLU C 217 44.99 24.31 -26.81
CA GLU C 217 47.11 25.71 -25.37
CA GLU C 217 46.12 24.32 -25.84
C GLU C 217 46.22 24.58 -24.79
C GLU C 217 45.94 23.45 -24.59
N PRO C 218 46.85 23.58 -24.13
N PRO C 218 47.05 22.95 -24.01
CA PRO C 218 46.21 22.41 -23.50
CA PRO C 218 46.81 21.96 -22.97
C PRO C 218 45.59 22.69 -22.12
C PRO C 218 45.88 22.48 -21.90
N TYR C 219 44.82 21.73 -21.62
CA TYR C 219 44.19 21.83 -20.32
C TYR C 219 44.60 20.64 -19.47
N ILE C 220 44.70 20.87 -18.16
CA ILE C 220 45.24 19.91 -17.24
C ILE C 220 44.14 19.54 -16.26
N ASP C 221 44.01 18.24 -16.00
CA ASP C 221 43.11 17.82 -14.95
C ASP C 221 43.76 16.74 -14.10
N VAL C 222 43.18 16.53 -12.92
CA VAL C 222 43.51 15.37 -12.11
C VAL C 222 42.32 14.39 -12.22
N ASN C 223 42.58 13.21 -12.70
CA ASN C 223 41.51 12.21 -12.85
C ASN C 223 41.41 11.25 -11.65
N LEU C 224 40.23 11.17 -11.05
CA LEU C 224 40.01 10.28 -9.91
C LEU C 224 39.25 9.04 -10.35
N VAL C 225 39.87 7.87 -10.19
CA VAL C 225 39.25 6.63 -10.60
C VAL C 225 38.99 5.81 -9.32
N VAL C 226 37.72 5.49 -9.06
CA VAL C 226 37.36 4.74 -7.87
C VAL C 226 36.68 3.43 -8.25
N LYS C 227 37.21 2.33 -7.72
CA LYS C 227 36.55 1.05 -7.89
C LYS C 227 35.96 0.65 -6.55
N PHE C 228 34.72 0.21 -6.57
CA PHE C 228 34.02 0.00 -5.31
C PHE C 228 32.99 -1.08 -5.42
N ARG C 229 32.56 -1.58 -4.27
CA ARG C 229 31.50 -2.56 -4.23
C ARG C 229 30.77 -2.56 -2.88
N GLU C 230 29.55 -3.10 -2.90
CA GLU C 230 28.72 -3.24 -1.71
C GLU C 230 29.46 -3.97 -0.60
N ARG C 231 29.40 -3.43 0.62
CA ARG C 231 30.08 -4.08 1.73
C ARG C 231 29.21 -5.26 2.12
N ARG C 232 29.69 -6.48 1.86
CA ARG C 232 28.89 -7.68 2.16
C ARG C 232 29.61 -8.64 3.09
N ASP D 22 15.56 58.69 29.67
CA ASP D 22 15.98 57.61 30.62
C ASP D 22 16.58 56.44 29.83
N LYS D 23 15.80 55.97 28.86
CA LYS D 23 16.11 54.80 28.05
C LYS D 23 17.04 55.15 26.88
N LEU D 24 16.85 56.37 26.35
CA LEU D 24 17.71 56.96 25.33
C LEU D 24 19.18 56.84 25.70
N HIS D 25 19.50 57.29 26.92
CA HIS D 25 20.88 57.34 27.40
C HIS D 25 21.55 55.99 27.48
N SER D 26 20.83 54.98 27.96
CA SER D 26 21.41 53.64 28.00
C SER D 26 21.61 53.05 26.59
N GLN D 27 20.77 53.45 25.64
CA GLN D 27 20.96 53.08 24.22
C GLN D 27 22.17 53.72 23.55
N ALA D 28 22.48 54.97 23.93
CA ALA D 28 23.65 55.67 23.39
C ALA D 28 24.96 55.11 23.96
N ASN D 29 24.91 54.60 25.19
CA ASN D 29 26.06 53.91 25.76
C ASN D 29 26.39 52.57 25.06
N LEU D 30 25.36 51.81 24.69
CA LEU D 30 25.55 50.63 23.83
C LEU D 30 26.26 51.01 22.54
N MET D 31 25.80 52.08 21.92
CA MET D 31 26.31 52.49 20.63
C MET D 31 27.79 52.85 20.72
N ARG D 32 28.17 53.55 21.80
CA ARG D 32 29.58 53.87 22.04
C ARG D 32 30.40 52.61 22.37
N LEU D 33 29.83 51.71 23.17
CA LEU D 33 30.49 50.47 23.54
C LEU D 33 30.79 49.60 22.31
N LYS D 34 29.77 49.38 21.48
CA LYS D 34 29.94 48.65 20.24
C LYS D 34 30.96 49.32 19.29
N SER D 35 30.99 50.64 19.28
CA SER D 35 31.93 51.38 18.43
C SER D 35 33.37 51.22 18.91
N ASP D 36 33.58 51.35 20.22
CA ASP D 36 34.91 51.12 20.80
C ASP D 36 35.38 49.69 20.48
N LEU D 37 34.53 48.69 20.75
CA LEU D 37 34.88 47.29 20.56
C LEU D 37 35.14 46.89 19.12
N PHE D 38 34.29 47.36 18.18
CA PHE D 38 34.37 46.93 16.77
C PHE D 38 35.15 47.89 15.84
N ASN D 39 34.71 49.15 15.74
CA ASN D 39 35.25 50.09 14.75
C ASN D 39 36.64 50.66 15.08
N ARG D 40 36.85 51.04 16.34
CA ARG D 40 38.08 51.73 16.77
C ARG D 40 39.21 50.78 17.23
N SER D 41 38.99 49.47 17.09
CA SER D 41 39.85 48.47 17.73
C SER D 41 40.54 47.51 16.73
N PRO D 42 40.93 46.29 17.21
CA PRO D 42 41.53 45.17 16.44
C PRO D 42 41.47 45.19 14.86
N MET D 43 40.74 44.33 14.13
CA MET D 43 39.85 43.25 14.59
C MET D 43 40.56 41.91 14.87
N TYR D 44 39.96 41.11 15.75
CA TYR D 44 40.54 39.87 16.29
C TYR D 44 40.85 38.90 15.15
N PRO D 45 42.12 38.54 15.02
CA PRO D 45 42.55 37.75 13.92
C PRO D 45 42.50 36.27 14.26
N GLY D 46 41.72 35.86 15.27
CA GLY D 46 41.74 34.44 15.75
C GLY D 46 42.88 34.11 16.72
N PRO D 47 42.87 32.89 17.30
CA PRO D 47 43.92 32.54 18.28
C PRO D 47 45.22 32.06 17.66
N THR D 48 46.27 32.04 18.48
CA THR D 48 47.60 31.59 18.09
C THR D 48 48.21 30.73 19.19
N LYS D 49 49.40 30.21 18.94
CA LYS D 49 50.10 29.44 19.95
C LYS D 49 50.49 30.35 21.11
N ASP D 50 50.80 31.61 20.80
CA ASP D 50 51.10 32.59 21.84
C ASP D 50 49.88 32.96 22.66
N ASP D 51 48.71 33.04 22.01
CA ASP D 51 47.44 33.39 22.66
C ASP D 51 46.36 32.37 22.41
N PRO D 52 46.44 31.20 23.07
CA PRO D 52 45.47 30.16 22.76
C PRO D 52 44.06 30.50 23.28
N LEU D 53 43.05 29.73 22.87
CA LEU D 53 41.68 30.00 23.23
C LEU D 53 41.06 28.70 23.66
N THR D 54 40.35 28.73 24.78
CA THR D 54 39.52 27.58 25.13
C THR D 54 38.10 27.82 24.70
N VAL D 55 37.53 26.81 24.05
CA VAL D 55 36.15 26.82 23.62
C VAL D 55 35.42 25.69 24.29
N THR D 56 34.38 26.05 25.05
CA THR D 56 33.54 25.08 25.71
C THR D 56 32.33 24.69 24.86
N LEU D 57 32.12 23.40 24.72
CA LEU D 57 31.03 22.86 23.91
C LEU D 57 30.14 21.99 24.76
N GLY D 58 28.83 22.06 24.51
CA GLY D 58 27.85 21.16 25.10
C GLY D 58 26.71 20.91 24.12
N PHE D 59 26.17 19.70 24.11
CA PHE D 59 25.07 19.39 23.22
C PHE D 59 23.78 19.16 23.97
N THR D 60 22.67 19.63 23.40
CA THR D 60 21.34 19.31 23.88
C THR D 60 20.66 18.59 22.73
N LEU D 61 20.57 17.26 22.81
CA LEU D 61 20.02 16.45 21.75
C LEU D 61 18.49 16.53 21.77
N GLN D 62 17.88 17.10 20.72
CA GLN D 62 16.43 17.17 20.68
C GLN D 62 15.77 15.99 20.03
N ASP D 63 16.37 15.46 18.96
CA ASP D 63 15.70 14.38 18.24
C ASP D 63 16.70 13.66 17.34
N ILE D 64 16.49 12.37 17.20
CA ILE D 64 17.05 11.63 16.08
C ILE D 64 15.90 11.59 15.09
N VAL D 65 15.99 12.40 14.05
CA VAL D 65 14.86 12.54 13.16
C VAL D 65 14.75 11.35 12.25
N LYS D 66 15.88 10.78 11.85
CA LYS D 66 15.91 9.84 10.75
C LYS D 66 17.18 9.03 10.81
N ALA D 67 17.04 7.74 10.60
CA ALA D 67 18.15 6.77 10.59
C ALA D 67 18.02 6.02 9.28
N ASP D 68 18.91 6.27 8.32
CA ASP D 68 18.70 5.69 6.96
C ASP D 68 19.61 4.49 6.77
N SER D 69 19.04 3.29 6.73
CA SER D 69 19.89 2.09 6.60
C SER D 69 20.28 1.79 5.13
N SER D 70 19.71 2.53 4.18
CA SER D 70 20.14 2.39 2.79
C SER D 70 21.41 3.18 2.44
N THR D 71 21.71 4.27 3.17
CA THR D 71 22.90 5.09 2.90
C THR D 71 23.84 5.22 4.11
N ASN D 72 23.46 4.62 5.25
CA ASN D 72 24.15 4.78 6.52
C ASN D 72 24.44 6.25 6.84
N GLU D 73 23.35 7.01 6.92
CA GLU D 73 23.33 8.36 7.47
C GLU D 73 22.25 8.47 8.54
N VAL D 74 22.60 9.12 9.64
CA VAL D 74 21.59 9.48 10.65
C VAL D 74 21.47 11.00 10.72
N ASP D 75 20.26 11.49 10.93
CA ASP D 75 19.99 12.92 11.08
C ASP D 75 19.60 13.22 12.52
N LEU D 76 20.34 14.15 13.14
CA LEU D 76 20.08 14.64 14.50
C LEU D 76 19.63 16.08 14.47
N VAL D 77 18.75 16.44 15.40
CA VAL D 77 18.48 17.86 15.69
C VAL D 77 18.93 18.11 17.14
N TYR D 78 19.73 19.16 17.36
CA TYR D 78 20.28 19.49 18.67
C TYR D 78 20.57 20.98 18.71
N TYR D 79 20.82 21.50 19.92
CA TYR D 79 21.32 22.84 20.17
C TYR D 79 22.77 22.63 20.54
N GLU D 80 23.67 23.42 19.99
CA GLU D 80 25.05 23.28 20.32
C GLU D 80 25.52 24.55 21.02
N GLN D 81 25.78 24.46 22.34
CA GLN D 81 26.22 25.64 23.13
C GLN D 81 27.74 25.82 22.97
N GLN D 82 28.17 27.00 22.58
CA GLN D 82 29.57 27.33 22.42
C GLN D 82 29.90 28.54 23.29
N ARG D 83 31.01 28.47 24.01
CA ARG D 83 31.47 29.55 24.90
C ARG D 83 32.97 29.72 24.81
N TRP D 84 33.41 30.97 24.79
CA TRP D 84 34.82 31.32 24.78
C TRP D 84 34.90 32.73 25.32
N LYS D 85 36.11 33.24 25.53
CA LYS D 85 36.32 34.52 26.18
C LYS D 85 37.49 35.21 25.51
N LEU D 86 37.34 36.51 25.22
CA LEU D 86 38.40 37.31 24.61
C LEU D 86 38.69 38.52 25.45
N ASN D 87 39.98 38.80 25.64
CA ASN D 87 40.39 40.05 26.28
C ASN D 87 39.90 41.23 25.46
N SER D 88 40.00 41.13 24.13
CA SER D 88 39.54 42.21 23.23
C SER D 88 38.04 42.57 23.33
N LEU D 89 37.26 41.71 23.98
CA LEU D 89 35.82 41.94 24.19
C LEU D 89 35.46 42.40 25.62
N MET D 90 36.45 42.74 26.42
CA MET D 90 36.21 43.12 27.80
C MET D 90 35.91 44.61 27.91
N TRP D 91 35.10 44.99 28.89
CA TRP D 91 34.91 46.40 29.21
C TRP D 91 34.54 46.60 30.64
N ASP D 92 34.69 47.85 31.09
CA ASP D 92 34.28 48.22 32.42
C ASP D 92 32.85 48.72 32.34
N PRO D 93 31.90 47.99 32.95
CA PRO D 93 30.51 48.45 32.91
C PRO D 93 30.35 49.91 33.32
N ASN D 94 31.20 50.39 34.22
CA ASN D 94 31.13 51.78 34.69
C ASN D 94 31.34 52.82 33.61
N GLU D 95 32.14 52.49 32.60
CA GLU D 95 32.38 53.47 31.55
C GLU D 95 31.24 53.53 30.52
N TYR D 96 30.22 52.68 30.71
CA TYR D 96 29.12 52.54 29.77
C TYR D 96 27.75 52.36 30.44
N GLY D 97 27.46 53.20 31.45
CA GLY D 97 26.16 53.19 32.13
C GLY D 97 25.71 51.85 32.72
N ASN D 98 26.68 51.06 33.19
CA ASN D 98 26.45 49.75 33.78
C ASN D 98 25.77 48.73 32.88
N ILE D 99 26.02 48.82 31.57
CA ILE D 99 25.69 47.72 30.65
C ILE D 99 26.73 46.62 30.89
N THR D 100 26.23 45.42 31.19
CA THR D 100 27.05 44.26 31.53
C THR D 100 27.09 43.19 30.41
N ASP D 101 26.27 43.37 29.36
CA ASP D 101 26.22 42.45 28.21
C ASP D 101 25.32 42.99 27.09
N PHE D 102 25.38 42.37 25.91
CA PHE D 102 24.58 42.81 24.79
C PHE D 102 24.43 41.67 23.75
N ARG D 103 23.43 41.81 22.89
CA ARG D 103 23.23 40.86 21.81
C ARG D 103 23.91 41.41 20.56
N THR D 104 24.46 40.52 19.75
CA THR D 104 25.08 40.94 18.52
C THR D 104 24.93 39.81 17.52
N SER D 105 24.86 40.18 16.24
CA SER D 105 24.83 39.21 15.14
C SER D 105 26.08 38.35 15.20
N ALA D 106 25.91 37.05 15.15
CA ALA D 106 27.08 36.16 15.15
C ALA D 106 28.07 36.48 14.02
N ALA D 107 27.61 37.11 12.95
CA ALA D 107 28.49 37.48 11.83
C ALA D 107 29.31 38.75 12.12
N ASP D 108 28.95 39.49 13.16
CA ASP D 108 29.69 40.72 13.53
C ASP D 108 30.84 40.51 14.53
N ILE D 109 31.07 39.26 14.93
CA ILE D 109 32.17 38.91 15.81
C ILE D 109 32.91 37.70 15.28
N TRP D 110 34.10 37.50 15.79
CA TRP D 110 34.81 36.27 15.53
C TRP D 110 34.04 35.12 16.13
N THR D 111 33.92 34.01 15.42
CA THR D 111 33.39 32.78 15.99
C THR D 111 34.29 31.59 15.63
N PRO D 112 34.34 30.56 16.50
CA PRO D 112 35.23 29.42 16.24
C PRO D 112 34.71 28.50 15.13
N ASP D 113 35.63 27.81 14.45
CA ASP D 113 35.33 27.02 13.27
C ASP D 113 35.07 25.57 13.70
N ILE D 114 34.23 25.39 14.73
CA ILE D 114 33.88 24.07 15.18
C ILE D 114 33.03 23.36 14.12
N THR D 115 33.40 22.13 13.76
CA THR D 115 32.74 21.40 12.66
C THR D 115 32.57 19.93 13.02
N ALA D 116 31.48 19.32 12.60
CA ALA D 116 31.41 17.87 12.67
C ALA D 116 32.45 17.31 11.68
N TYR D 117 33.13 16.23 12.04
CA TYR D 117 34.14 15.70 11.10
C TYR D 117 33.63 14.62 10.15
N SER D 118 32.40 14.16 10.32
CA SER D 118 31.87 13.12 9.46
C SER D 118 30.44 13.44 9.04
N SER D 119 30.18 14.72 8.81
CA SER D 119 28.90 15.12 8.23
C SER D 119 28.82 14.66 6.75
N THR D 120 27.60 14.43 6.24
CA THR D 120 27.39 14.08 4.86
C THR D 120 26.61 15.15 4.08
N ARG D 121 26.01 16.09 4.81
N ARG D 121 25.99 16.10 4.77
CA ARG D 121 25.22 17.21 4.24
CA ARG D 121 25.30 17.21 4.08
C ARG D 121 25.66 18.49 4.91
C ARG D 121 25.63 18.47 4.86
N PRO D 122 25.55 19.66 4.22
CA PRO D 122 25.79 20.91 4.94
C PRO D 122 24.86 21.01 6.19
N VAL D 123 25.37 21.50 7.31
CA VAL D 123 24.52 21.73 8.49
C VAL D 123 23.40 22.70 8.21
N GLN D 124 22.20 22.37 8.69
CA GLN D 124 21.08 23.32 8.55
C GLN D 124 20.86 24.03 9.86
N VAL D 125 20.92 25.36 9.79
CA VAL D 125 20.82 26.19 10.97
C VAL D 125 19.34 26.48 11.25
N LEU D 126 18.94 26.24 12.51
CA LEU D 126 17.52 26.34 12.91
C LEU D 126 17.19 27.52 13.79
N SER D 127 18.19 28.27 14.23
CA SER D 127 17.94 29.36 15.19
C SER D 127 18.59 30.64 14.67
N PRO D 128 18.15 31.82 15.15
CA PRO D 128 18.83 33.04 14.74
C PRO D 128 20.31 33.01 15.06
N GLN D 129 21.11 33.68 14.24
CA GLN D 129 22.55 33.70 14.41
C GLN D 129 22.90 34.90 15.24
N ILE D 130 22.65 34.80 16.54
CA ILE D 130 22.85 35.93 17.45
C ILE D 130 23.58 35.36 18.64
N ALA D 131 24.65 36.05 19.03
CA ALA D 131 25.46 35.68 20.19
C ALA D 131 25.30 36.75 21.25
N VAL D 132 25.65 36.41 22.48
CA VAL D 132 25.60 37.37 23.58
C VAL D 132 27.01 37.56 24.16
N VAL D 133 27.41 38.81 24.30
CA VAL D 133 28.74 39.15 24.77
C VAL D 133 28.54 39.75 26.15
N THR D 134 29.31 39.22 27.12
CA THR D 134 29.27 39.70 28.49
C THR D 134 30.57 40.47 28.75
N HIS D 135 30.49 41.47 29.63
CA HIS D 135 31.57 42.45 29.92
C HIS D 135 32.90 41.86 30.35
N ASP D 136 32.91 40.62 30.80
CA ASP D 136 34.16 39.93 31.11
C ASP D 136 34.78 39.39 29.82
N GLY D 137 34.14 39.65 28.68
CA GLY D 137 34.68 39.31 27.37
C GLY D 137 34.25 37.93 26.92
N SER D 138 33.39 37.28 27.71
CA SER D 138 32.96 35.97 27.30
C SER D 138 31.78 36.05 26.30
N VAL D 139 31.63 35.01 25.48
CA VAL D 139 30.63 34.95 24.41
C VAL D 139 29.84 33.67 24.55
N MET D 140 28.53 33.76 24.35
CA MET D 140 27.65 32.64 24.38
C MET D 140 26.92 32.54 23.04
N PHE D 141 27.00 31.39 22.38
CA PHE D 141 26.36 31.20 21.05
C PHE D 141 25.80 29.79 21.07
N ILE D 142 24.49 29.66 20.81
CA ILE D 142 23.83 28.37 20.90
C ILE D 142 23.04 28.11 19.59
N PRO D 143 23.74 27.78 18.48
CA PRO D 143 23.07 27.45 17.23
C PRO D 143 22.29 26.14 17.33
N ALA D 144 20.99 26.17 17.04
CA ALA D 144 20.23 24.92 16.83
C ALA D 144 20.46 24.44 15.39
N GLN D 145 20.62 23.13 15.18
CA GLN D 145 21.05 22.58 13.91
C GLN D 145 20.43 21.22 13.60
N ARG D 146 20.25 20.92 12.32
CA ARG D 146 20.04 19.55 11.84
C ARG D 146 21.30 19.12 11.10
N LEU D 147 21.85 17.99 11.50
CA LEU D 147 23.11 17.44 10.97
C LEU D 147 22.83 16.05 10.45
N SER D 148 23.18 15.77 9.17
CA SER D 148 23.33 14.38 8.68
C SER D 148 24.81 13.99 8.83
N PHE D 149 25.05 12.78 9.33
CA PHE D 149 26.42 12.34 9.53
C PHE D 149 26.54 10.84 9.33
N MET D 150 27.77 10.35 9.13
CA MET D 150 27.96 8.93 8.73
C MET D 150 27.64 8.01 9.91
N CYS D 151 26.76 7.04 9.70
CA CYS D 151 26.40 6.16 10.81
C CYS D 151 25.61 4.96 10.35
N ASP D 152 26.02 3.79 10.81
CA ASP D 152 25.37 2.51 10.48
C ASP D 152 24.40 2.16 11.59
N PRO D 153 23.09 2.16 11.30
CA PRO D 153 22.10 1.97 12.35
C PRO D 153 21.71 0.49 12.60
N THR D 154 22.52 -0.46 12.16
CA THR D 154 22.20 -1.87 12.43
C THR D 154 22.03 -2.02 13.93
N GLY D 155 21.02 -2.78 14.31
CA GLY D 155 20.70 -2.98 15.71
C GLY D 155 19.64 -2.04 16.26
N VAL D 156 19.23 -0.99 15.51
CA VAL D 156 18.18 -0.10 16.03
C VAL D 156 16.92 -0.85 16.43
N ASP D 157 16.63 -1.93 15.70
CA ASP D 157 15.42 -2.74 15.97
C ASP D 157 15.69 -3.92 16.91
N SER D 158 16.75 -3.79 17.73
CA SER D 158 17.11 -4.80 18.73
C SER D 158 17.09 -4.17 20.10
N GLU D 159 17.10 -4.99 21.15
CA GLU D 159 17.17 -4.52 22.53
C GLU D 159 18.35 -3.63 22.79
N GLU D 160 19.53 -4.09 22.35
CA GLU D 160 20.76 -3.37 22.62
C GLU D 160 20.89 -2.08 21.80
N GLY D 161 20.17 -1.99 20.69
CA GLY D 161 20.15 -0.75 19.89
C GLY D 161 21.38 -0.50 19.04
N ALA D 162 21.44 0.70 18.47
CA ALA D 162 22.50 1.09 17.57
C ALA D 162 23.44 2.01 18.28
N THR D 163 24.63 2.21 17.72
CA THR D 163 25.56 3.17 18.28
C THR D 163 26.08 4.04 17.17
N CYS D 164 26.06 5.35 17.37
CA CYS D 164 26.70 6.24 16.44
C CYS D 164 27.62 7.20 17.13
N ALA D 165 28.61 7.70 16.39
CA ALA D 165 29.63 8.59 16.94
C ALA D 165 30.02 9.65 15.91
N VAL D 166 30.18 10.88 16.37
CA VAL D 166 30.66 11.95 15.49
C VAL D 166 31.52 12.86 16.34
N LYS D 167 32.71 13.17 15.82
CA LYS D 167 33.61 14.14 16.43
C LYS D 167 33.36 15.55 15.95
N PHE D 168 33.51 16.49 16.88
CA PHE D 168 33.44 17.90 16.57
C PHE D 168 34.75 18.52 16.96
N GLY D 169 35.27 19.41 16.13
CA GLY D 169 36.40 20.22 16.50
C GLY D 169 36.68 21.28 15.47
N SER D 170 37.79 21.97 15.69
CA SER D 170 38.24 22.99 14.80
C SER D 170 38.69 22.33 13.49
N TRP D 171 38.32 22.92 12.37
CA TRP D 171 38.83 22.52 11.06
C TRP D 171 40.27 22.84 10.87
N VAL D 172 40.71 24.05 11.25
CA VAL D 172 42.11 24.43 10.92
C VAL D 172 43.08 24.65 12.10
N TYR D 173 42.58 24.73 13.33
CA TYR D 173 43.47 25.00 14.47
C TYR D 173 43.74 23.70 15.23
N SER D 174 45.00 23.53 15.62
CA SER D 174 45.44 22.43 16.47
C SER D 174 45.20 22.75 17.95
N GLY D 175 45.47 21.78 18.82
CA GLY D 175 45.26 21.96 20.24
C GLY D 175 46.13 23.06 20.84
N PHE D 176 47.08 23.56 20.07
CA PHE D 176 47.93 24.67 20.52
C PHE D 176 47.28 26.05 20.40
N GLU D 177 46.30 26.17 19.50
CA GLU D 177 45.62 27.45 19.29
C GLU D 177 44.23 27.42 19.87
N ILE D 178 43.55 26.28 19.71
CA ILE D 178 42.22 26.11 20.29
C ILE D 178 42.15 24.85 21.14
N ASP D 179 41.90 25.01 22.43
CA ASP D 179 41.59 23.89 23.29
C ASP D 179 40.09 23.79 23.40
N LEU D 180 39.58 22.58 23.58
CA LEU D 180 38.15 22.33 23.66
C LEU D 180 37.92 21.82 25.05
N LYS D 181 36.71 22.00 25.55
CA LYS D 181 36.32 21.40 26.80
C LYS D 181 34.81 21.19 26.81
N THR D 182 34.33 20.28 27.66
CA THR D 182 32.92 20.20 27.98
C THR D 182 32.78 20.39 29.50
N ASP D 183 31.63 20.88 29.95
CA ASP D 183 31.37 21.03 31.37
C ASP D 183 31.03 19.71 31.96
N THR D 184 30.40 18.86 31.17
CA THR D 184 30.05 17.52 31.60
C THR D 184 30.13 16.62 30.36
N ASP D 185 30.31 15.31 30.57
CA ASP D 185 30.35 14.33 29.50
C ASP D 185 29.00 13.76 29.20
N GLN D 186 27.98 14.22 29.92
CA GLN D 186 26.61 13.76 29.69
C GLN D 186 25.93 14.76 28.77
N VAL D 187 25.47 14.29 27.63
CA VAL D 187 24.66 15.13 26.77
C VAL D 187 23.36 15.51 27.52
N ASP D 188 22.99 16.78 27.42
CA ASP D 188 21.67 17.25 27.89
C ASP D 188 20.53 16.54 27.09
N LEU D 189 19.76 15.73 27.82
CA LEU D 189 18.65 15.00 27.28
C LEU D 189 17.33 15.50 27.83
N SER D 190 17.35 16.63 28.54
CA SER D 190 16.10 17.12 29.18
C SER D 190 15.10 17.75 28.20
N SER D 191 15.49 18.01 26.95
CA SER D 191 14.55 18.41 25.91
C SER D 191 14.47 17.35 24.83
N TYR D 192 14.84 16.11 25.11
CA TYR D 192 14.77 15.12 24.05
C TYR D 192 13.30 14.92 23.77
N TYR D 193 12.92 14.93 22.50
CA TYR D 193 11.49 14.74 22.09
C TYR D 193 10.85 13.41 22.59
N ALA D 194 9.89 13.52 23.49
CA ALA D 194 9.28 12.33 24.12
C ALA D 194 8.56 11.36 23.16
N SER D 195 8.23 11.82 21.95
CA SER D 195 7.54 10.95 21.02
C SER D 195 8.33 10.66 19.76
N SER D 196 9.66 10.72 19.87
CA SER D 196 10.62 10.39 18.78
C SER D 196 10.43 8.97 18.28
N LYS D 197 10.76 8.71 17.01
CA LYS D 197 10.82 7.31 16.54
C LYS D 197 11.86 6.49 17.30
N TYR D 198 12.79 7.19 17.96
CA TYR D 198 13.90 6.54 18.65
C TYR D 198 14.00 6.96 20.10
N GLU D 199 14.22 5.98 20.95
CA GLU D 199 14.52 6.18 22.34
C GLU D 199 16.04 6.23 22.54
N ILE D 200 16.49 7.10 23.43
CA ILE D 200 17.91 7.27 23.71
C ILE D 200 18.37 6.38 24.85
N LEU D 201 19.34 5.50 24.58
CA LEU D 201 19.90 4.63 25.60
C LEU D 201 21.03 5.33 26.36
N SER D 202 21.89 6.06 25.66
CA SER D 202 22.78 7.03 26.28
C SER D 202 23.40 7.97 25.27
N ALA D 203 23.87 9.10 25.75
CA ALA D 203 24.48 10.05 24.90
C ALA D 203 25.57 10.71 25.72
N THR D 204 26.83 10.58 25.28
CA THR D 204 27.94 11.26 25.93
C THR D 204 28.71 12.19 25.02
N GLN D 205 29.45 13.13 25.61
CA GLN D 205 30.27 14.07 24.81
C GLN D 205 31.61 14.18 25.52
N THR D 206 32.69 13.72 24.87
CA THR D 206 33.96 13.53 25.56
C THR D 206 35.11 14.22 24.85
N ARG D 207 35.77 15.15 25.52
CA ARG D 207 37.03 15.72 25.04
C ARG D 207 38.08 14.61 24.87
N GLN D 208 38.70 14.57 23.71
CA GLN D 208 39.70 13.55 23.40
C GLN D 208 40.88 14.27 22.80
N VAL D 209 42.07 13.87 23.21
CA VAL D 209 43.27 14.47 22.67
C VAL D 209 43.99 13.42 21.81
N GLN D 210 44.38 13.78 20.60
N GLN D 210 44.41 13.83 20.62
CA GLN D 210 45.15 12.86 19.74
CA GLN D 210 45.12 12.94 19.69
C GLN D 210 46.56 13.37 19.51
C GLN D 210 46.57 13.40 19.51
N HIS D 211 47.54 12.50 19.76
CA HIS D 211 48.97 12.81 19.56
C HIS D 211 49.51 12.08 18.34
N TYR D 212 50.40 12.74 17.58
CA TYR D 212 51.08 12.11 16.43
C TYR D 212 52.58 12.12 16.58
N SER D 213 53.21 10.98 16.30
CA SER D 213 54.66 10.82 16.35
C SER D 213 55.39 11.74 15.35
N CYS D 214 54.69 12.15 14.27
CA CYS D 214 55.27 13.12 13.33
C CYS D 214 55.45 14.51 13.95
N CYS D 215 54.43 14.93 14.70
CA CYS D 215 54.10 16.33 14.84
C CYS D 215 54.02 16.79 16.30
N PRO D 216 54.67 17.93 16.62
CA PRO D 216 54.71 18.41 18.00
C PRO D 216 53.35 18.87 18.56
N GLU D 217 52.36 19.09 17.69
CA GLU D 217 51.11 19.66 18.17
C GLU D 217 49.98 18.63 18.35
N PRO D 218 49.26 18.73 19.46
CA PRO D 218 48.19 17.77 19.66
C PRO D 218 46.90 18.25 18.98
N TYR D 219 45.97 17.33 18.74
CA TYR D 219 44.66 17.64 18.18
C TYR D 219 43.54 17.23 19.15
N ILE D 220 42.58 18.12 19.33
CA ILE D 220 41.48 17.95 20.31
C ILE D 220 40.17 17.80 19.53
N ASP D 221 39.30 16.88 19.95
CA ASP D 221 37.95 16.84 19.43
C ASP D 221 36.97 16.51 20.56
N VAL D 222 35.71 16.83 20.38
CA VAL D 222 34.71 16.35 21.33
C VAL D 222 33.97 15.22 20.64
N ASN D 223 33.94 14.06 21.27
CA ASN D 223 33.36 12.89 20.64
C ASN D 223 31.93 12.69 21.12
N LEU D 224 30.96 12.84 20.24
CA LEU D 224 29.56 12.60 20.57
C LEU D 224 29.14 11.16 20.22
N VAL D 225 28.84 10.35 21.25
CA VAL D 225 28.42 8.96 21.08
C VAL D 225 26.95 8.79 21.52
N VAL D 226 26.14 8.29 20.61
CA VAL D 226 24.72 8.12 20.93
C VAL D 226 24.36 6.70 20.63
N LYS D 227 23.75 6.05 21.63
CA LYS D 227 23.19 4.74 21.48
C LYS D 227 21.69 4.85 21.63
N PHE D 228 20.98 4.18 20.73
CA PHE D 228 19.56 4.42 20.59
C PHE D 228 18.91 3.22 19.91
N ARG D 229 17.60 3.15 20.04
CA ARG D 229 16.86 2.06 19.47
C ARG D 229 15.45 2.55 19.17
N GLU D 230 14.76 1.84 18.29
CA GLU D 230 13.35 2.11 17.98
C GLU D 230 12.50 2.11 19.23
N ARG D 231 11.64 3.13 19.41
CA ARG D 231 10.72 3.14 20.53
C ARG D 231 9.81 1.90 20.47
N ARG D 232 10.00 0.97 21.42
CA ARG D 232 9.39 -0.36 21.39
C ARG D 232 7.85 -0.34 21.37
N ASP E 20 -1.56 65.63 -8.50
CA ASP E 20 -0.22 65.87 -9.11
C ASP E 20 0.70 66.64 -8.17
N ASP E 21 0.27 67.84 -7.77
CA ASP E 21 1.02 68.69 -6.83
C ASP E 21 1.11 68.07 -5.42
N ASP E 22 -0.03 67.64 -4.91
CA ASP E 22 -0.15 67.05 -3.58
C ASP E 22 0.54 65.67 -3.51
N LYS E 23 0.54 64.96 -4.64
CA LYS E 23 1.11 63.61 -4.73
C LYS E 23 2.65 63.58 -4.61
N LEU E 24 3.33 64.42 -5.38
CA LEU E 24 4.77 64.58 -5.26
C LEU E 24 5.14 65.09 -3.86
N HIS E 25 4.24 65.92 -3.30
CA HIS E 25 4.36 66.49 -1.96
C HIS E 25 4.43 65.43 -0.87
N SER E 26 3.42 64.57 -0.79
CA SER E 26 3.39 63.55 0.26
C SER E 26 4.43 62.45 0.05
N GLN E 27 4.87 62.25 -1.19
CA GLN E 27 6.02 61.40 -1.46
C GLN E 27 7.30 61.94 -0.81
N ALA E 28 7.47 63.25 -0.86
CA ALA E 28 8.62 63.92 -0.25
C ALA E 28 8.54 63.79 1.26
N ASN E 29 7.34 64.01 1.81
CA ASN E 29 7.06 63.83 3.23
C ASN E 29 7.36 62.43 3.75
N LEU E 30 6.85 61.40 3.05
CA LEU E 30 7.18 60.01 3.38
C LEU E 30 8.68 59.73 3.33
N MET E 31 9.32 59.99 2.19
CA MET E 31 10.79 59.88 2.11
C MET E 31 11.53 60.60 3.26
N ARG E 32 11.02 61.78 3.66
CA ARG E 32 11.62 62.58 4.73
C ARG E 32 11.50 61.86 6.05
N LEU E 33 10.28 61.62 6.50
CA LEU E 33 10.01 60.79 7.67
C LEU E 33 10.92 59.56 7.73
N LYS E 34 11.01 58.80 6.65
CA LYS E 34 11.76 57.53 6.66
C LYS E 34 13.24 57.81 6.89
N SER E 35 13.72 58.90 6.30
CA SER E 35 15.08 59.39 6.52
C SER E 35 15.33 59.84 8.00
N ASP E 36 14.40 60.63 8.56
CA ASP E 36 14.49 61.12 9.97
C ASP E 36 14.44 59.99 11.00
N LEU E 37 13.86 58.86 10.61
CA LEU E 37 13.66 57.75 11.53
C LEU E 37 14.81 56.78 11.53
N PHE E 38 15.33 56.48 10.35
CA PHE E 38 16.39 55.48 10.28
C PHE E 38 17.77 56.12 10.39
N ASN E 39 18.05 57.06 9.48
CA ASN E 39 19.36 57.71 9.37
C ASN E 39 19.75 58.59 10.57
N ARG E 40 18.86 58.66 11.55
CA ARG E 40 19.09 59.43 12.78
C ARG E 40 18.56 58.65 13.99
N SER E 41 19.49 58.16 14.82
CA SER E 41 19.18 57.32 15.98
C SER E 41 20.38 57.21 16.93
N TYR E 44 18.06 51.80 17.49
CA TYR E 44 17.48 50.90 18.49
C TYR E 44 18.08 49.51 18.41
N PRO E 45 18.81 49.10 19.48
CA PRO E 45 19.63 47.89 19.43
C PRO E 45 18.90 46.67 19.96
N GLY E 46 17.58 46.76 20.10
CA GLY E 46 16.80 45.71 20.74
C GLY E 46 16.58 45.99 22.23
N PRO E 47 15.71 45.20 22.87
CA PRO E 47 15.37 45.29 24.28
C PRO E 47 16.52 44.87 25.20
N THR E 48 16.46 45.34 26.43
CA THR E 48 17.41 45.07 27.51
C THR E 48 16.61 45.00 28.83
N LYS E 49 17.22 44.53 29.92
CA LYS E 49 16.54 44.51 31.21
C LYS E 49 16.04 45.88 31.62
N ASP E 50 16.75 46.94 31.22
CA ASP E 50 16.36 48.30 31.55
C ASP E 50 15.23 48.81 30.64
N ASP E 51 15.23 48.30 29.42
CA ASP E 51 14.25 48.74 28.46
C ASP E 51 13.55 47.54 27.80
N PRO E 52 12.68 46.83 28.57
CA PRO E 52 12.11 45.60 28.00
C PRO E 52 11.01 45.87 26.98
N LEU E 53 10.61 44.83 26.25
CA LEU E 53 9.65 45.02 25.18
C LEU E 53 8.61 43.92 25.25
N THR E 54 7.36 44.29 25.05
CA THR E 54 6.28 43.32 24.92
C THR E 54 6.00 43.07 23.45
N VAL E 55 5.94 41.80 23.02
CA VAL E 55 5.62 41.46 21.67
C VAL E 55 4.33 40.60 21.73
N THR E 56 3.37 40.91 20.88
CA THR E 56 2.16 40.12 20.85
C THR E 56 2.25 39.16 19.65
N LEU E 57 1.83 37.92 19.85
CA LEU E 57 1.96 36.88 18.88
C LEU E 57 0.59 36.21 18.74
N GLY E 58 0.13 36.08 17.49
CA GLY E 58 -1.04 35.25 17.17
C GLY E 58 -0.76 34.41 15.92
N PHE E 59 -1.35 33.24 15.83
CA PHE E 59 -1.17 32.40 14.68
C PHE E 59 -2.44 32.23 13.86
N THR E 60 -2.26 32.13 12.56
CA THR E 60 -3.35 31.90 11.63
C THR E 60 -2.92 30.67 10.84
N LEU E 61 -3.57 29.56 11.12
CA LEU E 61 -3.25 28.31 10.50
C LEU E 61 -3.88 28.13 9.11
N GLN E 62 -3.06 27.87 8.10
CA GLN E 62 -3.57 27.73 6.74
C GLN E 62 -3.65 26.30 6.25
N ASP E 63 -2.71 25.44 6.64
CA ASP E 63 -2.76 24.06 6.13
C ASP E 63 -1.81 23.14 6.85
N ILE E 64 -2.25 21.94 7.20
CA ILE E 64 -1.33 20.88 7.57
C ILE E 64 -1.12 20.16 6.25
N VAL E 65 0.06 20.31 5.66
CA VAL E 65 0.34 19.82 4.30
C VAL E 65 0.65 18.33 4.27
N LYS E 66 1.48 17.90 5.22
CA LYS E 66 2.02 16.56 5.26
C LYS E 66 2.25 16.11 6.73
N ALA E 67 2.01 14.84 7.00
CA ALA E 67 2.32 14.22 8.29
C ALA E 67 3.13 12.96 7.98
N ASP E 68 4.39 12.94 8.40
CA ASP E 68 5.28 11.82 8.10
C ASP E 68 5.47 10.94 9.35
N SER E 69 4.84 9.77 9.37
CA SER E 69 4.91 8.96 10.57
C SER E 69 6.12 8.05 10.58
N SER E 70 6.88 8.01 9.48
CA SER E 70 8.16 7.29 9.48
C SER E 70 9.27 8.11 10.19
N THR E 71 9.14 9.43 10.21
CA THR E 71 10.11 10.28 10.93
C THR E 71 9.47 11.13 12.06
N ASN E 72 8.16 11.05 12.25
CA ASN E 72 7.48 12.01 13.16
C ASN E 72 7.80 13.48 12.88
N GLU E 73 7.56 13.91 11.65
CA GLU E 73 7.60 15.34 11.33
C GLU E 73 6.28 15.72 10.68
N VAL E 74 5.76 16.90 11.01
CA VAL E 74 4.57 17.43 10.36
C VAL E 74 4.91 18.75 9.73
N ASP E 75 4.27 19.07 8.61
CA ASP E 75 4.59 20.32 7.91
C ASP E 75 3.37 21.20 7.92
N LEU E 76 3.47 22.41 8.47
CA LEU E 76 2.34 23.34 8.58
C LEU E 76 2.63 24.59 7.79
N VAL E 77 1.61 25.14 7.14
CA VAL E 77 1.74 26.46 6.54
C VAL E 77 0.91 27.44 7.39
N TYR E 78 1.46 28.56 7.82
CA TYR E 78 0.68 29.46 8.69
C TYR E 78 1.25 30.85 8.59
N TYR E 79 0.47 31.83 9.03
CA TYR E 79 1.11 33.06 9.31
C TYR E 79 1.15 33.43 10.77
N GLU E 80 2.02 34.36 11.08
CA GLU E 80 2.35 34.62 12.45
C GLU E 80 2.35 36.13 12.60
N GLN E 81 1.34 36.61 13.28
CA GLN E 81 1.18 38.02 13.50
C GLN E 81 2.01 38.50 14.68
N GLN E 82 2.89 39.47 14.41
CA GLN E 82 3.77 39.98 15.44
C GLN E 82 3.55 41.46 15.53
N ARG E 83 3.35 41.93 16.76
CA ARG E 83 3.12 43.34 17.06
C ARG E 83 3.98 43.80 18.25
N TRP E 84 4.66 44.92 18.09
CA TRP E 84 5.38 45.53 19.20
C TRP E 84 5.39 47.02 19.00
N LYS E 85 5.90 47.78 19.95
CA LYS E 85 5.72 49.23 19.89
C LYS E 85 6.96 49.90 20.42
N LEU E 86 7.59 50.74 19.61
CA LEU E 86 8.82 51.42 20.03
C LEU E 86 8.66 52.93 20.04
N ASN E 87 9.10 53.58 21.12
CA ASN E 87 9.08 55.05 21.18
C ASN E 87 9.96 55.68 20.10
N SER E 88 11.11 55.08 19.82
CA SER E 88 11.97 55.57 18.76
C SER E 88 11.34 55.49 17.35
N LEU E 89 10.13 54.92 17.24
CA LEU E 89 9.43 54.88 15.95
C LEU E 89 8.21 55.80 15.96
N MET E 90 8.15 56.71 16.92
CA MET E 90 7.03 57.63 16.94
C MET E 90 7.32 58.87 16.12
N TRP E 91 6.26 59.44 15.56
CA TRP E 91 6.29 60.79 15.00
C TRP E 91 4.94 61.45 15.13
N ASP E 92 4.94 62.78 15.12
CA ASP E 92 3.70 63.57 15.00
C ASP E 92 3.31 63.68 13.51
N PRO E 93 2.12 63.15 13.15
CA PRO E 93 1.71 63.16 11.76
C PRO E 93 1.70 64.55 11.12
N ASN E 94 1.44 65.57 11.94
CA ASN E 94 1.43 66.99 11.51
C ASN E 94 2.75 67.56 11.00
N GLU E 95 3.86 66.98 11.43
CA GLU E 95 5.16 67.39 10.94
C GLU E 95 5.44 66.75 9.58
N TYR E 96 4.63 65.77 9.19
CA TYR E 96 4.90 64.96 7.98
C TYR E 96 3.72 64.80 7.02
N GLY E 97 3.05 65.91 6.75
CA GLY E 97 1.93 65.95 5.80
C GLY E 97 0.81 64.98 6.13
N ASN E 98 0.45 64.93 7.41
N ASN E 98 0.44 64.92 7.41
CA ASN E 98 -0.62 64.06 7.94
CA ASN E 98 -0.62 64.04 7.92
C ASN E 98 -0.43 62.55 7.64
C ASN E 98 -0.42 62.54 7.65
N ILE E 99 0.84 62.11 7.52
CA ILE E 99 1.15 60.66 7.36
C ILE E 99 1.04 59.90 8.68
N THR E 100 0.20 58.86 8.72
CA THR E 100 -0.10 58.12 9.95
C THR E 100 0.51 56.71 10.06
N ASP E 101 0.92 56.12 8.95
CA ASP E 101 1.56 54.81 8.94
C ASP E 101 2.32 54.64 7.62
N PHE E 102 3.24 53.69 7.55
CA PHE E 102 3.92 53.40 6.29
C PHE E 102 4.40 51.95 6.25
N ARG E 103 4.63 51.47 5.04
CA ARG E 103 5.22 50.16 4.82
C ARG E 103 6.70 50.29 4.69
N THR E 104 7.43 49.36 5.30
CA THR E 104 8.86 49.34 5.14
C THR E 104 9.44 47.92 5.21
N SER E 105 10.53 47.71 4.48
CA SER E 105 11.18 46.40 4.45
C SER E 105 11.55 45.99 5.89
N ALA E 106 11.39 44.71 6.22
CA ALA E 106 11.61 44.24 7.59
C ALA E 106 13.10 44.29 7.97
N ALA E 107 13.97 44.37 6.97
CA ALA E 107 15.40 44.58 7.22
C ALA E 107 15.75 46.02 7.64
N ASP E 108 14.83 46.99 7.48
CA ASP E 108 15.12 48.40 7.86
C ASP E 108 14.93 48.69 9.36
N ILE E 109 14.26 47.79 10.06
CA ILE E 109 14.01 47.96 11.48
C ILE E 109 14.43 46.71 12.23
N TRP E 110 14.55 46.85 13.53
CA TRP E 110 14.63 45.73 14.42
C TRP E 110 13.35 44.94 14.33
N THR E 111 13.51 43.61 14.26
CA THR E 111 12.41 42.66 14.43
C THR E 111 12.80 41.57 15.44
N PRO E 112 11.81 41.00 16.18
CA PRO E 112 12.14 40.00 17.21
C PRO E 112 12.55 38.67 16.62
N ASP E 113 13.40 37.94 17.34
CA ASP E 113 13.94 36.65 16.94
C ASP E 113 13.03 35.50 17.32
N ILE E 114 11.73 35.61 16.98
CA ILE E 114 10.76 34.60 17.41
C ILE E 114 11.14 33.32 16.69
N THR E 115 11.35 32.24 17.43
CA THR E 115 11.84 30.98 16.88
C THR E 115 10.97 29.83 17.33
N ALA E 116 10.72 28.89 16.43
CA ALA E 116 10.10 27.62 16.82
C ALA E 116 11.17 26.80 17.51
N TYR E 117 10.78 26.12 18.59
CA TYR E 117 11.74 25.40 19.40
C TYR E 117 11.92 23.97 18.97
N SER E 118 11.01 23.43 18.18
CA SER E 118 11.16 22.03 17.77
C SER E 118 11.01 21.86 16.26
N SER E 119 11.48 22.85 15.48
CA SER E 119 11.50 22.69 14.03
C SER E 119 12.57 21.64 13.67
N THR E 120 12.39 20.94 12.54
CA THR E 120 13.36 19.95 12.07
C THR E 120 14.08 20.37 10.78
N ARG E 121 13.67 21.50 10.19
N ARG E 121 13.68 21.52 10.22
CA ARG E 121 14.27 22.07 8.95
CA ARG E 121 14.20 22.10 8.96
C ARG E 121 14.16 23.59 9.06
C ARG E 121 14.13 23.62 9.06
N PRO E 122 15.04 24.34 8.36
CA PRO E 122 14.90 25.81 8.29
C PRO E 122 13.48 26.18 7.80
N VAL E 123 12.88 27.16 8.45
CA VAL E 123 11.55 27.67 8.11
C VAL E 123 11.64 28.29 6.71
N GLN E 124 10.55 28.18 5.96
CA GLN E 124 10.57 28.67 4.60
C GLN E 124 9.57 29.83 4.58
N VAL E 125 10.05 31.00 4.14
CA VAL E 125 9.28 32.23 4.11
C VAL E 125 8.39 32.31 2.84
N LEU E 126 7.11 32.56 3.02
CA LEU E 126 6.18 32.51 1.92
C LEU E 126 5.66 33.88 1.53
N SER E 127 5.88 34.88 2.38
CA SER E 127 5.30 36.18 2.15
C SER E 127 6.40 37.26 2.08
N PRO E 128 6.15 38.39 1.46
CA PRO E 128 7.16 39.45 1.40
C PRO E 128 7.54 39.87 2.82
N GLN E 129 8.77 40.30 3.01
CA GLN E 129 9.19 40.67 4.35
CA GLN E 129 9.24 40.67 4.33
C GLN E 129 9.12 42.19 4.55
N ILE E 130 7.89 42.66 4.78
CA ILE E 130 7.58 44.06 4.88
C ILE E 130 6.70 44.24 6.11
N ALA E 131 7.04 45.22 6.93
CA ALA E 131 6.23 45.56 8.09
C ALA E 131 5.53 46.89 7.87
N VAL E 132 4.50 47.13 8.69
CA VAL E 132 3.75 48.36 8.67
C VAL E 132 3.97 49.07 9.99
N VAL E 133 4.46 50.31 9.91
CA VAL E 133 4.77 51.10 11.09
C VAL E 133 3.74 52.21 11.18
N THR E 134 3.25 52.49 12.39
CA THR E 134 2.25 53.54 12.64
C THR E 134 2.84 54.62 13.54
N HIS E 135 2.29 55.84 13.46
CA HIS E 135 2.79 57.04 14.15
C HIS E 135 2.97 56.93 15.65
N ASP E 136 2.20 56.05 16.28
CA ASP E 136 2.33 55.77 17.72
C ASP E 136 3.55 54.87 18.00
N GLY E 137 4.31 54.54 16.96
CA GLY E 137 5.52 53.69 17.10
C GLY E 137 5.29 52.18 17.13
N SER E 138 4.07 51.74 16.85
CA SER E 138 3.80 50.32 16.81
C SER E 138 4.00 49.72 15.43
N VAL E 139 4.44 48.46 15.46
CA VAL E 139 4.84 47.74 14.29
C VAL E 139 3.98 46.52 14.14
N MET E 140 3.63 46.24 12.90
CA MET E 140 2.82 45.10 12.58
C MET E 140 3.56 44.35 11.49
N PHE E 141 3.77 43.06 11.73
CA PHE E 141 4.60 42.21 10.84
C PHE E 141 3.95 40.84 10.81
N ILE E 142 3.59 40.37 9.62
CA ILE E 142 2.79 39.14 9.49
C ILE E 142 3.41 38.22 8.46
N PRO E 143 4.53 37.56 8.83
CA PRO E 143 5.16 36.65 7.86
C PRO E 143 4.40 35.34 7.77
N ALA E 144 4.25 34.85 6.54
CA ALA E 144 3.66 33.56 6.30
C ALA E 144 4.80 32.58 6.07
N GLN E 145 4.63 31.35 6.54
CA GLN E 145 5.74 30.39 6.55
C GLN E 145 5.34 28.93 6.38
N ARG E 146 6.25 28.10 5.93
CA ARG E 146 6.09 26.66 6.06
C ARG E 146 7.13 26.15 7.05
N LEU E 147 6.70 25.28 7.95
CA LEU E 147 7.54 24.81 9.07
C LEU E 147 7.35 23.31 9.15
N SER E 148 8.47 22.59 9.24
CA SER E 148 8.50 21.17 9.63
C SER E 148 8.87 21.07 11.11
N PHE E 149 8.08 20.35 11.91
CA PHE E 149 8.40 20.25 13.33
C PHE E 149 8.06 18.86 13.89
N MET E 150 8.51 18.57 15.12
CA MET E 150 8.44 17.22 15.65
C MET E 150 7.03 16.96 16.09
N CYS E 151 6.45 15.89 15.58
CA CYS E 151 5.02 15.62 15.76
C CYS E 151 4.80 14.17 15.42
N ASP E 152 4.34 13.42 16.41
CA ASP E 152 3.92 12.02 16.24
C ASP E 152 2.46 12.05 15.72
N PRO E 153 2.21 11.66 14.45
CA PRO E 153 0.80 11.72 13.99
C PRO E 153 -0.05 10.48 14.34
N THR E 154 0.37 9.68 15.32
CA THR E 154 -0.44 8.49 15.67
C THR E 154 -1.85 8.93 16.12
N GLY E 155 -2.86 8.17 15.71
CA GLY E 155 -4.26 8.50 16.02
C GLY E 155 -4.95 9.36 14.95
N VAL E 156 -4.17 9.94 14.05
CA VAL E 156 -4.72 10.80 13.01
C VAL E 156 -5.82 10.13 12.16
N ASP E 157 -5.78 8.81 12.06
CA ASP E 157 -6.85 8.06 11.38
C ASP E 157 -7.91 7.54 12.37
N SER E 158 -8.23 8.31 13.40
CA SER E 158 -9.25 7.91 14.38
C SER E 158 -10.12 9.11 14.65
N GLU E 159 -11.32 8.86 15.16
CA GLU E 159 -12.25 9.93 15.54
C GLU E 159 -11.59 10.99 16.41
N GLU E 160 -10.73 10.52 17.32
CA GLU E 160 -10.10 11.32 18.35
C GLU E 160 -8.89 12.10 17.81
N GLY E 161 -8.32 11.60 16.72
CA GLY E 161 -7.22 12.28 16.04
C GLY E 161 -5.90 12.36 16.79
N ALA E 162 -4.95 13.10 16.21
CA ALA E 162 -3.61 13.30 16.76
C ALA E 162 -3.48 14.68 17.40
N THR E 163 -2.55 14.82 18.33
CA THR E 163 -2.32 16.06 19.03
C THR E 163 -0.84 16.32 18.90
N CYS E 164 -0.45 17.54 18.49
CA CYS E 164 0.93 17.94 18.46
C CYS E 164 1.05 19.36 18.93
N ALA E 165 2.26 19.73 19.33
CA ALA E 165 2.52 21.05 19.92
C ALA E 165 3.86 21.57 19.44
N VAL E 166 3.94 22.88 19.23
CA VAL E 166 5.21 23.54 18.97
C VAL E 166 5.26 24.88 19.69
N LYS E 167 6.39 25.22 20.32
CA LYS E 167 6.51 26.52 21.02
C LYS E 167 7.33 27.52 20.20
N PHE E 168 6.99 28.79 20.37
CA PHE E 168 7.55 29.87 19.61
C PHE E 168 7.97 30.93 20.62
N GLY E 169 9.21 31.40 20.56
CA GLY E 169 9.73 32.31 21.60
C GLY E 169 10.99 32.97 21.08
N SER E 170 11.42 34.05 21.72
CA SER E 170 12.74 34.58 21.50
C SER E 170 13.75 33.46 21.76
N TRP E 171 14.77 33.39 20.91
CA TRP E 171 15.89 32.47 21.12
C TRP E 171 16.88 33.05 22.10
N VAL E 172 17.20 34.36 21.98
CA VAL E 172 18.28 34.93 22.82
C VAL E 172 17.84 35.94 23.90
N TYR E 173 16.55 36.22 24.01
CA TYR E 173 16.08 37.13 25.06
C TYR E 173 15.18 36.41 26.06
N SER E 174 15.53 36.51 27.33
CA SER E 174 14.73 36.01 28.41
C SER E 174 13.46 36.88 28.63
N GLY E 175 12.55 36.40 29.49
CA GLY E 175 11.40 37.17 29.96
C GLY E 175 11.74 38.51 30.62
N PHE E 176 12.99 38.70 31.03
CA PHE E 176 13.40 40.02 31.55
C PHE E 176 13.52 41.02 30.40
N GLU E 177 13.65 40.53 29.16
CA GLU E 177 13.88 41.42 28.01
C GLU E 177 12.73 41.50 27.03
N ILE E 178 12.19 40.34 26.70
CA ILE E 178 11.04 40.26 25.85
C ILE E 178 9.96 39.53 26.60
N ASP E 179 8.84 40.22 26.83
CA ASP E 179 7.63 39.56 27.30
C ASP E 179 6.84 39.20 26.07
N LEU E 180 6.25 38.01 26.04
CA LEU E 180 5.31 37.62 24.98
C LEU E 180 3.90 37.47 25.48
N LYS E 181 2.93 37.98 24.72
CA LYS E 181 1.51 37.80 25.04
C LYS E 181 0.71 37.42 23.80
N THR E 182 -0.50 36.91 24.01
CA THR E 182 -1.44 36.68 22.93
C THR E 182 -2.65 37.59 23.16
N ASP E 183 -3.36 37.91 22.08
CA ASP E 183 -4.59 38.69 22.13
C ASP E 183 -5.80 37.83 22.40
N THR E 184 -5.78 36.61 21.86
CA THR E 184 -6.74 35.55 22.20
C THR E 184 -5.92 34.27 22.31
N ASP E 185 -6.49 33.22 22.86
CA ASP E 185 -5.78 31.95 22.83
C ASP E 185 -6.39 30.97 21.84
N GLN E 186 -7.30 31.47 21.01
CA GLN E 186 -7.81 30.68 19.89
C GLN E 186 -7.00 30.99 18.63
N VAL E 187 -6.50 29.95 17.98
CA VAL E 187 -5.77 30.12 16.75
C VAL E 187 -6.83 30.54 15.70
N ASP E 188 -6.47 31.47 14.83
CA ASP E 188 -7.34 31.93 13.76
C ASP E 188 -7.44 30.80 12.71
N LEU E 189 -8.66 30.34 12.46
CA LEU E 189 -8.91 29.27 11.49
C LEU E 189 -9.59 29.77 10.21
N SER E 190 -9.70 31.09 10.07
CA SER E 190 -10.48 31.69 8.97
C SER E 190 -9.91 31.37 7.58
N SER E 191 -8.65 30.96 7.52
CA SER E 191 -8.01 30.72 6.24
C SER E 191 -7.59 29.29 6.15
N TYR E 192 -8.05 28.44 7.06
CA TYR E 192 -7.65 27.05 7.00
C TYR E 192 -8.19 26.44 5.71
N TYR E 193 -7.30 25.82 4.97
CA TYR E 193 -7.63 25.30 3.67
C TYR E 193 -8.72 24.23 3.79
N ALA E 194 -9.86 24.52 3.19
CA ALA E 194 -11.03 23.67 3.29
C ALA E 194 -10.88 22.25 2.68
N SER E 195 -9.92 22.03 1.77
CA SER E 195 -9.78 20.69 1.18
C SER E 195 -8.45 20.04 1.55
N SER E 196 -7.85 20.55 2.61
CA SER E 196 -6.69 19.88 3.20
C SER E 196 -6.94 18.39 3.46
N LYS E 197 -5.87 17.60 3.46
CA LYS E 197 -5.97 16.18 3.86
C LYS E 197 -6.29 16.08 5.35
N TYR E 198 -6.03 17.15 6.08
CA TYR E 198 -6.30 17.17 7.51
C TYR E 198 -7.32 18.20 7.91
N GLU E 199 -8.27 17.81 8.73
CA GLU E 199 -9.13 18.77 9.38
C GLU E 199 -8.72 19.01 10.84
N ILE E 200 -8.93 20.24 11.30
CA ILE E 200 -8.54 20.70 12.61
C ILE E 200 -9.64 20.52 13.62
N LEU E 201 -9.37 19.73 14.66
CA LEU E 201 -10.33 19.56 15.73
C LEU E 201 -10.24 20.75 16.67
N SER E 202 -9.02 21.16 17.00
CA SER E 202 -8.85 22.35 17.86
C SER E 202 -7.44 22.87 17.75
N ALA E 203 -7.27 24.15 17.99
CA ALA E 203 -5.95 24.75 17.92
C ALA E 203 -5.89 25.92 18.86
N THR E 204 -4.92 25.85 19.78
CA THR E 204 -4.79 26.83 20.86
C THR E 204 -3.36 27.41 20.88
N GLN E 205 -3.26 28.64 21.37
CA GLN E 205 -2.00 29.32 21.53
C GLN E 205 -1.95 29.88 22.96
N THR E 206 -1.00 29.36 23.76
CA THR E 206 -0.94 29.66 25.21
C THR E 206 0.49 30.00 25.66
N ARG E 207 0.59 31.12 26.35
CA ARG E 207 1.83 31.58 26.95
C ARG E 207 2.33 30.51 27.91
N GLN E 208 3.62 30.17 27.84
CA GLN E 208 4.26 29.27 28.82
C GLN E 208 5.55 29.92 29.30
N VAL E 209 6.14 29.39 30.38
CA VAL E 209 7.48 29.78 30.87
C VAL E 209 8.33 28.58 31.15
N GLN E 210 9.66 28.77 31.21
CA GLN E 210 10.62 27.68 31.39
C GLN E 210 12.06 28.19 31.61
N HIS E 211 12.86 27.39 32.33
CA HIS E 211 14.32 27.59 32.42
CA HIS E 211 14.29 27.64 32.37
C HIS E 211 14.93 26.72 31.37
N TYR E 212 16.15 27.05 30.98
CA TYR E 212 16.92 26.18 30.10
C TYR E 212 18.21 26.02 30.81
N SER E 213 18.92 24.94 30.51
CA SER E 213 20.10 24.61 31.24
C SER E 213 21.24 25.62 31.05
N CYS E 214 21.22 26.38 29.95
CA CYS E 214 22.29 27.36 29.66
C CYS E 214 22.27 28.55 30.58
N CYS E 215 21.11 28.82 31.14
CA CYS E 215 20.82 30.18 31.55
C CYS E 215 20.00 30.23 32.85
N PRO E 216 20.26 31.19 33.74
CA PRO E 216 19.37 31.25 34.91
C PRO E 216 17.95 31.84 34.59
N GLU E 217 17.86 32.84 33.72
CA GLU E 217 16.61 33.57 33.50
C GLU E 217 15.46 32.73 32.92
N PRO E 218 14.21 33.01 33.33
CA PRO E 218 13.11 32.33 32.62
C PRO E 218 12.88 32.92 31.22
N TYR E 219 12.39 32.09 30.31
CA TYR E 219 12.15 32.48 28.92
C TYR E 219 10.68 32.28 28.62
N ILE E 220 10.08 33.21 27.87
CA ILE E 220 8.65 33.08 27.55
C ILE E 220 8.48 32.49 26.15
N ASP E 221 7.48 31.61 26.02
CA ASP E 221 7.06 31.08 24.72
C ASP E 221 5.52 31.10 24.57
N VAL E 222 5.03 31.06 23.33
CA VAL E 222 3.61 30.80 23.08
C VAL E 222 3.52 29.39 22.48
N ASN E 223 2.81 28.50 23.16
CA ASN E 223 2.68 27.11 22.74
C ASN E 223 1.48 26.93 21.84
N LEU E 224 1.72 26.37 20.66
CA LEU E 224 0.71 26.11 19.67
C LEU E 224 0.40 24.64 19.76
N VAL E 225 -0.83 24.29 20.17
CA VAL E 225 -1.29 22.89 20.29
C VAL E 225 -2.40 22.70 19.25
N VAL E 226 -2.26 21.66 18.42
CA VAL E 226 -3.21 21.39 17.34
C VAL E 226 -3.65 19.97 17.43
N LYS E 227 -4.96 19.77 17.48
CA LYS E 227 -5.53 18.42 17.37
C LYS E 227 -6.09 18.31 15.98
N PHE E 228 -5.69 17.27 15.25
CA PHE E 228 -6.10 17.20 13.86
C PHE E 228 -6.39 15.77 13.48
N ARG E 229 -7.04 15.59 12.34
CA ARG E 229 -7.59 14.32 11.97
C ARG E 229 -7.62 14.25 10.45
N GLU E 230 -7.43 13.06 9.87
CA GLU E 230 -7.64 12.87 8.43
C GLU E 230 -9.04 13.31 8.02
N ARG E 231 -9.18 14.12 6.97
CA ARG E 231 -10.50 14.48 6.42
C ARG E 231 -10.88 13.26 5.62
N ARG E 232 -12.07 12.68 5.81
CA ARG E 232 -13.29 13.34 6.27
C ARG E 232 -13.51 13.34 7.79
N LYS F 23 -12.55 -4.89 -32.36
CA LYS F 23 -11.79 -4.16 -31.31
C LYS F 23 -12.62 -3.04 -30.63
N LEU F 24 -13.96 -3.16 -30.71
CA LEU F 24 -14.89 -2.16 -30.16
C LEU F 24 -14.85 -2.06 -28.62
N HIS F 25 -14.94 -3.18 -27.91
CA HIS F 25 -14.76 -3.22 -26.45
C HIS F 25 -15.83 -2.46 -25.68
N SER F 26 -17.08 -2.92 -25.81
CA SER F 26 -18.18 -2.44 -25.00
C SER F 26 -18.31 -3.34 -23.77
N GLN F 27 -17.30 -4.18 -23.59
CA GLN F 27 -17.13 -4.97 -22.39
C GLN F 27 -16.94 -4.04 -21.19
N ALA F 28 -16.33 -2.89 -21.43
CA ALA F 28 -16.21 -1.85 -20.41
C ALA F 28 -17.58 -1.28 -20.01
N ASN F 29 -18.47 -1.13 -20.99
CA ASN F 29 -19.83 -0.63 -20.75
C ASN F 29 -20.60 -1.53 -19.83
N LEU F 30 -20.40 -2.84 -19.98
CA LEU F 30 -21.12 -3.82 -19.19
C LEU F 30 -20.57 -3.90 -17.77
N MET F 31 -19.25 -3.79 -17.61
CA MET F 31 -18.62 -3.79 -16.28
C MET F 31 -19.09 -2.58 -15.49
N ARG F 32 -19.46 -1.54 -16.22
CA ARG F 32 -19.89 -0.27 -15.63
C ARG F 32 -21.33 -0.38 -15.16
N LEU F 33 -22.20 -0.91 -16.01
CA LEU F 33 -23.61 -1.10 -15.65
C LEU F 33 -23.72 -1.98 -14.41
N LYS F 34 -22.95 -3.06 -14.42
CA LYS F 34 -22.97 -4.04 -13.35
C LYS F 34 -22.49 -3.42 -12.05
N SER F 35 -21.40 -2.67 -12.11
CA SER F 35 -20.88 -1.95 -10.96
C SER F 35 -21.90 -0.93 -10.43
N ASP F 36 -22.57 -0.25 -11.35
CA ASP F 36 -23.52 0.81 -10.98
C ASP F 36 -24.72 0.27 -10.23
N LEU F 37 -25.24 -0.88 -10.66
CA LEU F 37 -26.45 -1.45 -10.05
C LEU F 37 -26.20 -2.11 -8.70
N PHE F 38 -25.05 -2.77 -8.57
CA PHE F 38 -24.73 -3.53 -7.37
C PHE F 38 -24.00 -2.64 -6.36
N ASN F 39 -22.68 -2.57 -6.50
CA ASN F 39 -21.77 -1.82 -5.63
C ASN F 39 -22.25 -0.41 -5.27
N ARG F 40 -22.37 0.43 -6.28
CA ARG F 40 -22.76 1.83 -6.07
C ARG F 40 -24.27 2.10 -6.20
N SER F 41 -25.04 1.78 -5.17
CA SER F 41 -26.49 1.96 -5.26
C SER F 41 -27.19 1.82 -3.90
N PRO F 42 -28.25 2.64 -3.66
CA PRO F 42 -29.19 2.49 -2.53
C PRO F 42 -29.92 1.13 -2.54
N MET F 43 -29.51 0.21 -1.68
CA MET F 43 -29.76 -1.23 -1.84
C MET F 43 -31.18 -1.78 -1.60
N TYR F 44 -31.57 -2.70 -2.50
CA TYR F 44 -32.75 -3.60 -2.36
C TYR F 44 -32.71 -4.62 -1.22
N PRO F 45 -33.53 -4.42 -0.19
CA PRO F 45 -33.51 -5.28 0.96
C PRO F 45 -34.63 -6.31 0.95
N GLY F 46 -35.19 -6.59 -0.22
CA GLY F 46 -36.32 -7.49 -0.28
C GLY F 46 -37.64 -6.72 -0.21
N PRO F 47 -38.74 -7.42 -0.46
CA PRO F 47 -40.07 -6.81 -0.52
C PRO F 47 -40.62 -6.59 0.90
N THR F 48 -41.49 -5.58 1.06
CA THR F 48 -42.15 -5.23 2.33
C THR F 48 -43.63 -4.97 2.02
N LYS F 49 -44.46 -4.77 3.04
CA LYS F 49 -45.85 -4.40 2.76
C LYS F 49 -45.96 -3.07 2.03
N ASP F 50 -44.96 -2.20 2.20
CA ASP F 50 -44.92 -0.88 1.57
C ASP F 50 -44.40 -0.92 0.11
N ASP F 51 -43.79 -2.04 -0.25
CA ASP F 51 -43.22 -2.23 -1.57
C ASP F 51 -43.35 -3.72 -1.93
N PRO F 52 -44.62 -4.22 -2.07
CA PRO F 52 -44.81 -5.65 -2.30
C PRO F 52 -44.34 -6.11 -3.67
N LEU F 53 -44.03 -7.40 -3.78
CA LEU F 53 -43.54 -7.92 -5.04
C LEU F 53 -44.40 -9.07 -5.53
N THR F 54 -44.60 -9.11 -6.84
CA THR F 54 -45.29 -10.24 -7.46
C THR F 54 -44.27 -11.05 -8.23
N VAL F 55 -44.16 -12.34 -7.85
CA VAL F 55 -43.29 -13.27 -8.54
C VAL F 55 -44.08 -14.21 -9.43
N THR F 56 -43.78 -14.22 -10.71
CA THR F 56 -44.42 -15.19 -11.63
C THR F 56 -43.70 -16.53 -11.61
N LEU F 57 -44.45 -17.61 -11.40
CA LEU F 57 -43.90 -18.95 -11.31
C LEU F 57 -44.49 -19.84 -12.35
N GLY F 58 -43.65 -20.73 -12.91
CA GLY F 58 -44.06 -21.69 -13.94
C GLY F 58 -43.15 -22.88 -13.82
N PHE F 59 -43.69 -24.08 -14.03
CA PHE F 59 -42.83 -25.28 -13.91
C PHE F 59 -42.76 -26.00 -15.22
N THR F 60 -41.58 -26.56 -15.48
CA THR F 60 -41.36 -27.43 -16.65
C THR F 60 -40.91 -28.76 -16.10
N LEU F 61 -41.72 -29.79 -16.30
CA LEU F 61 -41.44 -31.07 -15.69
C LEU F 61 -40.66 -31.91 -16.66
N GLN F 62 -39.41 -32.23 -16.29
CA GLN F 62 -38.55 -33.04 -17.16
C GLN F 62 -38.64 -34.58 -16.97
N ASP F 63 -38.81 -35.06 -15.73
CA ASP F 63 -38.76 -36.49 -15.43
C ASP F 63 -39.25 -36.81 -14.03
N ILE F 64 -40.11 -37.83 -13.93
CA ILE F 64 -40.38 -38.45 -12.64
C ILE F 64 -39.38 -39.56 -12.60
N VAL F 65 -38.33 -39.37 -11.79
CA VAL F 65 -37.22 -40.32 -11.81
C VAL F 65 -37.58 -41.59 -11.04
N LYS F 66 -38.16 -41.42 -9.85
CA LYS F 66 -38.30 -42.53 -8.90
C LYS F 66 -39.60 -42.37 -8.10
N ALA F 67 -40.31 -43.47 -7.88
CA ALA F 67 -41.47 -43.48 -7.00
C ALA F 67 -41.26 -44.58 -5.97
N ASP F 68 -41.13 -44.20 -4.70
CA ASP F 68 -40.84 -45.15 -3.64
C ASP F 68 -42.07 -45.43 -2.80
N SER F 69 -42.66 -46.59 -3.00
CA SER F 69 -43.92 -46.88 -2.32
C SER F 69 -43.73 -47.39 -0.89
N SER F 70 -42.50 -47.71 -0.51
CA SER F 70 -42.28 -48.11 0.87
C SER F 70 -42.09 -46.85 1.74
N THR F 71 -41.81 -45.69 1.15
CA THR F 71 -41.64 -44.48 1.97
C THR F 71 -42.58 -43.34 1.60
N ASN F 72 -43.29 -43.51 0.50
CA ASN F 72 -44.12 -42.44 -0.05
C ASN F 72 -43.36 -41.15 -0.30
N GLU F 73 -42.29 -41.32 -1.07
CA GLU F 73 -41.57 -40.22 -1.65
C GLU F 73 -41.51 -40.47 -3.14
N VAL F 74 -41.60 -39.38 -3.89
CA VAL F 74 -41.39 -39.43 -5.31
C VAL F 74 -40.31 -38.38 -5.68
N ASP F 75 -39.44 -38.73 -6.64
CA ASP F 75 -38.40 -37.80 -7.09
C ASP F 75 -38.67 -37.27 -8.48
N LEU F 76 -38.69 -35.93 -8.59
CA LEU F 76 -38.95 -35.18 -9.83
C LEU F 76 -37.75 -34.36 -10.19
N VAL F 77 -37.51 -34.24 -11.49
CA VAL F 77 -36.57 -33.32 -12.05
C VAL F 77 -37.37 -32.31 -12.89
N TYR F 78 -37.14 -31.02 -12.64
CA TYR F 78 -37.95 -29.97 -13.24
C TYR F 78 -37.14 -28.66 -13.30
N TYR F 79 -37.66 -27.70 -14.06
CA TYR F 79 -37.17 -26.32 -14.12
C TYR F 79 -38.20 -25.49 -13.43
N GLU F 80 -37.78 -24.58 -12.56
CA GLU F 80 -38.68 -23.64 -11.94
CA GLU F 80 -38.71 -23.63 -11.98
C GLU F 80 -38.39 -22.22 -12.47
N GLN F 81 -39.20 -21.77 -13.42
CA GLN F 81 -39.05 -20.45 -14.02
C GLN F 81 -39.57 -19.40 -13.02
N GLN F 82 -38.71 -18.45 -12.66
CA GLN F 82 -39.10 -17.39 -11.72
C GLN F 82 -38.92 -16.06 -12.39
N ARG F 83 -39.92 -15.19 -12.30
CA ARG F 83 -39.79 -13.85 -12.86
C ARG F 83 -40.33 -12.79 -11.92
N TRP F 84 -39.60 -11.68 -11.86
CA TRP F 84 -40.05 -10.54 -11.09
C TRP F 84 -39.45 -9.29 -11.67
N LYS F 85 -39.85 -8.16 -11.12
CA LYS F 85 -39.50 -6.90 -11.70
C LYS F 85 -39.18 -5.89 -10.62
N LEU F 86 -37.95 -5.39 -10.59
CA LEU F 86 -37.57 -4.39 -9.63
C LEU F 86 -37.23 -3.04 -10.29
N ASN F 87 -37.85 -1.97 -9.80
CA ASN F 87 -37.47 -0.61 -10.18
C ASN F 87 -35.99 -0.31 -9.99
N SER F 88 -35.39 -0.78 -8.91
CA SER F 88 -33.96 -0.52 -8.68
C SER F 88 -33.00 -1.21 -9.67
N LEU F 89 -33.54 -2.01 -10.60
CA LEU F 89 -32.70 -2.71 -11.58
C LEU F 89 -32.87 -2.14 -12.99
N MET F 90 -33.57 -1.02 -13.08
CA MET F 90 -33.80 -0.36 -14.36
C MET F 90 -32.58 0.46 -14.79
N TRP F 91 -32.36 0.50 -16.10
CA TRP F 91 -31.40 1.47 -16.68
C TRP F 91 -31.85 1.81 -18.07
N ASP F 92 -31.36 2.96 -18.56
CA ASP F 92 -31.51 3.37 -19.96
C ASP F 92 -30.38 2.73 -20.78
N PRO F 93 -30.75 1.88 -21.76
CA PRO F 93 -29.77 1.26 -22.68
C PRO F 93 -28.78 2.26 -23.32
N ASN F 94 -29.26 3.46 -23.65
CA ASN F 94 -28.45 4.52 -24.28
C ASN F 94 -27.22 4.92 -23.46
N GLU F 95 -27.39 5.00 -22.14
CA GLU F 95 -26.30 5.44 -21.26
C GLU F 95 -25.26 4.34 -21.02
N TYR F 96 -25.41 3.23 -21.76
CA TYR F 96 -24.60 2.03 -21.57
C TYR F 96 -24.38 1.25 -22.87
N GLY F 97 -24.22 1.97 -23.97
CA GLY F 97 -23.93 1.37 -25.27
C GLY F 97 -24.95 0.35 -25.78
N ASN F 98 -26.23 0.67 -25.57
CA ASN F 98 -27.36 -0.13 -26.05
C ASN F 98 -27.46 -1.55 -25.50
N ILE F 99 -26.76 -1.82 -24.39
CA ILE F 99 -26.94 -3.08 -23.65
C ILE F 99 -28.38 -3.11 -23.16
N THR F 100 -29.14 -4.15 -23.52
CA THR F 100 -30.56 -4.28 -23.12
C THR F 100 -30.79 -5.32 -22.01
N ASP F 101 -29.90 -6.29 -21.89
CA ASP F 101 -29.93 -7.18 -20.76
C ASP F 101 -28.52 -7.68 -20.43
N PHE F 102 -28.37 -8.41 -19.32
CA PHE F 102 -27.12 -9.12 -19.02
C PHE F 102 -27.36 -10.34 -18.12
N ARG F 103 -26.38 -11.24 -18.09
CA ARG F 103 -26.45 -12.39 -17.23
C ARG F 103 -25.63 -12.11 -16.00
N THR F 104 -26.11 -12.57 -14.86
CA THR F 104 -25.29 -12.44 -13.67
C THR F 104 -25.57 -13.57 -12.72
N SER F 105 -24.56 -13.90 -11.93
CA SER F 105 -24.69 -14.98 -10.96
C SER F 105 -25.89 -14.62 -10.09
N ALA F 106 -26.71 -15.60 -9.75
CA ALA F 106 -27.86 -15.37 -8.88
C ALA F 106 -27.52 -14.78 -7.50
N ALA F 107 -26.30 -14.98 -7.02
CA ALA F 107 -25.85 -14.45 -5.71
C ALA F 107 -25.56 -12.95 -5.72
N ASP F 108 -25.49 -12.35 -6.90
CA ASP F 108 -25.21 -10.94 -7.00
C ASP F 108 -26.47 -10.10 -6.76
N ILE F 109 -27.64 -10.70 -6.85
CA ILE F 109 -28.90 -9.98 -6.73
C ILE F 109 -29.79 -10.67 -5.69
N TRP F 110 -30.81 -9.94 -5.24
CA TRP F 110 -31.84 -10.54 -4.43
C TRP F 110 -32.60 -11.58 -5.24
N THR F 111 -32.91 -12.71 -4.63
CA THR F 111 -33.85 -13.68 -5.23
C THR F 111 -34.85 -14.16 -4.20
N PRO F 112 -36.11 -14.47 -4.63
CA PRO F 112 -37.17 -14.90 -3.71
C PRO F 112 -36.90 -16.28 -3.13
N ASP F 113 -37.36 -16.49 -1.90
CA ASP F 113 -37.10 -17.71 -1.15
C ASP F 113 -38.22 -18.75 -1.39
N ILE F 114 -38.50 -19.01 -2.66
CA ILE F 114 -39.59 -19.95 -3.06
C ILE F 114 -39.24 -21.38 -2.61
N THR F 115 -40.18 -22.04 -1.93
CA THR F 115 -39.82 -23.31 -1.22
C THR F 115 -40.90 -24.33 -1.44
N ALA F 116 -40.52 -25.58 -1.74
CA ALA F 116 -41.48 -26.70 -1.72
C ALA F 116 -41.88 -26.92 -0.24
N TYR F 117 -43.18 -27.09 0.01
CA TYR F 117 -43.69 -27.26 1.35
C TYR F 117 -43.64 -28.67 1.85
N SER F 118 -43.46 -29.64 0.95
CA SER F 118 -43.49 -31.05 1.34
C SER F 118 -42.24 -31.81 0.89
N SER F 119 -41.11 -31.13 0.78
CA SER F 119 -39.86 -31.81 0.47
C SER F 119 -39.44 -32.71 1.65
N THR F 120 -38.77 -33.82 1.33
CA THR F 120 -38.33 -34.80 2.33
C THR F 120 -36.81 -34.87 2.35
N ARG F 121 -36.17 -34.17 1.42
N ARG F 121 -36.18 -34.17 1.39
CA ARG F 121 -34.71 -34.02 1.42
CA ARG F 121 -34.72 -34.07 1.21
C ARG F 121 -34.34 -32.68 0.76
C ARG F 121 -34.39 -32.63 0.80
N PRO F 122 -33.16 -32.12 1.10
CA PRO F 122 -32.76 -30.84 0.45
C PRO F 122 -32.81 -30.96 -1.11
N VAL F 123 -33.37 -29.93 -1.74
CA VAL F 123 -33.44 -29.84 -3.18
C VAL F 123 -32.02 -29.84 -3.77
N GLN F 124 -31.80 -30.61 -4.81
CA GLN F 124 -30.48 -30.68 -5.38
C GLN F 124 -30.50 -29.86 -6.66
N VAL F 125 -29.55 -28.90 -6.76
CA VAL F 125 -29.47 -27.97 -7.91
C VAL F 125 -28.75 -28.62 -9.07
N LEU F 126 -29.33 -28.55 -10.27
CA LEU F 126 -28.70 -29.26 -11.44
C LEU F 126 -28.01 -28.35 -12.47
N SER F 127 -28.32 -27.07 -12.45
CA SER F 127 -27.84 -26.18 -13.47
C SER F 127 -27.09 -25.04 -12.79
N PRO F 128 -26.29 -24.29 -13.56
CA PRO F 128 -25.77 -23.03 -13.02
C PRO F 128 -26.92 -22.14 -12.51
N GLN F 129 -26.58 -21.23 -11.63
CA GLN F 129 -27.56 -20.31 -11.03
C GLN F 129 -27.20 -18.91 -11.44
N ILE F 130 -27.72 -18.56 -12.60
CA ILE F 130 -27.36 -17.34 -13.26
C ILE F 130 -28.68 -16.77 -13.67
N ALA F 131 -28.86 -15.49 -13.41
CA ALA F 131 -30.11 -14.83 -13.74
C ALA F 131 -29.88 -13.91 -14.94
N VAL F 132 -30.96 -13.59 -15.66
CA VAL F 132 -30.87 -12.68 -16.79
C VAL F 132 -31.60 -11.44 -16.36
N VAL F 133 -30.94 -10.29 -16.40
CA VAL F 133 -31.55 -9.04 -15.98
C VAL F 133 -31.72 -8.15 -17.19
N THR F 134 -32.93 -7.62 -17.39
CA THR F 134 -33.27 -6.80 -18.58
C THR F 134 -33.44 -5.33 -18.16
N HIS F 135 -33.24 -4.39 -19.09
CA HIS F 135 -33.22 -2.92 -18.78
C HIS F 135 -34.45 -2.36 -18.10
N ASP F 136 -35.57 -3.06 -18.28
CA ASP F 136 -36.84 -2.70 -17.67
C ASP F 136 -36.92 -3.21 -16.23
N GLY F 137 -35.84 -3.79 -15.72
CA GLY F 137 -35.74 -4.26 -14.34
C GLY F 137 -36.34 -5.63 -14.10
N SER F 138 -36.70 -6.34 -15.18
CA SER F 138 -37.29 -7.66 -15.04
C SER F 138 -36.17 -8.65 -14.89
N VAL F 139 -36.43 -9.70 -14.13
CA VAL F 139 -35.44 -10.74 -13.86
C VAL F 139 -36.08 -12.05 -14.19
N MET F 140 -35.32 -12.87 -14.91
CA MET F 140 -35.75 -14.21 -15.16
C MET F 140 -34.70 -15.17 -14.61
N PHE F 141 -35.15 -16.16 -13.84
CA PHE F 141 -34.20 -17.05 -13.17
C PHE F 141 -34.78 -18.44 -13.28
N ILE F 142 -34.03 -19.36 -13.86
CA ILE F 142 -34.61 -20.65 -14.23
C ILE F 142 -33.76 -21.83 -13.82
N PRO F 143 -33.71 -22.13 -12.52
CA PRO F 143 -32.83 -23.23 -12.11
C PRO F 143 -33.52 -24.59 -12.35
N ALA F 144 -32.71 -25.60 -12.67
CA ALA F 144 -33.14 -26.99 -12.76
C ALA F 144 -32.84 -27.69 -11.45
N GLN F 145 -33.75 -28.57 -10.99
CA GLN F 145 -33.60 -29.20 -9.67
C GLN F 145 -34.11 -30.60 -9.60
N ARG F 146 -33.58 -31.36 -8.65
CA ARG F 146 -34.21 -32.62 -8.30
C ARG F 146 -34.79 -32.50 -6.89
N LEU F 147 -36.06 -32.83 -6.76
CA LEU F 147 -36.79 -32.75 -5.51
C LEU F 147 -37.40 -34.10 -5.14
N SER F 148 -37.14 -34.57 -3.93
CA SER F 148 -37.89 -35.64 -3.27
C SER F 148 -38.97 -34.97 -2.43
N PHE F 149 -40.20 -35.45 -2.55
CA PHE F 149 -41.35 -34.88 -1.88
C PHE F 149 -42.37 -35.98 -1.50
N MET F 150 -43.21 -35.66 -0.51
CA MET F 150 -44.25 -36.56 0.00
C MET F 150 -45.34 -36.91 -1.00
N CYS F 151 -45.46 -38.20 -1.37
CA CYS F 151 -46.34 -38.66 -2.42
C CYS F 151 -46.61 -40.18 -2.31
N ASP F 152 -47.88 -40.56 -2.16
CA ASP F 152 -48.30 -41.94 -2.18
C ASP F 152 -48.49 -42.37 -3.63
N PRO F 153 -47.60 -43.24 -4.15
CA PRO F 153 -47.74 -43.59 -5.57
C PRO F 153 -48.72 -44.74 -5.82
N THR F 154 -49.50 -45.12 -4.82
CA THR F 154 -50.51 -46.18 -4.97
C THR F 154 -51.33 -45.87 -6.22
N GLY F 155 -51.49 -46.87 -7.09
CA GLY F 155 -52.26 -46.69 -8.33
C GLY F 155 -51.38 -46.46 -9.54
N VAL F 156 -50.09 -46.28 -9.31
CA VAL F 156 -49.16 -45.99 -10.41
C VAL F 156 -49.13 -47.10 -11.48
N ASP F 157 -49.44 -48.32 -11.07
CA ASP F 157 -49.40 -49.49 -11.98
C ASP F 157 -50.79 -49.84 -12.48
N SER F 158 -51.72 -48.90 -12.41
CA SER F 158 -53.07 -49.03 -12.95
C SER F 158 -53.23 -47.95 -14.00
N GLU F 159 -54.29 -48.02 -14.80
CA GLU F 159 -54.46 -47.10 -15.94
C GLU F 159 -54.95 -45.72 -15.50
N GLU F 160 -55.62 -45.68 -14.35
CA GLU F 160 -56.03 -44.41 -13.75
C GLU F 160 -54.82 -43.67 -13.14
N GLY F 161 -53.79 -44.39 -12.74
CA GLY F 161 -52.55 -43.78 -12.24
C GLY F 161 -52.60 -43.17 -10.84
N ALA F 162 -51.50 -42.57 -10.41
CA ALA F 162 -51.43 -41.97 -9.09
C ALA F 162 -51.55 -40.47 -9.23
N THR F 163 -52.05 -39.82 -8.19
CA THR F 163 -52.05 -38.37 -8.13
C THR F 163 -51.23 -37.87 -6.95
N CYS F 164 -50.41 -36.85 -7.18
CA CYS F 164 -49.71 -36.22 -6.10
C CYS F 164 -49.63 -34.73 -6.33
N ALA F 165 -49.36 -34.01 -5.24
CA ALA F 165 -49.38 -32.57 -5.24
C ALA F 165 -48.21 -32.13 -4.40
N VAL F 166 -47.51 -31.06 -4.80
CA VAL F 166 -46.57 -30.37 -3.96
C VAL F 166 -46.73 -28.88 -4.23
N LYS F 167 -46.81 -28.07 -3.17
CA LYS F 167 -46.93 -26.63 -3.34
C LYS F 167 -45.63 -25.90 -3.07
N PHE F 168 -45.48 -24.78 -3.77
CA PHE F 168 -44.29 -23.98 -3.76
C PHE F 168 -44.69 -22.54 -3.43
N GLY F 169 -44.03 -21.94 -2.45
CA GLY F 169 -44.25 -20.53 -2.22
C GLY F 169 -43.17 -20.00 -1.31
N SER F 170 -43.18 -18.69 -1.09
CA SER F 170 -42.22 -18.11 -0.18
C SER F 170 -42.31 -18.72 1.22
N TRP F 171 -41.17 -19.01 1.82
CA TRP F 171 -41.18 -19.55 3.20
C TRP F 171 -41.55 -18.48 4.22
N VAL F 172 -41.02 -17.28 4.05
CA VAL F 172 -41.15 -16.28 5.11
C VAL F 172 -41.91 -14.98 4.77
N TYR F 173 -42.27 -14.77 3.50
CA TYR F 173 -43.06 -13.60 3.16
C TYR F 173 -44.53 -13.96 2.95
N SER F 174 -45.41 -13.24 3.63
CA SER F 174 -46.85 -13.35 3.48
C SER F 174 -47.30 -12.74 2.15
N GLY F 175 -48.57 -12.94 1.82
CA GLY F 175 -49.18 -12.42 0.57
C GLY F 175 -49.13 -10.91 0.43
N PHE F 176 -48.88 -10.25 1.57
CA PHE F 176 -48.66 -8.82 1.66
C PHE F 176 -47.25 -8.38 1.27
N GLU F 177 -46.32 -9.32 1.15
CA GLU F 177 -44.96 -8.95 0.71
C GLU F 177 -44.62 -9.58 -0.62
N ILE F 178 -44.96 -10.85 -0.78
CA ILE F 178 -44.71 -11.58 -2.00
C ILE F 178 -46.02 -12.22 -2.41
N ASP F 179 -46.51 -11.82 -3.59
CA ASP F 179 -47.63 -12.47 -4.21
C ASP F 179 -47.09 -13.29 -5.38
N LEU F 180 -47.82 -14.32 -5.77
CA LEU F 180 -47.45 -15.20 -6.86
C LEU F 180 -48.53 -15.25 -7.95
N LYS F 181 -48.08 -15.44 -9.19
CA LYS F 181 -48.90 -15.44 -10.40
C LYS F 181 -48.40 -16.62 -11.25
N THR F 182 -49.31 -17.23 -12.00
CA THR F 182 -48.91 -18.10 -13.11
C THR F 182 -49.34 -17.50 -14.42
N ASP F 183 -48.63 -17.84 -15.50
CA ASP F 183 -49.02 -17.39 -16.82
C ASP F 183 -50.02 -18.37 -17.44
N THR F 184 -50.03 -19.58 -16.94
CA THR F 184 -50.96 -20.59 -17.40
C THR F 184 -51.13 -21.57 -16.28
N ASP F 185 -52.21 -22.32 -16.27
CA ASP F 185 -52.29 -23.39 -15.28
C ASP F 185 -51.82 -24.74 -15.78
N GLN F 186 -51.28 -24.79 -16.99
CA GLN F 186 -50.72 -26.03 -17.54
C GLN F 186 -49.24 -26.13 -17.23
N VAL F 187 -48.83 -27.17 -16.52
CA VAL F 187 -47.40 -27.42 -16.34
C VAL F 187 -46.81 -27.70 -17.72
N ASP F 188 -45.67 -27.11 -18.04
CA ASP F 188 -45.12 -27.27 -19.40
C ASP F 188 -44.52 -28.68 -19.50
N LEU F 189 -45.03 -29.52 -20.41
CA LEU F 189 -44.62 -30.94 -20.53
C LEU F 189 -43.81 -31.23 -21.79
N SER F 190 -43.45 -30.21 -22.54
CA SER F 190 -42.86 -30.41 -23.87
C SER F 190 -41.38 -30.84 -23.86
N SER F 191 -40.81 -30.99 -22.68
CA SER F 191 -39.45 -31.47 -22.51
C SER F 191 -39.51 -32.74 -21.67
N TYR F 192 -40.69 -33.27 -21.41
CA TYR F 192 -40.74 -34.43 -20.54
C TYR F 192 -39.93 -35.54 -21.21
N TYR F 193 -39.03 -36.20 -20.48
CA TYR F 193 -38.27 -37.29 -21.04
C TYR F 193 -39.21 -38.38 -21.56
N ALA F 194 -39.18 -38.64 -22.86
CA ALA F 194 -40.05 -39.66 -23.50
C ALA F 194 -39.83 -41.11 -23.06
N SER F 195 -38.67 -41.43 -22.51
CA SER F 195 -38.48 -42.82 -22.08
C SER F 195 -38.42 -42.92 -20.56
N SER F 196 -39.07 -41.97 -19.88
CA SER F 196 -39.24 -42.06 -18.43
C SER F 196 -39.96 -43.36 -18.04
N LYS F 197 -39.75 -43.80 -16.80
CA LYS F 197 -40.52 -44.98 -16.31
C LYS F 197 -42.01 -44.62 -16.11
N TYR F 198 -42.28 -43.32 -16.02
CA TYR F 198 -43.63 -42.81 -15.80
C TYR F 198 -44.03 -41.85 -16.89
N GLU F 199 -45.20 -42.10 -17.46
CA GLU F 199 -45.79 -41.11 -18.36
C GLU F 199 -46.77 -40.20 -17.59
N ILE F 200 -46.81 -38.94 -18.02
CA ILE F 200 -47.64 -37.97 -17.34
C ILE F 200 -49.01 -37.96 -17.97
N LEU F 201 -50.05 -38.12 -17.13
CA LEU F 201 -51.43 -38.00 -17.58
C LEU F 201 -51.89 -36.55 -17.54
N SER F 202 -51.51 -35.83 -16.49
CA SER F 202 -51.80 -34.39 -16.42
C SER F 202 -50.95 -33.74 -15.35
N ALA F 203 -50.77 -32.43 -15.50
CA ALA F 203 -49.93 -31.66 -14.56
C ALA F 203 -50.41 -30.23 -14.62
N THR F 204 -50.91 -29.74 -13.49
CA THR F 204 -51.43 -28.39 -13.46
C THR F 204 -50.69 -27.62 -12.37
N GLN F 205 -50.69 -26.30 -12.49
CA GLN F 205 -50.07 -25.40 -11.50
C GLN F 205 -51.11 -24.33 -11.18
N THR F 206 -51.38 -24.12 -9.89
CA THR F 206 -52.53 -23.29 -9.48
C THR F 206 -52.20 -22.48 -8.24
N ARG F 207 -52.41 -21.18 -8.35
CA ARG F 207 -52.28 -20.23 -7.26
C ARG F 207 -53.29 -20.57 -6.16
N GLN F 208 -52.84 -20.57 -4.91
CA GLN F 208 -53.76 -20.74 -3.77
C GLN F 208 -53.36 -19.73 -2.69
N VAL F 209 -54.32 -19.39 -1.81
CA VAL F 209 -54.11 -18.52 -0.70
C VAL F 209 -54.32 -19.35 0.57
N GLN F 210 -53.29 -19.46 1.43
CA GLN F 210 -53.44 -20.22 2.68
C GLN F 210 -53.12 -19.49 4.00
N HIS F 211 -53.86 -19.89 5.05
CA HIS F 211 -53.55 -19.49 6.42
C HIS F 211 -53.09 -20.68 7.18
N TYR F 212 -51.90 -20.57 7.77
CA TYR F 212 -51.26 -21.66 8.52
C TYR F 212 -51.37 -21.41 10.02
N SER F 213 -51.35 -22.51 10.78
CA SER F 213 -51.24 -22.49 12.25
C SER F 213 -50.35 -21.37 12.81
N CYS F 214 -49.10 -21.34 12.35
CA CYS F 214 -48.06 -20.44 12.87
C CYS F 214 -48.43 -18.98 12.95
N CYS F 215 -49.20 -18.49 11.97
CA CYS F 215 -49.12 -17.09 11.53
C CYS F 215 -50.48 -16.47 11.15
N PRO F 216 -50.67 -15.18 11.41
CA PRO F 216 -52.01 -14.64 11.14
C PRO F 216 -52.24 -14.19 9.68
N GLU F 217 -51.18 -14.06 8.88
CA GLU F 217 -51.32 -13.50 7.53
C GLU F 217 -51.44 -14.61 6.49
N PRO F 218 -52.09 -14.31 5.35
CA PRO F 218 -52.11 -15.30 4.27
C PRO F 218 -50.74 -15.48 3.62
N TYR F 219 -50.42 -16.72 3.25
CA TYR F 219 -49.25 -17.04 2.47
C TYR F 219 -49.71 -17.62 1.15
N ILE F 220 -49.01 -17.24 0.08
CA ILE F 220 -49.42 -17.64 -1.27
C ILE F 220 -48.53 -18.80 -1.76
N ASP F 221 -49.14 -19.78 -2.44
CA ASP F 221 -48.37 -20.81 -3.08
C ASP F 221 -48.87 -21.08 -4.48
N VAL F 222 -48.09 -21.86 -5.23
CA VAL F 222 -48.56 -22.41 -6.48
C VAL F 222 -48.49 -23.92 -6.31
N ASN F 223 -49.67 -24.57 -6.41
CA ASN F 223 -49.82 -26.00 -6.25
C ASN F 223 -49.63 -26.72 -7.57
N LEU F 224 -48.72 -27.70 -7.56
CA LEU F 224 -48.47 -28.56 -8.71
C LEU F 224 -49.15 -29.91 -8.46
N VAL F 225 -50.12 -30.26 -9.30
CA VAL F 225 -50.81 -31.54 -9.19
C VAL F 225 -50.40 -32.36 -10.40
N VAL F 226 -49.78 -33.51 -10.16
CA VAL F 226 -49.36 -34.38 -11.26
C VAL F 226 -50.03 -35.73 -11.12
N LYS F 227 -50.61 -36.21 -12.22
CA LYS F 227 -51.15 -37.56 -12.34
C LYS F 227 -50.26 -38.33 -13.30
N PHE F 228 -49.84 -39.51 -12.87
CA PHE F 228 -48.85 -40.31 -13.60
C PHE F 228 -49.06 -41.80 -13.41
N ARG F 229 -48.46 -42.59 -14.28
CA ARG F 229 -48.53 -44.03 -14.19
C ARG F 229 -47.30 -44.61 -14.90
N GLU F 230 -47.06 -45.90 -14.67
CA GLU F 230 -45.98 -46.64 -15.33
C GLU F 230 -46.17 -46.69 -16.84
N ARG F 231 -45.12 -46.38 -17.61
CA ARG F 231 -45.18 -46.42 -19.06
C ARG F 231 -45.39 -47.85 -19.50
N ARG F 232 -46.25 -48.05 -20.50
CA ARG F 232 -46.41 -49.35 -21.17
C ARG F 232 -46.39 -49.16 -22.68
N ASP G 21 20.62 -18.57 -7.71
CA ASP G 21 19.26 -19.13 -7.97
C ASP G 21 18.51 -18.33 -9.01
N ASP G 22 18.25 -18.98 -10.15
CA ASP G 22 17.45 -18.38 -11.22
C ASP G 22 15.97 -18.59 -10.90
N LYS G 23 15.71 -18.88 -9.63
CA LYS G 23 14.35 -19.02 -9.09
C LYS G 23 13.84 -17.67 -8.56
N LEU G 24 14.76 -16.85 -8.00
CA LEU G 24 14.47 -15.47 -7.62
C LEU G 24 13.63 -14.79 -8.72
N HIS G 25 14.21 -14.71 -9.92
CA HIS G 25 13.65 -13.95 -11.04
C HIS G 25 12.43 -14.54 -11.68
N SER G 26 12.52 -15.79 -12.13
CA SER G 26 11.43 -16.45 -12.87
C SER G 26 10.13 -16.58 -12.04
N GLN G 27 10.28 -16.89 -10.75
CA GLN G 27 9.15 -16.93 -9.81
C GLN G 27 8.54 -15.55 -9.53
N ALA G 28 9.39 -14.53 -9.40
CA ALA G 28 8.95 -13.15 -9.19
C ALA G 28 8.08 -12.63 -10.34
N ASN G 29 8.42 -13.04 -11.57
CA ASN G 29 7.68 -12.68 -12.78
C ASN G 29 6.35 -13.43 -12.90
N LEU G 30 6.34 -14.74 -12.62
CA LEU G 30 5.09 -15.52 -12.60
C LEU G 30 4.08 -14.86 -11.68
N MET G 31 4.56 -14.38 -10.53
CA MET G 31 3.71 -13.78 -9.51
C MET G 31 3.32 -12.34 -9.87
N ARG G 32 4.20 -11.63 -10.58
CA ARG G 32 3.85 -10.31 -11.15
C ARG G 32 2.85 -10.45 -12.30
N LEU G 33 2.99 -11.52 -13.07
CA LEU G 33 2.10 -11.78 -14.20
C LEU G 33 0.70 -12.12 -13.70
N LYS G 34 0.63 -12.94 -12.66
CA LYS G 34 -0.65 -13.29 -12.03
C LYS G 34 -1.29 -12.05 -11.37
N SER G 35 -0.47 -11.16 -10.81
CA SER G 35 -0.99 -9.95 -10.18
C SER G 35 -1.44 -8.97 -11.25
N ASP G 36 -0.67 -8.88 -12.34
CA ASP G 36 -1.01 -7.98 -13.44
C ASP G 36 -2.33 -8.37 -14.14
N LEU G 37 -2.48 -9.67 -14.41
CA LEU G 37 -3.64 -10.17 -15.14
C LEU G 37 -4.91 -10.09 -14.31
N PHE G 38 -4.80 -10.44 -13.03
CA PHE G 38 -5.98 -10.52 -12.19
C PHE G 38 -6.39 -9.18 -11.55
N ASN G 39 -5.53 -8.16 -11.62
CA ASN G 39 -5.88 -6.83 -11.13
C ASN G 39 -5.58 -5.71 -12.12
N TYR G 44 -13.82 -9.74 -15.72
CA TYR G 44 -14.34 -10.14 -17.04
C TYR G 44 -15.82 -10.50 -16.95
N PRO G 45 -16.67 -9.74 -17.64
CA PRO G 45 -18.10 -9.91 -17.41
C PRO G 45 -18.73 -11.12 -18.12
N GLY G 46 -17.95 -11.97 -18.77
CA GLY G 46 -18.57 -12.99 -19.63
C GLY G 46 -18.88 -12.44 -21.03
N PRO G 47 -19.17 -13.32 -21.99
CA PRO G 47 -19.39 -12.91 -23.39
C PRO G 47 -20.70 -12.15 -23.62
N THR G 48 -20.75 -11.39 -24.71
CA THR G 48 -21.93 -10.63 -25.14
C THR G 48 -22.10 -10.78 -26.65
N LYS G 49 -23.33 -10.51 -27.13
CA LYS G 49 -23.58 -10.26 -28.55
C LYS G 49 -22.38 -9.67 -29.30
N ASP G 50 -21.88 -8.55 -28.78
CA ASP G 50 -20.78 -7.81 -29.41
C ASP G 50 -19.42 -8.49 -29.26
N ASP G 51 -19.17 -9.10 -28.10
CA ASP G 51 -17.93 -9.84 -27.87
C ASP G 51 -18.25 -11.33 -27.65
N PRO G 52 -18.58 -12.07 -28.73
CA PRO G 52 -18.90 -13.48 -28.51
C PRO G 52 -17.65 -14.30 -28.27
N LEU G 53 -17.83 -15.44 -27.63
CA LEU G 53 -16.75 -16.29 -27.27
C LEU G 53 -17.03 -17.67 -27.86
N THR G 54 -16.00 -18.27 -28.44
CA THR G 54 -16.09 -19.63 -28.92
C THR G 54 -15.58 -20.54 -27.82
N VAL G 55 -16.35 -21.59 -27.51
CA VAL G 55 -15.90 -22.61 -26.57
C VAL G 55 -15.83 -24.00 -27.22
N THR G 56 -14.66 -24.62 -27.20
CA THR G 56 -14.50 -25.91 -27.82
C THR G 56 -14.64 -26.99 -26.72
N LEU G 57 -15.54 -27.95 -26.96
CA LEU G 57 -15.89 -29.00 -26.02
C LEU G 57 -15.51 -30.37 -26.58
N GLY G 58 -14.97 -31.26 -25.74
CA GLY G 58 -14.65 -32.64 -26.15
C GLY G 58 -14.74 -33.63 -24.99
N PHE G 59 -15.21 -34.84 -25.26
CA PHE G 59 -15.37 -35.80 -24.19
C PHE G 59 -14.42 -36.97 -24.33
N THR G 60 -13.96 -37.45 -23.17
CA THR G 60 -13.17 -38.66 -23.06
C THR G 60 -13.95 -39.56 -22.14
N LEU G 61 -14.51 -40.63 -22.67
CA LEU G 61 -15.39 -41.46 -21.86
C LEU G 61 -14.58 -42.54 -21.17
N GLN G 62 -14.66 -42.59 -19.84
CA GLN G 62 -13.82 -43.47 -18.99
C GLN G 62 -14.57 -44.76 -18.58
N ASP G 63 -15.85 -44.63 -18.23
CA ASP G 63 -16.61 -45.79 -17.74
C ASP G 63 -18.10 -45.48 -17.72
N ILE G 64 -18.91 -46.47 -18.05
CA ILE G 64 -20.32 -46.43 -17.72
C ILE G 64 -20.37 -47.25 -16.47
N VAL G 65 -20.47 -46.57 -15.33
CA VAL G 65 -20.39 -47.26 -14.06
C VAL G 65 -21.66 -48.07 -13.80
N LYS G 66 -22.81 -47.56 -14.22
CA LYS G 66 -24.07 -48.09 -13.73
C LYS G 66 -25.18 -47.79 -14.71
N ALA G 67 -26.05 -48.77 -14.95
CA ALA G 67 -27.23 -48.52 -15.76
C ALA G 67 -28.47 -49.01 -15.01
N ASP G 68 -29.31 -48.08 -14.59
CA ASP G 68 -30.41 -48.38 -13.67
C ASP G 68 -31.73 -48.40 -14.44
N SER G 69 -32.23 -49.62 -14.68
CA SER G 69 -33.46 -49.79 -15.44
C SER G 69 -34.68 -49.61 -14.53
N SER G 70 -34.48 -49.52 -13.21
CA SER G 70 -35.60 -49.20 -12.33
C SER G 70 -35.93 -47.71 -12.37
N THR G 71 -34.96 -46.86 -12.69
CA THR G 71 -35.21 -45.43 -12.68
C THR G 71 -34.93 -44.79 -14.04
N ASN G 72 -34.38 -45.57 -14.95
CA ASN G 72 -33.86 -45.07 -16.24
C ASN G 72 -32.86 -43.91 -16.07
N GLU G 73 -31.80 -44.24 -15.34
CA GLU G 73 -30.65 -43.39 -15.11
C GLU G 73 -29.42 -44.22 -15.41
N VAL G 74 -28.44 -43.58 -16.05
CA VAL G 74 -27.17 -44.16 -16.38
C VAL G 74 -26.12 -43.17 -15.83
N ASP G 75 -25.07 -43.70 -15.20
CA ASP G 75 -23.95 -42.90 -14.66
C ASP G 75 -22.71 -43.09 -15.50
N LEU G 76 -22.16 -41.98 -15.97
CA LEU G 76 -20.90 -42.02 -16.73
C LEU G 76 -19.78 -41.37 -15.97
N VAL G 77 -18.55 -41.87 -16.14
CA VAL G 77 -17.35 -41.13 -15.70
C VAL G 77 -16.59 -40.68 -16.95
N TYR G 78 -16.26 -39.39 -17.04
CA TYR G 78 -15.61 -38.88 -18.26
C TYR G 78 -14.82 -37.62 -17.95
N TYR G 79 -14.00 -37.21 -18.91
CA TYR G 79 -13.30 -35.93 -18.84
C TYR G 79 -14.01 -35.03 -19.79
N GLU G 80 -14.16 -33.80 -19.38
CA GLU G 80 -14.75 -32.80 -20.23
C GLU G 80 -13.73 -31.75 -20.58
N GLN G 81 -13.17 -31.81 -21.78
CA GLN G 81 -12.22 -30.83 -22.20
C GLN G 81 -12.89 -29.52 -22.67
N GLN G 82 -12.47 -28.40 -22.10
CA GLN G 82 -13.03 -27.09 -22.45
C GLN G 82 -11.88 -26.15 -22.79
N ARG G 83 -12.01 -25.44 -23.92
CA ARG G 83 -11.01 -24.46 -24.39
C ARG G 83 -11.73 -23.19 -24.80
N TRP G 84 -11.21 -22.06 -24.38
CA TRP G 84 -11.66 -20.80 -24.91
C TRP G 84 -10.46 -19.88 -24.83
N LYS G 85 -10.59 -18.67 -25.29
CA LYS G 85 -9.47 -17.74 -25.34
C LYS G 85 -10.00 -16.35 -25.06
N LEU G 86 -9.28 -15.58 -24.25
CA LEU G 86 -9.71 -14.23 -23.93
C LEU G 86 -8.62 -13.24 -24.20
N ASN G 87 -9.01 -12.07 -24.72
CA ASN G 87 -8.09 -10.95 -24.90
C ASN G 87 -7.51 -10.44 -23.59
N SER G 88 -8.33 -10.44 -22.54
CA SER G 88 -7.91 -10.02 -21.21
C SER G 88 -6.90 -10.95 -20.49
N LEU G 89 -6.69 -12.16 -21.04
CA LEU G 89 -5.71 -13.12 -20.49
C LEU G 89 -4.46 -13.22 -21.34
N MET G 90 -4.38 -12.35 -22.34
CA MET G 90 -3.23 -12.27 -23.22
C MET G 90 -2.09 -11.44 -22.60
N TRP G 91 -0.87 -11.94 -22.76
CA TRP G 91 0.35 -11.24 -22.34
C TRP G 91 1.49 -11.52 -23.27
N ASP G 92 2.47 -10.61 -23.21
CA ASP G 92 3.69 -10.68 -23.99
C ASP G 92 4.79 -11.33 -23.13
N PRO G 93 5.24 -12.54 -23.51
CA PRO G 93 6.28 -13.26 -22.74
C PRO G 93 7.64 -12.57 -22.64
N ASN G 94 7.84 -11.53 -23.45
CA ASN G 94 9.03 -10.68 -23.39
C ASN G 94 9.12 -9.98 -22.06
N GLU G 95 7.98 -9.48 -21.60
CA GLU G 95 7.91 -8.62 -20.43
C GLU G 95 7.83 -9.41 -19.14
N TYR G 96 7.85 -10.74 -19.25
CA TYR G 96 7.62 -11.60 -18.09
C TYR G 96 8.55 -12.82 -18.10
N GLY G 97 9.82 -12.58 -18.41
CA GLY G 97 10.87 -13.59 -18.28
C GLY G 97 10.69 -14.88 -19.04
N ASN G 98 10.15 -14.79 -20.26
CA ASN G 98 9.97 -15.95 -21.17
C ASN G 98 8.92 -17.01 -20.71
N ILE G 99 8.00 -16.57 -19.85
CA ILE G 99 6.88 -17.40 -19.39
C ILE G 99 5.80 -17.48 -20.45
N THR G 100 5.50 -18.70 -20.86
CA THR G 100 4.57 -18.96 -21.97
C THR G 100 3.19 -19.34 -21.43
N ASP G 101 3.18 -19.94 -20.25
CA ASP G 101 1.95 -20.43 -19.62
C ASP G 101 2.09 -20.60 -18.10
N PHE G 102 0.97 -20.70 -17.41
CA PHE G 102 0.92 -20.99 -15.99
C PHE G 102 -0.35 -21.79 -15.65
N ARG G 103 -0.31 -22.45 -14.50
CA ARG G 103 -1.48 -23.16 -13.97
C ARG G 103 -2.20 -22.26 -12.97
N THR G 104 -3.51 -22.42 -12.83
CA THR G 104 -4.23 -21.62 -11.86
C THR G 104 -5.55 -22.24 -11.48
N SER G 105 -6.02 -21.90 -10.29
CA SER G 105 -7.24 -22.48 -9.80
C SER G 105 -8.41 -22.04 -10.69
N ALA G 106 -9.24 -22.98 -11.12
CA ALA G 106 -10.40 -22.64 -11.94
C ALA G 106 -11.34 -21.64 -11.26
N ALA G 107 -11.39 -21.65 -9.93
CA ALA G 107 -12.26 -20.73 -9.22
C ALA G 107 -11.75 -19.28 -9.36
N ASP G 108 -10.52 -19.11 -9.83
CA ASP G 108 -9.87 -17.81 -9.92
C ASP G 108 -10.02 -17.10 -11.29
N ILE G 109 -10.73 -17.74 -12.22
CA ILE G 109 -11.00 -17.15 -13.54
C ILE G 109 -12.46 -17.37 -13.92
N TRP G 110 -12.90 -16.65 -14.94
CA TRP G 110 -14.22 -16.89 -15.48
C TRP G 110 -14.19 -18.25 -16.19
N THR G 111 -15.26 -19.03 -16.02
CA THR G 111 -15.41 -20.28 -16.77
C THR G 111 -16.82 -20.38 -17.36
N PRO G 112 -16.95 -21.10 -18.50
CA PRO G 112 -18.25 -21.19 -19.19
C PRO G 112 -19.27 -22.06 -18.44
N ASP G 113 -20.54 -21.68 -18.51
CA ASP G 113 -21.60 -22.41 -17.83
C ASP G 113 -22.10 -23.66 -18.62
N ILE G 114 -21.18 -24.51 -19.06
CA ILE G 114 -21.59 -25.67 -19.87
C ILE G 114 -22.23 -26.70 -18.94
N THR G 115 -23.42 -27.16 -19.32
CA THR G 115 -24.26 -27.99 -18.44
C THR G 115 -24.85 -29.17 -19.20
N ALA G 116 -24.96 -30.34 -18.55
CA ALA G 116 -25.78 -31.40 -19.15
C ALA G 116 -27.24 -30.95 -19.05
N TYR G 117 -28.00 -31.10 -20.15
CA TYR G 117 -29.40 -30.69 -20.19
C TYR G 117 -30.39 -31.67 -19.59
N SER G 118 -29.99 -32.92 -19.40
CA SER G 118 -30.89 -33.87 -18.82
C SER G 118 -30.21 -34.64 -17.68
N SER G 119 -29.33 -34.00 -16.88
CA SER G 119 -28.82 -34.74 -15.69
C SER G 119 -29.93 -35.01 -14.66
N THR G 120 -29.75 -35.98 -13.79
CA THR G 120 -30.75 -36.23 -12.76
C THR G 120 -30.20 -36.08 -11.37
N ARG G 121 -28.89 -35.85 -11.25
N ARG G 121 -28.89 -35.85 -11.25
CA ARG G 121 -28.22 -35.60 -9.96
CA ARG G 121 -28.22 -35.56 -9.97
C ARG G 121 -27.12 -34.56 -10.20
C ARG G 121 -27.14 -34.52 -10.21
N PRO G 122 -26.69 -33.82 -9.15
CA PRO G 122 -25.58 -32.87 -9.36
C PRO G 122 -24.30 -33.62 -9.80
N VAL G 123 -23.51 -32.97 -10.62
CA VAL G 123 -22.25 -33.55 -11.10
C VAL G 123 -21.29 -33.74 -9.93
N GLN G 124 -20.52 -34.83 -9.92
CA GLN G 124 -19.49 -34.97 -8.88
C GLN G 124 -18.17 -34.78 -9.60
N VAL G 125 -17.32 -33.93 -9.03
CA VAL G 125 -16.06 -33.61 -9.66
C VAL G 125 -15.03 -34.58 -9.09
N LEU G 126 -14.23 -35.17 -9.96
CA LEU G 126 -13.30 -36.20 -9.58
C LEU G 126 -11.83 -35.76 -9.72
N SER G 127 -11.59 -34.50 -10.05
CA SER G 127 -10.21 -34.08 -10.26
C SER G 127 -10.04 -32.67 -9.73
N PRO G 128 -8.78 -32.26 -9.49
CA PRO G 128 -8.53 -30.87 -9.06
C PRO G 128 -9.16 -29.99 -10.12
N GLN G 129 -9.59 -28.81 -9.74
CA GLN G 129 -10.11 -27.91 -10.76
C GLN G 129 -9.11 -26.80 -11.05
N ILE G 130 -8.21 -27.09 -11.97
CA ILE G 130 -7.11 -26.21 -12.24
C ILE G 130 -7.08 -26.03 -13.73
N ALA G 131 -6.94 -24.79 -14.18
CA ALA G 131 -6.88 -24.49 -15.58
C ALA G 131 -5.46 -24.19 -15.96
N VAL G 132 -5.21 -24.24 -17.27
CA VAL G 132 -3.89 -23.93 -17.80
C VAL G 132 -4.08 -22.76 -18.76
N VAL G 133 -3.42 -21.65 -18.48
CA VAL G 133 -3.52 -20.47 -19.35
C VAL G 133 -2.22 -20.29 -20.16
N THR G 134 -2.34 -20.17 -21.49
CA THR G 134 -1.20 -19.90 -22.38
C THR G 134 -1.16 -18.41 -22.73
N HIS G 135 0.00 -17.92 -23.18
CA HIS G 135 0.21 -16.48 -23.43
C HIS G 135 -0.67 -15.86 -24.51
N ASP G 136 -1.10 -16.68 -25.46
CA ASP G 136 -2.01 -16.20 -26.50
C ASP G 136 -3.39 -15.97 -25.92
N GLY G 137 -3.53 -16.22 -24.62
CA GLY G 137 -4.78 -15.97 -23.93
C GLY G 137 -5.70 -17.15 -23.94
N SER G 138 -5.24 -18.30 -24.43
CA SER G 138 -6.11 -19.48 -24.37
C SER G 138 -6.12 -20.16 -22.98
N VAL G 139 -7.29 -20.68 -22.60
CA VAL G 139 -7.43 -21.42 -21.37
C VAL G 139 -7.79 -22.85 -21.71
N MET G 140 -7.12 -23.79 -21.04
CA MET G 140 -7.43 -25.21 -21.15
C MET G 140 -7.89 -25.78 -19.77
N PHE G 141 -9.09 -26.38 -19.72
CA PHE G 141 -9.69 -26.89 -18.45
C PHE G 141 -10.30 -28.26 -18.70
N ILE G 142 -9.83 -29.27 -17.98
CA ILE G 142 -10.25 -30.65 -18.22
C ILE G 142 -10.63 -31.32 -16.90
N PRO G 143 -11.86 -31.07 -16.38
CA PRO G 143 -12.27 -31.71 -15.12
C PRO G 143 -12.83 -33.11 -15.40
N ALA G 144 -12.44 -34.09 -14.60
CA ALA G 144 -13.07 -35.41 -14.65
C ALA G 144 -14.36 -35.38 -13.80
N GLN G 145 -15.36 -36.18 -14.16
CA GLN G 145 -16.69 -36.07 -13.54
C GLN G 145 -17.53 -37.31 -13.60
N ARG G 146 -18.43 -37.47 -12.62
CA ARG G 146 -19.46 -38.47 -12.69
C ARG G 146 -20.80 -37.76 -12.87
N LEU G 147 -21.55 -38.19 -13.89
CA LEU G 147 -22.86 -37.65 -14.21
C LEU G 147 -23.88 -38.78 -14.26
N SER G 148 -24.98 -38.63 -13.52
CA SER G 148 -26.21 -39.44 -13.73
C SER G 148 -27.10 -38.66 -14.71
N PHE G 149 -27.62 -39.33 -15.72
CA PHE G 149 -28.53 -38.66 -16.64
C PHE G 149 -29.65 -39.58 -17.13
N MET G 150 -30.69 -38.98 -17.72
CA MET G 150 -31.88 -39.73 -18.11
C MET G 150 -31.58 -40.64 -19.28
N CYS G 151 -31.85 -41.93 -19.12
CA CYS G 151 -31.46 -42.93 -20.10
C CYS G 151 -32.14 -44.26 -19.80
N ASP G 152 -32.87 -44.75 -20.77
CA ASP G 152 -33.54 -46.05 -20.64
C ASP G 152 -32.59 -47.07 -21.21
N PRO G 153 -32.01 -47.91 -20.35
CA PRO G 153 -31.02 -48.84 -20.88
C PRO G 153 -31.58 -50.12 -21.56
N THR G 154 -32.88 -50.14 -21.86
CA THR G 154 -33.52 -51.32 -22.53
C THR G 154 -32.69 -51.78 -23.74
N GLY G 155 -32.50 -53.09 -23.86
CA GLY G 155 -31.65 -53.62 -24.91
C GLY G 155 -30.17 -53.70 -24.57
N VAL G 156 -29.76 -53.24 -23.38
CA VAL G 156 -28.35 -53.36 -22.98
C VAL G 156 -27.91 -54.83 -22.95
N ASP G 157 -28.86 -55.74 -22.76
CA ASP G 157 -28.52 -57.17 -22.59
C ASP G 157 -28.60 -57.97 -23.90
N SER G 158 -28.56 -57.29 -25.04
CA SER G 158 -28.59 -57.92 -26.34
C SER G 158 -27.44 -57.40 -27.18
N GLU G 159 -27.35 -57.91 -28.41
CA GLU G 159 -26.26 -57.62 -29.32
C GLU G 159 -26.32 -56.20 -29.87
N GLU G 160 -27.53 -55.70 -30.07
CA GLU G 160 -27.72 -54.34 -30.60
C GLU G 160 -27.38 -53.31 -29.54
N GLY G 161 -27.57 -53.67 -28.27
CA GLY G 161 -27.27 -52.78 -27.15
C GLY G 161 -28.28 -51.66 -26.96
N ALA G 162 -28.00 -50.80 -25.98
CA ALA G 162 -28.83 -49.64 -25.62
C ALA G 162 -28.23 -48.38 -26.24
N THR G 163 -29.06 -47.36 -26.38
CA THR G 163 -28.60 -46.05 -26.87
C THR G 163 -28.95 -44.98 -25.86
N CYS G 164 -28.02 -44.08 -25.56
CA CYS G 164 -28.36 -42.92 -24.75
C CYS G 164 -27.80 -41.62 -25.29
N ALA G 165 -28.53 -40.54 -25.01
CA ALA G 165 -28.15 -39.26 -25.55
C ALA G 165 -28.26 -38.19 -24.46
N VAL G 166 -27.31 -37.28 -24.40
CA VAL G 166 -27.42 -36.15 -23.49
C VAL G 166 -26.79 -34.97 -24.18
N LYS G 167 -27.51 -33.84 -24.17
CA LYS G 167 -26.96 -32.65 -24.77
C LYS G 167 -26.26 -31.80 -23.72
N PHE G 168 -25.15 -31.20 -24.10
CA PHE G 168 -24.47 -30.24 -23.27
C PHE G 168 -24.55 -28.88 -23.96
N GLY G 169 -24.64 -27.81 -23.17
CA GLY G 169 -24.64 -26.46 -23.71
C GLY G 169 -24.65 -25.43 -22.61
N SER G 170 -24.50 -24.18 -22.99
CA SER G 170 -24.62 -23.11 -22.04
C SER G 170 -26.02 -23.20 -21.45
N TRP G 171 -26.13 -22.92 -20.15
CA TRP G 171 -27.46 -22.73 -19.56
C TRP G 171 -28.11 -21.39 -19.94
N VAL G 172 -27.32 -20.32 -20.05
CA VAL G 172 -27.96 -19.01 -20.18
C VAL G 172 -27.52 -18.20 -21.40
N TYR G 173 -26.53 -18.67 -22.16
CA TYR G 173 -26.06 -17.90 -23.31
C TYR G 173 -26.50 -18.56 -24.64
N SER G 174 -27.10 -17.79 -25.53
CA SER G 174 -27.42 -18.29 -26.86
C SER G 174 -26.16 -18.43 -27.74
N GLY G 175 -26.35 -18.86 -28.97
CA GLY G 175 -25.26 -18.99 -29.93
C GLY G 175 -24.72 -17.64 -30.41
N PHE G 176 -25.39 -16.55 -30.02
CA PHE G 176 -24.84 -15.22 -30.28
C PHE G 176 -23.89 -14.75 -29.17
N GLU G 177 -23.78 -15.52 -28.11
CA GLU G 177 -22.88 -15.15 -27.03
C GLU G 177 -21.80 -16.20 -26.88
N ILE G 178 -22.18 -17.46 -26.85
CA ILE G 178 -21.24 -18.54 -26.76
C ILE G 178 -21.42 -19.44 -27.97
N ASP G 179 -20.40 -19.47 -28.79
CA ASP G 179 -20.41 -20.37 -29.92
C ASP G 179 -19.76 -21.68 -29.45
N LEU G 180 -20.54 -22.73 -29.38
CA LEU G 180 -20.00 -23.99 -28.91
C LEU G 180 -19.51 -24.77 -30.11
N LYS G 181 -18.31 -25.33 -30.02
CA LYS G 181 -17.70 -26.09 -31.11
C LYS G 181 -17.09 -27.41 -30.60
N THR G 182 -16.86 -28.34 -31.53
CA THR G 182 -16.07 -29.53 -31.20
C THR G 182 -14.92 -29.59 -32.19
N ASP G 183 -13.81 -30.24 -31.82
CA ASP G 183 -12.71 -30.53 -32.77
C ASP G 183 -13.00 -31.80 -33.58
N THR G 184 -13.91 -32.64 -33.11
CA THR G 184 -14.14 -33.92 -33.77
C THR G 184 -15.44 -34.42 -33.21
N ASP G 185 -16.16 -35.22 -33.99
CA ASP G 185 -17.39 -35.78 -33.46
C ASP G 185 -17.17 -37.15 -32.83
N GLN G 186 -15.93 -37.62 -32.83
CA GLN G 186 -15.63 -38.92 -32.19
C GLN G 186 -15.26 -38.72 -30.72
N VAL G 187 -16.09 -39.22 -29.81
CA VAL G 187 -15.69 -39.27 -28.41
C VAL G 187 -14.37 -40.05 -28.24
N ASP G 188 -13.46 -39.57 -27.41
CA ASP G 188 -12.18 -40.26 -27.26
C ASP G 188 -12.42 -41.48 -26.35
N LEU G 189 -12.18 -42.67 -26.86
CA LEU G 189 -12.38 -43.92 -26.09
C LEU G 189 -11.06 -44.59 -25.71
N SER G 190 -9.94 -43.94 -26.01
CA SER G 190 -8.61 -44.53 -25.78
C SER G 190 -8.36 -44.85 -24.29
N SER G 191 -9.09 -44.25 -23.35
CA SER G 191 -8.95 -44.74 -21.97
C SER G 191 -10.22 -45.29 -21.32
N TYR G 192 -11.12 -45.83 -22.16
CA TYR G 192 -12.28 -46.50 -21.65
C TYR G 192 -11.85 -47.72 -20.84
N TYR G 193 -12.41 -47.85 -19.64
CA TYR G 193 -12.12 -48.96 -18.74
C TYR G 193 -12.43 -50.36 -19.35
N ALA G 194 -11.36 -51.11 -19.61
CA ALA G 194 -11.44 -52.42 -20.30
C ALA G 194 -12.28 -53.44 -19.57
N SER G 195 -12.41 -53.31 -18.25
CA SER G 195 -13.17 -54.28 -17.46
C SER G 195 -14.51 -53.75 -16.98
N SER G 196 -14.95 -52.66 -17.60
CA SER G 196 -16.28 -52.11 -17.28
C SER G 196 -17.33 -53.17 -17.45
N LYS G 197 -18.45 -53.05 -16.76
CA LYS G 197 -19.58 -53.91 -17.02
C LYS G 197 -20.08 -53.72 -18.46
N TYR G 198 -19.81 -52.57 -19.06
CA TYR G 198 -20.35 -52.26 -20.39
C TYR G 198 -19.26 -51.97 -21.39
N GLU G 199 -19.38 -52.56 -22.57
CA GLU G 199 -18.51 -52.21 -23.68
C GLU G 199 -19.21 -51.19 -24.54
N ILE G 200 -18.43 -50.30 -25.12
CA ILE G 200 -18.94 -49.21 -25.93
C ILE G 200 -18.97 -49.67 -27.38
N LEU G 201 -20.15 -49.60 -27.97
CA LEU G 201 -20.29 -49.79 -29.40
C LEU G 201 -20.00 -48.51 -30.17
N SER G 202 -20.36 -47.34 -29.64
CA SER G 202 -20.06 -46.11 -30.34
C SER G 202 -20.33 -44.95 -29.45
N ALA G 203 -19.57 -43.89 -29.67
CA ALA G 203 -19.76 -42.71 -28.90
C ALA G 203 -19.40 -41.51 -29.72
N THR G 204 -20.41 -40.68 -29.96
CA THR G 204 -20.25 -39.51 -30.81
C THR G 204 -20.65 -38.28 -30.03
N GLN G 205 -20.01 -37.17 -30.37
CA GLN G 205 -20.29 -35.87 -29.81
C GLN G 205 -20.61 -34.91 -30.99
N THR G 206 -21.87 -34.52 -31.12
CA THR G 206 -22.27 -33.77 -32.36
C THR G 206 -22.84 -32.41 -32.05
N ARG G 207 -22.17 -31.38 -32.55
CA ARG G 207 -22.66 -30.03 -32.51
C ARG G 207 -23.99 -29.93 -33.31
N GLN G 208 -24.96 -29.21 -32.76
CA GLN G 208 -26.25 -28.99 -33.40
C GLN G 208 -26.65 -27.52 -33.20
N VAL G 209 -27.25 -26.97 -34.24
CA VAL G 209 -27.60 -25.56 -34.26
C VAL G 209 -29.10 -25.59 -34.47
N GLN G 210 -29.85 -24.97 -33.54
CA GLN G 210 -31.33 -25.00 -33.65
C GLN G 210 -31.92 -23.59 -33.47
N HIS G 211 -32.97 -23.28 -34.23
CA HIS G 211 -33.72 -22.06 -34.04
C HIS G 211 -35.14 -22.34 -33.64
N TYR G 212 -35.75 -21.37 -32.95
CA TYR G 212 -37.17 -21.40 -32.53
C TYR G 212 -37.88 -20.17 -33.06
N SER G 213 -39.17 -20.28 -33.38
CA SER G 213 -39.89 -19.11 -33.95
C SER G 213 -40.19 -17.95 -32.95
N CYS G 214 -40.16 -18.21 -31.64
CA CYS G 214 -40.18 -17.11 -30.66
C CYS G 214 -39.06 -16.10 -30.96
N CYS G 215 -37.85 -16.64 -31.09
CA CYS G 215 -36.61 -15.94 -30.84
C CYS G 215 -35.71 -15.92 -32.08
N PRO G 216 -35.00 -14.82 -32.34
CA PRO G 216 -34.14 -14.84 -33.54
C PRO G 216 -32.78 -15.56 -33.37
N GLU G 217 -32.29 -15.63 -32.14
CA GLU G 217 -30.95 -16.21 -31.85
C GLU G 217 -30.86 -17.76 -32.05
N PRO G 218 -29.72 -18.27 -32.56
CA PRO G 218 -29.55 -19.72 -32.60
C PRO G 218 -29.18 -20.26 -31.22
N TYR G 219 -29.47 -21.53 -31.02
CA TYR G 219 -29.04 -22.22 -29.83
C TYR G 219 -28.15 -23.40 -30.24
N ILE G 220 -27.02 -23.53 -29.55
CA ILE G 220 -26.05 -24.54 -29.87
C ILE G 220 -26.00 -25.57 -28.71
N ASP G 221 -25.98 -26.84 -29.06
CA ASP G 221 -25.64 -27.86 -28.10
C ASP G 221 -24.64 -28.84 -28.71
N VAL G 222 -24.06 -29.65 -27.84
CA VAL G 222 -23.31 -30.80 -28.28
C VAL G 222 -24.00 -32.05 -27.74
N ASN G 223 -24.42 -32.90 -28.67
CA ASN G 223 -25.17 -34.07 -28.33
C ASN G 223 -24.23 -35.28 -28.19
N LEU G 224 -24.11 -35.77 -26.96
CA LEU G 224 -23.30 -36.93 -26.65
C LEU G 224 -24.17 -38.18 -26.82
N VAL G 225 -23.90 -39.00 -27.84
CA VAL G 225 -24.73 -40.21 -28.05
C VAL G 225 -23.84 -41.40 -27.86
N VAL G 226 -24.25 -42.31 -26.97
CA VAL G 226 -23.42 -43.45 -26.56
C VAL G 226 -24.25 -44.72 -26.76
N LYS G 227 -23.72 -45.65 -27.55
CA LYS G 227 -24.35 -46.96 -27.75
C LYS G 227 -23.50 -47.96 -27.03
N PHE G 228 -24.14 -48.84 -26.27
CA PHE G 228 -23.40 -49.69 -25.37
C PHE G 228 -24.17 -50.97 -25.01
N ARG G 229 -23.43 -51.99 -24.58
CA ARG G 229 -24.05 -53.23 -24.15
C ARG G 229 -23.25 -53.92 -23.06
N GLU G 230 -23.90 -54.88 -22.38
CA GLU G 230 -23.26 -55.74 -21.42
C GLU G 230 -22.06 -56.51 -21.97
N ARG G 231 -20.98 -56.54 -21.19
CA ARG G 231 -19.73 -57.18 -21.57
C ARG G 231 -19.90 -58.66 -21.27
N ARG G 232 -19.58 -59.50 -22.25
CA ARG G 232 -19.61 -60.96 -22.07
C ARG G 232 -18.20 -61.55 -22.05
N LYS H 23 10.48 -19.40 29.19
CA LYS H 23 9.35 -18.45 28.93
C LYS H 23 8.89 -18.43 27.46
N LEU H 24 8.21 -17.33 27.11
CA LEU H 24 7.53 -17.13 25.82
C LEU H 24 8.38 -17.35 24.57
N HIS H 25 9.71 -17.43 24.73
CA HIS H 25 10.68 -17.35 23.62
C HIS H 25 10.59 -18.39 22.53
N SER H 26 10.44 -19.67 22.89
CA SER H 26 10.39 -20.71 21.86
C SER H 26 9.14 -20.61 20.98
N GLN H 27 8.01 -20.23 21.59
CA GLN H 27 6.77 -20.10 20.83
CA GLN H 27 6.73 -20.05 20.89
C GLN H 27 6.78 -18.85 19.95
N ALA H 28 7.28 -17.72 20.48
CA ALA H 28 7.45 -16.48 19.69
C ALA H 28 8.38 -16.70 18.49
N ASN H 29 9.27 -17.68 18.61
CA ASN H 29 10.23 -17.96 17.56
C ASN H 29 9.57 -18.65 16.39
N LEU H 30 8.78 -19.68 16.71
CA LEU H 30 7.96 -20.41 15.76
C LEU H 30 6.96 -19.49 15.07
N MET H 31 6.28 -18.64 15.83
CA MET H 31 5.34 -17.67 15.29
C MET H 31 6.07 -16.74 14.31
N ARG H 32 7.32 -16.37 14.64
CA ARG H 32 8.15 -15.55 13.74
C ARG H 32 8.59 -16.33 12.50
N LEU H 33 9.06 -17.57 12.66
CA LEU H 33 9.53 -18.38 11.54
C LEU H 33 8.45 -18.51 10.48
N LYS H 34 7.26 -18.93 10.90
CA LYS H 34 6.14 -19.12 10.00
C LYS H 34 5.80 -17.80 9.29
N SER H 35 5.78 -16.69 10.04
CA SER H 35 5.52 -15.34 9.48
C SER H 35 6.42 -15.02 8.31
N ASP H 36 7.72 -15.23 8.50
CA ASP H 36 8.75 -14.94 7.50
C ASP H 36 8.60 -15.84 6.28
N LEU H 37 8.22 -17.08 6.52
CA LEU H 37 8.04 -18.03 5.44
C LEU H 37 6.76 -17.76 4.66
N PHE H 38 5.72 -17.29 5.33
CA PHE H 38 4.39 -17.14 4.70
C PHE H 38 4.05 -15.74 4.17
N ASN H 39 4.74 -14.74 4.70
CA ASN H 39 4.55 -13.37 4.24
C ASN H 39 5.71 -12.93 3.37
N ARG H 40 6.86 -12.67 4.00
CA ARG H 40 8.04 -12.16 3.31
C ARG H 40 8.52 -13.14 2.21
N SER H 41 8.32 -12.72 0.95
CA SER H 41 8.67 -13.50 -0.24
C SER H 41 8.92 -12.61 -1.48
N PRO H 42 9.60 -11.45 -1.31
CA PRO H 42 9.71 -10.51 -2.44
C PRO H 42 10.73 -10.96 -3.48
N TYR H 44 6.20 -19.40 -3.47
CA TYR H 44 6.15 -20.57 -4.37
C TYR H 44 4.81 -20.78 -5.06
N PRO H 45 4.77 -20.58 -6.40
CA PRO H 45 3.55 -20.69 -7.21
C PRO H 45 3.30 -22.04 -7.86
N GLY H 46 4.21 -22.98 -7.70
CA GLY H 46 4.11 -24.27 -8.38
C GLY H 46 5.34 -24.48 -9.26
N PRO H 47 5.60 -25.74 -9.67
CA PRO H 47 6.75 -26.06 -10.51
C PRO H 47 6.61 -25.53 -11.93
N THR H 48 7.74 -25.36 -12.61
CA THR H 48 7.80 -25.00 -14.03
C THR H 48 8.79 -25.92 -14.76
N LYS H 49 8.87 -25.81 -16.09
CA LYS H 49 9.86 -26.58 -16.85
C LYS H 49 11.27 -26.18 -16.42
N ASP H 50 11.41 -24.90 -16.05
CA ASP H 50 12.66 -24.33 -15.57
C ASP H 50 12.93 -24.54 -14.09
N ASP H 51 11.92 -25.03 -13.35
CA ASP H 51 12.12 -25.38 -11.96
C ASP H 51 11.20 -26.55 -11.59
N PRO H 52 11.53 -27.75 -12.11
CA PRO H 52 10.69 -28.94 -11.90
C PRO H 52 10.80 -29.49 -10.48
N LEU H 53 9.85 -30.32 -10.09
CA LEU H 53 9.85 -30.85 -8.76
C LEU H 53 9.65 -32.37 -8.80
N THR H 54 10.34 -33.07 -7.92
CA THR H 54 10.15 -34.49 -7.76
C THR H 54 9.41 -34.74 -6.48
N VAL H 55 8.27 -35.41 -6.60
CA VAL H 55 7.48 -35.78 -5.47
C VAL H 55 7.62 -37.27 -5.28
N THR H 56 7.92 -37.67 -4.06
CA THR H 56 7.97 -39.08 -3.73
C THR H 56 6.62 -39.52 -3.18
N LEU H 57 6.14 -40.64 -3.68
CA LEU H 57 4.84 -41.15 -3.28
C LEU H 57 4.99 -42.52 -2.71
N GLY H 58 4.30 -42.77 -1.60
CA GLY H 58 4.23 -44.10 -1.01
C GLY H 58 2.83 -44.35 -0.49
N PHE H 59 2.38 -45.60 -0.51
CA PHE H 59 1.04 -45.93 -0.09
C PHE H 59 1.05 -46.91 1.04
N THR H 60 0.13 -46.73 1.97
CA THR H 60 -0.08 -47.66 3.04
C THR H 60 -1.54 -48.06 2.95
N LEU H 61 -1.79 -49.33 2.69
CA LEU H 61 -3.14 -49.80 2.56
C LEU H 61 -3.70 -50.28 3.89
N GLN H 62 -4.82 -49.72 4.33
CA GLN H 62 -5.45 -50.09 5.60
C GLN H 62 -6.53 -51.12 5.45
N ASP H 63 -7.37 -51.04 4.39
CA ASP H 63 -8.53 -51.96 4.29
C ASP H 63 -9.09 -51.87 2.90
N ILE H 64 -9.50 -53.01 2.38
CA ILE H 64 -10.41 -53.02 1.25
C ILE H 64 -11.74 -53.23 1.91
N VAL H 65 -12.60 -52.23 1.84
CA VAL H 65 -13.87 -52.25 2.57
C VAL H 65 -15.01 -53.02 1.86
N LYS H 66 -15.10 -52.87 0.54
CA LYS H 66 -16.28 -53.18 -0.23
C LYS H 66 -15.78 -53.52 -1.65
N ALA H 67 -16.37 -54.57 -2.23
CA ALA H 67 -16.15 -54.92 -3.65
C ALA H 67 -17.53 -55.12 -4.24
N ASP H 68 -17.84 -54.38 -5.29
CA ASP H 68 -19.18 -54.41 -5.85
C ASP H 68 -19.10 -54.90 -7.28
N SER H 69 -19.55 -56.14 -7.46
CA SER H 69 -19.46 -56.81 -8.75
C SER H 69 -20.59 -56.41 -9.68
N SER H 70 -21.58 -55.67 -9.18
CA SER H 70 -22.65 -55.21 -10.08
C SER H 70 -22.26 -53.95 -10.88
N THR H 71 -21.28 -53.19 -10.40
CA THR H 71 -20.83 -51.94 -11.04
C THR H 71 -19.31 -51.90 -11.22
N ASN H 72 -18.61 -52.95 -10.77
CA ASN H 72 -17.15 -52.98 -10.77
C ASN H 72 -16.48 -51.74 -10.18
N GLU H 73 -16.81 -51.53 -8.92
CA GLU H 73 -16.18 -50.51 -8.07
C GLU H 73 -15.72 -51.20 -6.78
N VAL H 74 -14.55 -50.80 -6.32
CA VAL H 74 -14.03 -51.30 -5.07
C VAL H 74 -13.63 -50.08 -4.26
N ASP H 75 -13.79 -50.17 -2.94
CA ASP H 75 -13.47 -49.11 -1.98
C ASP H 75 -12.25 -49.46 -1.12
N LEU H 76 -11.27 -48.55 -1.12
CA LEU H 76 -10.06 -48.74 -0.31
C LEU H 76 -9.90 -47.58 0.66
N VAL H 77 -9.40 -47.91 1.84
CA VAL H 77 -8.96 -46.92 2.83
C VAL H 77 -7.45 -47.14 2.85
N TYR H 78 -6.73 -46.05 2.65
CA TYR H 78 -5.28 -46.11 2.58
C TYR H 78 -4.80 -44.77 3.04
N TYR H 79 -3.51 -44.67 3.39
CA TYR H 79 -2.90 -43.38 3.32
C TYR H 79 -1.76 -43.27 2.32
N GLU H 80 -1.51 -42.02 1.96
CA GLU H 80 -0.72 -41.66 0.84
C GLU H 80 0.36 -40.73 1.31
N GLN H 81 1.55 -41.25 1.54
CA GLN H 81 2.65 -40.43 1.93
C GLN H 81 3.15 -39.65 0.72
N GLN H 82 3.24 -38.32 0.84
CA GLN H 82 3.77 -37.44 -0.20
C GLN H 82 4.94 -36.62 0.38
N ARG H 83 6.11 -36.61 -0.27
CA ARG H 83 7.25 -35.75 0.14
C ARG H 83 7.77 -34.99 -1.04
N TRP H 84 8.12 -33.74 -0.77
CA TRP H 84 8.88 -32.90 -1.69
C TRP H 84 9.72 -31.92 -0.92
N LYS H 85 10.41 -31.06 -1.65
CA LYS H 85 11.41 -30.21 -1.05
C LYS H 85 11.49 -28.88 -1.83
N LEU H 86 11.40 -27.76 -1.12
CA LEU H 86 11.44 -26.46 -1.75
C LEU H 86 12.45 -25.60 -1.04
N ASN H 87 13.32 -24.96 -1.82
CA ASN H 87 14.27 -23.96 -1.32
C ASN H 87 13.60 -22.81 -0.56
N SER H 88 12.41 -22.40 -1.01
CA SER H 88 11.67 -21.33 -0.36
C SER H 88 11.12 -21.68 1.03
N LEU H 89 11.21 -22.96 1.41
CA LEU H 89 10.80 -23.38 2.76
C LEU H 89 12.01 -23.61 3.67
N MET H 90 13.20 -23.24 3.21
CA MET H 90 14.45 -23.47 3.97
C MET H 90 14.65 -22.44 5.07
N TRP H 91 15.24 -22.89 6.18
CA TRP H 91 15.72 -21.97 7.22
C TRP H 91 16.82 -22.59 8.02
N ASP H 92 17.62 -21.72 8.61
CA ASP H 92 18.66 -22.14 9.50
C ASP H 92 18.10 -22.06 10.92
N PRO H 93 18.06 -23.21 11.64
CA PRO H 93 17.48 -23.28 12.98
C PRO H 93 18.09 -22.27 13.95
N ASN H 94 19.37 -21.95 13.74
CA ASN H 94 20.09 -21.00 14.62
C ASN H 94 19.48 -19.60 14.72
N GLU H 95 18.85 -19.15 13.63
CA GLU H 95 18.11 -17.89 13.66
C GLU H 95 16.72 -17.94 14.36
N TYR H 96 16.27 -19.15 14.72
CA TYR H 96 14.92 -19.34 15.25
C TYR H 96 14.88 -20.32 16.45
N GLY H 97 15.79 -20.16 17.40
CA GLY H 97 15.83 -20.96 18.63
C GLY H 97 15.99 -22.45 18.44
N ASN H 98 16.81 -22.84 17.47
CA ASN H 98 17.05 -24.26 17.16
C ASN H 98 15.83 -25.09 16.73
N ILE H 99 14.81 -24.42 16.18
CA ILE H 99 13.68 -25.15 15.60
C ILE H 99 14.10 -25.83 14.30
N THR H 100 13.86 -27.14 14.23
CA THR H 100 14.24 -27.91 13.06
C THR H 100 13.04 -28.34 12.21
N ASP H 101 11.84 -28.38 12.80
CA ASP H 101 10.66 -28.59 11.97
C ASP H 101 9.43 -27.93 12.59
N PHE H 102 8.33 -27.84 11.84
CA PHE H 102 7.05 -27.46 12.40
C PHE H 102 5.88 -28.10 11.66
N ARG H 103 4.71 -28.16 12.32
CA ARG H 103 3.47 -28.60 11.67
C ARG H 103 2.69 -27.41 11.23
N THR H 104 2.07 -27.52 10.06
CA THR H 104 1.22 -26.45 9.60
C THR H 104 0.14 -27.03 8.73
N SER H 105 -0.95 -26.30 8.64
CA SER H 105 -2.09 -26.74 7.86
C SER H 105 -1.68 -26.85 6.39
N ALA H 106 -2.15 -27.90 5.73
CA ALA H 106 -1.81 -28.18 4.33
C ALA H 106 -2.28 -27.06 3.38
N ALA H 107 -3.22 -26.27 3.83
CA ALA H 107 -3.70 -25.10 3.08
C ALA H 107 -2.73 -23.88 3.11
N ASP H 108 -1.79 -23.85 4.06
CA ASP H 108 -0.82 -22.75 4.19
C ASP H 108 0.33 -22.81 3.18
N ILE H 109 0.48 -23.94 2.53
CA ILE H 109 1.55 -24.12 1.58
C ILE H 109 1.01 -24.73 0.28
N TRP H 110 1.83 -24.67 -0.78
CA TRP H 110 1.53 -25.34 -2.01
C TRP H 110 1.60 -26.82 -1.73
N THR H 111 0.66 -27.60 -2.28
CA THR H 111 0.77 -29.08 -2.27
C THR H 111 0.47 -29.65 -3.67
N PRO H 112 1.04 -30.83 -3.99
CA PRO H 112 0.84 -31.21 -5.36
C PRO H 112 -0.59 -31.73 -5.61
N ASP H 113 -1.03 -31.65 -6.86
CA ASP H 113 -2.38 -32.08 -7.27
C ASP H 113 -2.41 -33.57 -7.69
N ILE H 114 -2.01 -34.46 -6.80
CA ILE H 114 -1.96 -35.89 -7.08
C ILE H 114 -3.36 -36.50 -7.05
N THR H 115 -3.70 -37.29 -8.05
CA THR H 115 -5.11 -37.68 -8.28
C THR H 115 -5.17 -39.14 -8.71
N ALA H 116 -6.15 -39.88 -8.20
CA ALA H 116 -6.42 -41.23 -8.71
C ALA H 116 -7.02 -40.99 -10.11
N TYR H 117 -6.58 -41.74 -11.11
CA TYR H 117 -7.05 -41.55 -12.49
C TYR H 117 -8.33 -42.27 -12.81
N SER H 118 -8.76 -43.17 -11.95
CA SER H 118 -9.93 -44.02 -12.24
C SER H 118 -10.88 -44.11 -11.05
N SER H 119 -10.91 -43.08 -10.22
CA SER H 119 -11.92 -42.97 -9.13
C SER H 119 -13.33 -42.92 -9.75
N THR H 120 -14.34 -43.38 -9.01
CA THR H 120 -15.70 -43.27 -9.51
C THR H 120 -16.55 -42.36 -8.63
N ARG H 121 -16.03 -41.97 -7.46
CA ARG H 121 -16.71 -41.06 -6.52
C ARG H 121 -15.62 -40.10 -6.04
N PRO H 122 -16.01 -38.88 -5.66
CA PRO H 122 -14.99 -38.01 -5.05
C PRO H 122 -14.32 -38.70 -3.86
N VAL H 123 -13.00 -38.61 -3.81
CA VAL H 123 -12.21 -39.15 -2.72
C VAL H 123 -12.65 -38.47 -1.43
N GLN H 124 -12.74 -39.23 -0.34
CA GLN H 124 -13.17 -38.73 0.98
C GLN H 124 -11.95 -38.72 1.92
N VAL H 125 -11.70 -37.59 2.57
CA VAL H 125 -10.49 -37.38 3.38
C VAL H 125 -10.83 -37.85 4.77
N LEU H 126 -9.99 -38.66 5.39
CA LEU H 126 -10.33 -39.18 6.71
C LEU H 126 -9.51 -38.57 7.83
N SER H 127 -8.53 -37.74 7.51
CA SER H 127 -7.56 -37.34 8.51
C SER H 127 -7.41 -35.85 8.43
N PRO H 128 -6.85 -35.22 9.47
CA PRO H 128 -6.53 -33.79 9.37
C PRO H 128 -5.58 -33.56 8.19
N GLN H 129 -5.63 -32.36 7.63
CA GLN H 129 -4.85 -31.96 6.47
C GLN H 129 -3.68 -31.11 6.96
N ILE H 130 -2.64 -31.77 7.44
CA ILE H 130 -1.57 -31.05 8.12
C ILE H 130 -0.25 -31.60 7.67
N ALA H 131 0.67 -30.71 7.29
CA ALA H 131 1.97 -31.10 6.76
C ALA H 131 3.04 -30.79 7.80
N VAL H 132 4.13 -31.56 7.78
CA VAL H 132 5.33 -31.29 8.53
C VAL H 132 6.38 -30.70 7.58
N VAL H 133 6.89 -29.53 7.94
CA VAL H 133 7.94 -28.86 7.17
C VAL H 133 9.25 -28.91 7.96
N THR H 134 10.31 -29.41 7.32
CA THR H 134 11.64 -29.45 7.92
C THR H 134 12.54 -28.31 7.37
N HIS H 135 13.52 -27.91 8.17
CA HIS H 135 14.36 -26.73 7.90
C HIS H 135 15.15 -26.79 6.62
N ASP H 136 15.41 -28.00 6.13
CA ASP H 136 16.05 -28.21 4.83
C ASP H 136 15.06 -27.99 3.68
N GLY H 137 13.82 -27.63 4.05
CA GLY H 137 12.80 -27.31 3.07
C GLY H 137 11.98 -28.50 2.64
N SER H 138 12.23 -29.69 3.20
CA SER H 138 11.44 -30.85 2.81
C SER H 138 10.08 -30.88 3.52
N VAL H 139 9.05 -31.28 2.78
CA VAL H 139 7.68 -31.33 3.28
C VAL H 139 7.22 -32.80 3.31
N MET H 140 6.65 -33.24 4.43
CA MET H 140 5.91 -34.52 4.48
C MET H 140 4.41 -34.32 4.77
N PHE H 141 3.57 -35.02 4.01
CA PHE H 141 2.11 -34.86 4.05
C PHE H 141 1.49 -36.23 3.83
N ILE H 142 0.71 -36.71 4.79
CA ILE H 142 0.15 -38.08 4.75
C ILE H 142 -1.35 -38.07 5.01
N PRO H 143 -2.17 -37.73 3.98
CA PRO H 143 -3.63 -37.76 4.19
C PRO H 143 -4.17 -39.19 4.13
N ALA H 144 -5.04 -39.54 5.05
CA ALA H 144 -5.75 -40.81 4.95
C ALA H 144 -7.01 -40.57 4.11
N GLN H 145 -7.38 -41.55 3.29
CA GLN H 145 -8.48 -41.36 2.33
C GLN H 145 -9.29 -42.64 2.13
N ARG H 146 -10.56 -42.47 1.76
CA ARG H 146 -11.34 -43.55 1.23
C ARG H 146 -11.61 -43.25 -0.23
N LEU H 147 -11.30 -44.24 -1.07
CA LEU H 147 -11.39 -44.10 -2.54
C LEU H 147 -12.24 -45.23 -3.14
N SER H 148 -13.26 -44.87 -3.96
CA SER H 148 -13.96 -45.86 -4.81
C SER H 148 -13.35 -45.75 -6.18
N PHE H 149 -12.92 -46.88 -6.74
CA PHE H 149 -12.29 -46.88 -8.05
C PHE H 149 -12.74 -48.09 -8.90
N MET H 150 -12.53 -47.98 -10.22
CA MET H 150 -12.90 -49.00 -11.20
C MET H 150 -12.04 -50.23 -10.98
N CYS H 151 -12.71 -51.34 -10.64
CA CYS H 151 -12.04 -52.58 -10.36
C CYS H 151 -13.03 -53.72 -10.57
N ASP H 152 -12.66 -54.72 -11.38
CA ASP H 152 -13.50 -55.93 -11.54
C ASP H 152 -13.13 -56.94 -10.48
N PRO H 153 -14.01 -57.19 -9.50
CA PRO H 153 -13.63 -58.18 -8.47
C PRO H 153 -13.84 -59.66 -8.87
N THR H 154 -13.94 -59.95 -10.16
CA THR H 154 -13.99 -61.34 -10.63
C THR H 154 -12.79 -62.16 -10.09
N GLY H 155 -13.07 -63.34 -9.55
CA GLY H 155 -12.06 -64.22 -8.97
C GLY H 155 -11.76 -63.96 -7.49
N VAL H 156 -12.47 -63.02 -6.89
CA VAL H 156 -12.25 -62.66 -5.49
C VAL H 156 -12.62 -63.78 -4.49
N ASP H 157 -13.59 -64.60 -4.87
CA ASP H 157 -13.97 -65.79 -4.12
C ASP H 157 -13.25 -67.05 -4.61
N SER H 158 -11.98 -66.92 -4.98
CA SER H 158 -11.20 -68.09 -5.40
C SER H 158 -9.82 -68.01 -4.80
N GLU H 159 -9.07 -69.10 -4.92
CA GLU H 159 -7.72 -69.20 -4.38
C GLU H 159 -6.79 -68.13 -4.95
N GLU H 160 -6.89 -67.89 -6.26
CA GLU H 160 -6.02 -66.93 -6.94
C GLU H 160 -6.48 -65.48 -6.81
N GLY H 161 -7.75 -65.25 -6.43
CA GLY H 161 -8.26 -63.91 -6.11
C GLY H 161 -8.38 -62.90 -7.26
N ALA H 162 -8.85 -61.69 -6.97
CA ALA H 162 -8.95 -60.66 -8.02
C ALA H 162 -7.74 -59.79 -8.04
N THR H 163 -7.56 -59.10 -9.15
CA THR H 163 -6.48 -58.13 -9.30
C THR H 163 -7.11 -56.83 -9.73
N CYS H 164 -6.66 -55.73 -9.14
CA CYS H 164 -7.04 -54.44 -9.64
C CYS H 164 -5.88 -53.50 -9.56
N ALA H 165 -6.00 -52.41 -10.30
CA ALA H 165 -4.98 -51.40 -10.38
C ALA H 165 -5.64 -50.03 -10.43
N VAL H 166 -4.97 -49.04 -9.86
CA VAL H 166 -5.37 -47.66 -9.99
C VAL H 166 -4.09 -46.84 -10.01
N LYS H 167 -3.98 -45.86 -10.90
CA LYS H 167 -2.75 -45.04 -10.90
C LYS H 167 -2.97 -43.65 -10.34
N PHE H 168 -1.91 -43.09 -9.78
CA PHE H 168 -1.93 -41.78 -9.19
C PHE H 168 -0.90 -40.84 -9.87
N GLY H 169 -1.31 -39.64 -10.24
CA GLY H 169 -0.32 -38.64 -10.69
C GLY H 169 -0.91 -37.24 -10.67
N SER H 170 -0.07 -36.26 -10.95
CA SER H 170 -0.51 -34.89 -11.10
C SER H 170 -1.64 -34.83 -12.12
N TRP H 171 -2.60 -33.95 -11.89
CA TRP H 171 -3.65 -33.75 -12.91
C TRP H 171 -3.16 -32.88 -14.03
N VAL H 172 -2.50 -31.78 -13.69
CA VAL H 172 -2.19 -30.79 -14.72
C VAL H 172 -0.71 -30.63 -15.05
N TYR H 173 0.18 -31.26 -14.30
CA TYR H 173 1.60 -31.18 -14.61
C TYR H 173 2.15 -32.44 -15.22
N SER H 174 2.80 -32.23 -16.36
CA SER H 174 3.50 -33.24 -17.09
C SER H 174 4.81 -33.61 -16.38
N GLY H 175 5.51 -34.62 -16.92
CA GLY H 175 6.79 -35.12 -16.39
C GLY H 175 7.92 -34.11 -16.50
N PHE H 176 7.75 -33.09 -17.34
CA PHE H 176 8.74 -32.02 -17.41
C PHE H 176 8.58 -31.07 -16.25
N GLU H 177 7.52 -31.22 -15.45
CA GLU H 177 7.23 -30.29 -14.33
C GLU H 177 7.14 -30.96 -12.97
N ILE H 178 6.46 -32.08 -12.92
CA ILE H 178 6.47 -32.92 -11.75
C ILE H 178 6.92 -34.30 -12.17
N ASP H 179 8.02 -34.77 -11.59
CA ASP H 179 8.32 -36.20 -11.71
C ASP H 179 7.93 -36.91 -10.39
N LEU H 180 7.63 -38.20 -10.46
CA LEU H 180 7.29 -38.97 -9.27
C LEU H 180 8.33 -40.06 -9.10
N LYS H 181 8.64 -40.39 -7.85
CA LYS H 181 9.38 -41.63 -7.53
C LYS H 181 8.71 -42.34 -6.36
N THR H 182 8.96 -43.64 -6.24
CA THR H 182 8.67 -44.32 -4.98
C THR H 182 10.02 -44.55 -4.26
N ASP H 183 9.99 -44.81 -2.96
CA ASP H 183 11.19 -45.25 -2.22
C ASP H 183 11.25 -46.76 -2.24
N THR H 184 10.12 -47.39 -2.54
CA THR H 184 10.04 -48.84 -2.56
C THR H 184 8.91 -49.19 -3.51
N ASP H 185 8.92 -50.39 -4.05
CA ASP H 185 7.85 -50.82 -4.95
C ASP H 185 6.83 -51.74 -4.22
N GLN H 186 7.11 -52.04 -2.96
CA GLN H 186 6.19 -52.76 -2.08
C GLN H 186 5.31 -51.75 -1.34
N VAL H 187 4.00 -51.86 -1.54
CA VAL H 187 3.04 -51.12 -0.77
C VAL H 187 3.20 -51.58 0.70
N ASP H 188 3.13 -50.63 1.62
CA ASP H 188 3.19 -50.93 3.02
C ASP H 188 1.88 -51.59 3.43
N LEU H 189 1.99 -52.84 3.84
CA LEU H 189 0.86 -53.61 4.32
C LEU H 189 0.97 -53.86 5.83
N SER H 190 1.79 -53.10 6.54
CA SER H 190 2.03 -53.44 7.95
C SER H 190 0.89 -52.97 8.86
N SER H 191 0.04 -52.03 8.42
CA SER H 191 -1.17 -51.73 9.19
C SER H 191 -2.49 -52.14 8.54
N TYR H 192 -2.42 -53.09 7.62
CA TYR H 192 -3.61 -53.61 6.93
C TYR H 192 -4.50 -54.27 7.98
N TYR H 193 -5.80 -53.98 7.95
CA TYR H 193 -6.69 -54.44 9.01
C TYR H 193 -6.81 -55.99 9.06
N ALA H 194 -6.45 -56.58 10.20
CA ALA H 194 -6.34 -58.05 10.28
C ALA H 194 -7.67 -58.75 10.05
N SER H 195 -8.78 -58.11 10.44
CA SER H 195 -10.10 -58.73 10.30
C SER H 195 -10.91 -58.25 9.09
N SER H 196 -10.20 -57.63 8.15
CA SER H 196 -10.78 -57.25 6.87
C SER H 196 -11.50 -58.41 6.20
N LYS H 197 -12.57 -58.09 5.48
CA LYS H 197 -13.26 -59.06 4.63
C LYS H 197 -12.38 -59.67 3.54
N TYR H 198 -11.42 -58.89 3.06
CA TYR H 198 -10.49 -59.36 2.05
C TYR H 198 -9.07 -59.40 2.56
N GLU H 199 -8.33 -60.44 2.23
CA GLU H 199 -6.90 -60.43 2.54
C GLU H 199 -6.12 -60.05 1.32
N ILE H 200 -4.88 -59.64 1.54
CA ILE H 200 -4.05 -59.15 0.48
C ILE H 200 -3.05 -60.24 0.07
N LEU H 201 -3.11 -60.65 -1.19
CA LEU H 201 -2.10 -61.55 -1.74
C LEU H 201 -0.84 -60.77 -2.12
N SER H 202 -1.01 -59.61 -2.75
CA SER H 202 0.09 -58.70 -2.97
C SER H 202 -0.39 -57.30 -3.29
N ALA H 203 0.49 -56.33 -3.07
CA ALA H 203 0.25 -54.97 -3.42
C ALA H 203 1.57 -54.28 -3.80
N THR H 204 1.64 -53.80 -5.04
CA THR H 204 2.84 -53.13 -5.53
C THR H 204 2.57 -51.69 -5.96
N GLN H 205 3.57 -50.82 -5.88
CA GLN H 205 3.46 -49.43 -6.35
C GLN H 205 4.62 -49.10 -7.28
N THR H 206 4.31 -48.72 -8.51
CA THR H 206 5.34 -48.67 -9.58
C THR H 206 5.17 -47.42 -10.39
N ARG H 207 6.23 -46.63 -10.48
CA ARG H 207 6.27 -45.48 -11.34
C ARG H 207 6.11 -45.87 -12.85
N GLN H 208 5.39 -45.04 -13.61
CA GLN H 208 5.12 -45.27 -15.04
C GLN H 208 5.11 -43.96 -15.80
N VAL H 209 5.49 -44.03 -17.07
CA VAL H 209 5.49 -42.89 -17.95
C VAL H 209 4.49 -43.23 -19.03
N GLN H 210 3.64 -42.26 -19.35
CA GLN H 210 2.63 -42.43 -20.42
C GLN H 210 2.79 -41.32 -21.43
N HIS H 211 2.79 -41.74 -22.70
N HIS H 211 2.20 -41.51 -22.60
CA HIS H 211 3.16 -40.97 -23.92
CA HIS H 211 1.59 -40.34 -23.25
C HIS H 211 1.98 -40.93 -24.87
C HIS H 211 0.09 -40.50 -23.25
N TYR H 212 1.63 -39.74 -25.35
N TYR H 212 -0.62 -39.44 -22.85
CA TYR H 212 0.42 -39.55 -26.14
CA TYR H 212 -2.09 -39.45 -22.88
C TYR H 212 0.74 -38.90 -27.48
C TYR H 212 -2.61 -38.71 -24.10
N SER H 213 0.06 -39.36 -28.53
N SER H 213 -3.71 -39.19 -24.68
N SER H 213 0.19 -39.85 -29.24
CA SER H 213 0.34 -38.93 -29.91
CA SER H 213 -4.37 -38.44 -25.70
CA SER H 213 0.30 -39.11 -30.48
C SER H 213 0.61 -37.43 -30.10
C SER H 213 -4.24 -37.01 -25.23
C SER H 213 0.95 -37.74 -30.26
N CYS H 214 -0.06 -36.60 -29.31
N CYS H 214 -5.32 -36.24 -25.32
CA CYS H 214 -0.11 -35.17 -29.56
CA CYS H 214 -5.34 -34.85 -24.82
C CYS H 214 1.17 -34.45 -29.22
C CYS H 214 -4.03 -34.10 -25.05
N CYS H 215 1.90 -34.99 -28.26
N CYS H 215 -2.94 -34.68 -24.57
CA CYS H 215 2.68 -34.15 -27.36
CA CYS H 215 -1.75 -33.93 -24.26
C CYS H 215 4.04 -34.70 -26.96
C CYS H 215 -0.48 -34.61 -24.82
N PRO H 216 5.13 -33.97 -27.31
N PRO H 216 0.62 -33.87 -25.00
CA PRO H 216 6.51 -34.35 -26.93
CA PRO H 216 1.79 -34.53 -25.61
C PRO H 216 6.65 -34.74 -25.47
C PRO H 216 2.80 -35.22 -24.64
N GLU H 217 5.83 -34.08 -24.62
N GLU H 217 3.41 -34.42 -23.78
CA GLU H 217 5.85 -34.19 -23.17
CA GLU H 217 4.47 -34.82 -22.80
C GLU H 217 4.89 -35.22 -22.55
C GLU H 217 4.44 -36.23 -22.16
N PRO H 218 5.49 -36.26 -21.94
N PRO H 218 5.63 -36.79 -21.77
CA PRO H 218 4.94 -37.42 -21.23
CA PRO H 218 5.45 -37.88 -20.81
C PRO H 218 4.36 -37.06 -19.85
C PRO H 218 4.71 -37.34 -19.60
N TYR H 219 3.61 -37.98 -19.24
CA TYR H 219 3.02 -37.79 -17.93
C TYR H 219 3.49 -38.91 -17.03
N ILE H 220 3.69 -38.60 -15.75
CA ILE H 220 4.18 -39.64 -14.83
C ILE H 220 3.07 -40.08 -13.90
N ASP H 221 3.02 -41.37 -13.64
CA ASP H 221 2.14 -41.88 -12.64
C ASP H 221 2.79 -43.02 -11.83
N VAL H 222 2.26 -43.23 -10.61
CA VAL H 222 2.54 -44.40 -9.81
C VAL H 222 1.31 -45.35 -9.83
N ASN H 223 1.56 -46.58 -10.26
CA ASN H 223 0.51 -47.55 -10.46
C ASN H 223 0.43 -48.47 -9.27
N LEU H 224 -0.73 -48.49 -8.63
CA LEU H 224 -0.93 -49.36 -7.50
C LEU H 224 -1.66 -50.61 -7.96
N VAL H 225 -1.05 -51.78 -7.79
CA VAL H 225 -1.68 -53.04 -8.24
C VAL H 225 -1.97 -53.86 -7.00
N VAL H 226 -3.24 -54.20 -6.80
CA VAL H 226 -3.58 -54.98 -5.62
C VAL H 226 -4.18 -56.30 -5.98
N LYS H 227 -3.59 -57.36 -5.43
CA LYS H 227 -4.14 -58.69 -5.55
C LYS H 227 -4.81 -59.06 -4.23
N PHE H 228 -6.08 -59.42 -4.28
CA PHE H 228 -6.78 -59.73 -3.06
C PHE H 228 -7.80 -60.84 -3.23
N ARG H 229 -8.21 -61.44 -2.12
CA ARG H 229 -9.32 -62.39 -2.14
C ARG H 229 -10.08 -62.37 -0.82
N GLU H 230 -11.25 -63.00 -0.82
CA GLU H 230 -12.03 -63.18 0.41
C GLU H 230 -11.24 -63.92 1.52
N ARG H 231 -11.28 -63.39 2.75
CA ARG H 231 -10.74 -64.08 3.92
C ARG H 231 -11.55 -65.36 4.13
N ARG H 232 -10.90 -66.51 4.31
CA ARG H 232 -11.64 -67.77 4.36
C ARG H 232 -11.56 -68.53 5.70
N ASP I 22 -26.21 -1.74 32.17
CA ASP I 22 -25.72 -2.87 33.02
C ASP I 22 -25.30 -4.09 32.17
N LYS I 23 -26.13 -4.42 31.18
CA LYS I 23 -25.91 -5.53 30.26
C LYS I 23 -24.82 -5.17 29.24
N LEU I 24 -24.91 -3.95 28.72
CA LEU I 24 -24.00 -3.44 27.71
C LEU I 24 -22.54 -3.39 28.16
N HIS I 25 -22.28 -2.82 29.35
CA HIS I 25 -20.90 -2.71 29.87
C HIS I 25 -20.17 -4.04 29.86
N SER I 26 -20.83 -5.13 30.28
CA SER I 26 -20.21 -6.46 30.22
C SER I 26 -20.08 -7.03 28.79
N GLN I 27 -20.96 -6.61 27.88
CA GLN I 27 -20.80 -6.95 26.45
C GLN I 27 -19.58 -6.28 25.81
N ALA I 28 -19.32 -5.01 26.14
CA ALA I 28 -18.13 -4.31 25.65
C ALA I 28 -16.84 -4.95 26.20
N ASN I 29 -16.89 -5.36 27.46
CA ASN I 29 -15.73 -6.01 28.10
C ASN I 29 -15.42 -7.33 27.39
N LEU I 30 -16.44 -8.14 27.15
CA LEU I 30 -16.32 -9.38 26.35
C LEU I 30 -15.70 -9.14 24.96
N MET I 31 -16.18 -8.09 24.28
CA MET I 31 -15.69 -7.74 22.94
C MET I 31 -14.20 -7.37 22.96
N ARG I 32 -13.78 -6.68 24.01
CA ARG I 32 -12.37 -6.29 24.14
C ARG I 32 -11.48 -7.49 24.59
N LEU I 33 -12.02 -8.37 25.43
CA LEU I 33 -11.28 -9.57 25.82
C LEU I 33 -10.96 -10.41 24.60
N LYS I 34 -11.97 -10.71 23.81
CA LYS I 34 -11.77 -11.51 22.61
C LYS I 34 -10.76 -10.82 21.71
N SER I 35 -10.92 -9.50 21.60
CA SER I 35 -10.05 -8.66 20.79
C SER I 35 -8.58 -8.80 21.24
N ASP I 36 -8.35 -8.78 22.56
CA ASP I 36 -6.98 -8.89 23.08
C ASP I 36 -6.39 -10.28 22.83
N LEU I 37 -7.22 -11.29 23.08
CA LEU I 37 -6.79 -12.68 22.99
C LEU I 37 -6.42 -13.07 21.56
N PHE I 38 -7.29 -12.74 20.61
CA PHE I 38 -7.12 -13.20 19.21
C PHE I 38 -6.38 -12.21 18.31
N ASN I 39 -6.93 -11.01 18.15
CA ASN I 39 -6.43 -10.08 17.13
C ASN I 39 -5.17 -9.31 17.51
N ARG I 40 -4.72 -9.42 18.76
CA ARG I 40 -3.60 -8.60 19.27
C ARG I 40 -2.19 -9.23 19.13
N SER I 41 -1.93 -10.31 19.87
CA SER I 41 -0.74 -11.13 19.62
C SER I 41 -1.05 -12.17 18.52
N PRO I 42 0.00 -12.72 17.85
CA PRO I 42 -0.22 -13.64 16.71
C PRO I 42 -0.93 -14.97 17.02
N MET I 43 -1.28 -15.73 15.97
CA MET I 43 -1.99 -17.00 16.11
C MET I 43 -1.11 -18.03 16.83
N TYR I 44 -1.71 -18.72 17.82
CA TYR I 44 -1.08 -19.85 18.53
C TYR I 44 -0.70 -20.93 17.52
N PRO I 45 0.58 -21.27 17.44
CA PRO I 45 0.94 -22.13 16.34
C PRO I 45 0.90 -23.60 16.69
N GLY I 46 0.12 -24.01 17.68
CA GLY I 46 0.16 -25.41 18.15
C GLY I 46 1.31 -25.69 19.10
N PRO I 47 1.35 -26.89 19.73
CA PRO I 47 2.38 -27.21 20.72
C PRO I 47 3.71 -27.56 20.08
N THR I 48 4.79 -27.50 20.87
CA THR I 48 6.10 -27.99 20.46
C THR I 48 6.70 -28.84 21.57
N LYS I 49 7.87 -29.41 21.31
CA LYS I 49 8.63 -30.14 22.32
C LYS I 49 8.98 -29.28 23.54
N ASP I 50 9.21 -27.99 23.32
CA ASP I 50 9.51 -27.05 24.40
C ASP I 50 8.26 -26.58 25.15
N ASP I 51 7.12 -26.52 24.46
CA ASP I 51 5.85 -26.20 25.08
C ASP I 51 4.84 -27.33 24.83
N PRO I 52 4.93 -28.42 25.59
CA PRO I 52 3.98 -29.45 25.20
C PRO I 52 2.60 -29.15 25.77
N LEU I 53 1.62 -29.95 25.35
CA LEU I 53 0.24 -29.73 25.67
C LEU I 53 -0.38 -31.06 26.06
N THR I 54 -1.19 -31.05 27.11
CA THR I 54 -1.95 -32.22 27.49
C THR I 54 -3.40 -32.03 27.08
N VAL I 55 -3.95 -33.03 26.38
CA VAL I 55 -5.32 -33.02 25.94
C VAL I 55 -5.99 -34.19 26.63
N THR I 56 -7.02 -33.86 27.41
CA THR I 56 -7.83 -34.87 28.08
C THR I 56 -9.02 -35.27 27.19
N LEU I 57 -9.20 -36.57 26.99
CA LEU I 57 -10.28 -37.14 26.19
C LEU I 57 -11.20 -38.07 26.99
N GLY I 58 -12.51 -37.99 26.75
CA GLY I 58 -13.45 -38.97 27.32
C GLY I 58 -14.64 -39.16 26.38
N PHE I 59 -15.15 -40.39 26.31
CA PHE I 59 -16.23 -40.72 25.41
C PHE I 59 -17.49 -41.06 26.19
N THR I 60 -18.63 -40.61 25.65
CA THR I 60 -19.97 -40.90 26.15
C THR I 60 -20.62 -41.62 24.98
N LEU I 61 -20.69 -42.95 25.10
CA LEU I 61 -21.20 -43.77 24.04
C LEU I 61 -22.74 -43.72 24.04
N GLN I 62 -23.31 -43.28 22.93
CA GLN I 62 -24.74 -43.11 22.87
C GLN I 62 -25.45 -44.30 22.21
N ASP I 63 -24.84 -44.87 21.19
CA ASP I 63 -25.51 -45.90 20.44
C ASP I 63 -24.50 -46.60 19.55
N ILE I 64 -24.65 -47.90 19.40
CA ILE I 64 -24.06 -48.60 18.28
C ILE I 64 -25.20 -48.64 17.27
N VAL I 65 -25.04 -47.89 16.18
CA VAL I 65 -26.12 -47.74 15.24
C VAL I 65 -26.20 -48.93 14.33
N LYS I 66 -25.06 -49.44 13.91
CA LYS I 66 -25.06 -50.33 12.78
C LYS I 66 -23.85 -51.23 12.83
N ALA I 67 -24.05 -52.52 12.68
CA ALA I 67 -22.92 -53.45 12.62
C ALA I 67 -23.03 -54.25 11.34
N ASP I 68 -22.20 -53.91 10.38
CA ASP I 68 -22.29 -54.49 9.03
C ASP I 68 -21.30 -55.61 8.90
N SER I 69 -21.77 -56.84 8.89
CA SER I 69 -20.86 -57.95 8.73
C SER I 69 -20.59 -58.31 7.27
N SER I 70 -21.17 -57.57 6.33
CA SER I 70 -20.75 -57.72 4.94
C SER I 70 -19.48 -56.87 4.60
N THR I 71 -19.25 -55.76 5.32
CA THR I 71 -18.09 -54.92 5.05
C THR I 71 -17.15 -54.81 6.26
N ASN I 72 -17.54 -55.41 7.38
CA ASN I 72 -16.82 -55.26 8.65
C ASN I 72 -16.55 -53.82 9.04
N GLU I 73 -17.65 -53.06 9.11
CA GLU I 73 -17.67 -51.67 9.58
C GLU I 73 -18.69 -51.63 10.69
N VAL I 74 -18.41 -50.87 11.75
CA VAL I 74 -19.39 -50.61 12.77
C VAL I 74 -19.51 -49.09 12.91
N ASP I 75 -20.74 -48.64 13.12
CA ASP I 75 -21.08 -47.21 13.29
C ASP I 75 -21.51 -46.91 14.73
N LEU I 76 -20.84 -45.94 15.34
CA LEU I 76 -21.10 -45.55 16.73
C LEU I 76 -21.56 -44.09 16.71
N VAL I 77 -22.45 -43.72 17.63
CA VAL I 77 -22.76 -42.30 17.89
C VAL I 77 -22.33 -42.06 19.34
N TYR I 78 -21.54 -41.01 19.58
CA TYR I 78 -20.99 -40.72 20.88
C TYR I 78 -20.73 -39.22 20.94
N TYR I 79 -20.46 -38.70 22.15
CA TYR I 79 -19.97 -37.34 22.37
C TYR I 79 -18.51 -37.53 22.76
N GLU I 80 -17.63 -36.67 22.28
CA GLU I 80 -16.24 -36.78 22.63
C GLU I 80 -15.86 -35.51 23.36
N GLN I 81 -15.58 -35.61 24.66
CA GLN I 81 -15.18 -34.45 25.45
C GLN I 81 -13.68 -34.24 25.25
N GLN I 82 -13.27 -33.04 24.90
CA GLN I 82 -11.85 -32.73 24.73
C GLN I 82 -11.56 -31.53 25.60
N ARG I 83 -10.44 -31.57 26.31
CA ARG I 83 -10.07 -30.49 27.22
C ARG I 83 -8.56 -30.24 27.15
N TRP I 84 -8.18 -28.96 27.13
CA TRP I 84 -6.79 -28.56 27.15
C TRP I 84 -6.73 -27.17 27.68
N LYS I 85 -5.52 -26.66 27.83
CA LYS I 85 -5.32 -25.38 28.49
C LYS I 85 -4.14 -24.65 27.88
N LEU I 86 -4.39 -23.45 27.39
CA LEU I 86 -3.34 -22.65 26.82
C LEU I 86 -3.04 -21.42 27.68
N ASN I 87 -1.75 -21.13 27.89
CA ASN I 87 -1.37 -19.89 28.55
C ASN I 87 -1.84 -18.65 27.79
N SER I 88 -1.78 -18.69 26.46
CA SER I 88 -2.24 -17.57 25.63
C SER I 88 -3.76 -17.28 25.75
N LEU I 89 -4.55 -18.24 26.21
CA LEU I 89 -5.98 -18.02 26.53
C LEU I 89 -6.31 -17.56 27.97
N MET I 90 -5.31 -17.34 28.82
CA MET I 90 -5.51 -16.83 30.19
C MET I 90 -5.82 -15.35 30.22
N TRP I 91 -6.66 -14.93 31.17
CA TRP I 91 -6.84 -13.53 31.50
C TRP I 91 -7.23 -13.40 32.93
N ASP I 92 -7.08 -12.19 33.45
CA ASP I 92 -7.53 -11.81 34.77
C ASP I 92 -8.97 -11.26 34.66
N PRO I 93 -9.96 -11.96 35.25
CA PRO I 93 -11.35 -11.50 35.18
C PRO I 93 -11.53 -10.06 35.64
N ASN I 94 -10.74 -9.62 36.63
CA ASN I 94 -10.82 -8.24 37.15
C ASN I 94 -10.53 -7.21 36.10
N GLU I 95 -9.73 -7.60 35.12
CA GLU I 95 -9.39 -6.76 33.99
C GLU I 95 -10.55 -6.61 32.98
N TYR I 96 -11.61 -7.41 33.13
CA TYR I 96 -12.70 -7.48 32.14
C TYR I 96 -14.05 -7.70 32.80
N GLY I 97 -14.41 -6.84 33.74
CA GLY I 97 -15.70 -6.89 34.44
C GLY I 97 -16.09 -8.23 35.05
N ASN I 98 -15.10 -8.95 35.59
CA ASN I 98 -15.29 -10.29 36.15
C ASN I 98 -15.89 -11.35 35.21
N ILE I 99 -15.59 -11.24 33.92
CA ILE I 99 -15.94 -12.32 32.98
C ILE I 99 -14.99 -13.50 33.20
N THR I 100 -15.56 -14.70 33.42
CA THR I 100 -14.80 -15.86 33.80
C THR I 100 -14.70 -16.93 32.68
N ASP I 101 -15.61 -16.86 31.72
CA ASP I 101 -15.65 -17.76 30.57
C ASP I 101 -16.42 -17.13 29.38
N PHE I 102 -16.31 -17.75 28.21
CA PHE I 102 -17.11 -17.32 27.07
C PHE I 102 -17.21 -18.44 26.06
N ARG I 103 -18.22 -18.34 25.20
CA ARG I 103 -18.44 -19.31 24.14
C ARG I 103 -17.78 -18.76 22.89
N THR I 104 -17.25 -19.64 22.07
CA THR I 104 -16.66 -19.19 20.82
C THR I 104 -16.83 -20.28 19.83
N SER I 105 -16.89 -19.88 18.57
CA SER I 105 -16.90 -20.83 17.46
C SER I 105 -15.61 -21.65 17.51
N ALA I 106 -15.73 -22.95 17.31
CA ALA I 106 -14.55 -23.81 17.43
C ALA I 106 -13.55 -23.52 16.31
N ALA I 107 -14.07 -23.03 15.19
CA ALA I 107 -13.26 -22.58 14.05
C ALA I 107 -12.41 -21.36 14.39
N ASP I 108 -12.71 -20.65 15.47
CA ASP I 108 -11.94 -19.43 15.78
C ASP I 108 -10.85 -19.64 16.83
N ILE I 109 -10.65 -20.88 17.26
CA ILE I 109 -9.58 -21.15 18.16
C ILE I 109 -8.80 -22.30 17.58
N TRP I 110 -7.59 -22.47 18.09
CA TRP I 110 -6.83 -23.66 17.80
C TRP I 110 -7.57 -24.82 18.43
N THR I 111 -7.68 -25.94 17.69
CA THR I 111 -8.16 -27.17 18.31
C THR I 111 -7.20 -28.30 17.92
N PRO I 112 -7.15 -29.34 18.76
CA PRO I 112 -6.19 -30.42 18.50
C PRO I 112 -6.69 -31.34 17.43
N ASP I 113 -5.75 -31.98 16.73
CA ASP I 113 -6.05 -32.78 15.56
C ASP I 113 -6.23 -34.27 15.96
N ILE I 114 -7.07 -34.50 16.97
CA ILE I 114 -7.36 -35.88 17.42
C ILE I 114 -8.25 -36.58 16.39
N THR I 115 -7.93 -37.83 16.09
CA THR I 115 -8.45 -38.56 14.96
C THR I 115 -8.58 -40.03 15.29
N ALA I 116 -9.69 -40.64 14.87
CA ALA I 116 -9.78 -42.08 14.92
C ALA I 116 -8.78 -42.64 13.93
N TYR I 117 -8.03 -43.68 14.33
CA TYR I 117 -6.98 -44.19 13.44
C TYR I 117 -7.46 -45.24 12.45
N SER I 118 -8.68 -45.72 12.61
CA SER I 118 -9.18 -46.74 11.71
C SER I 118 -10.62 -46.44 11.20
N SER I 119 -10.98 -45.16 11.05
CA SER I 119 -12.29 -44.82 10.44
C SER I 119 -12.36 -45.29 8.97
N THR I 120 -13.57 -45.52 8.46
CA THR I 120 -13.75 -45.92 7.06
C THR I 120 -14.57 -44.88 6.27
N ARG I 121 -15.02 -43.83 6.96
CA ARG I 121 -15.74 -42.71 6.33
CA ARG I 121 -15.80 -42.72 6.37
C ARG I 121 -15.44 -41.44 7.14
N PRO I 122 -15.56 -40.24 6.50
CA PRO I 122 -15.39 -39.05 7.30
C PRO I 122 -16.39 -39.03 8.47
N VAL I 123 -15.95 -38.50 9.59
CA VAL I 123 -16.82 -38.32 10.77
C VAL I 123 -17.95 -37.36 10.45
N GLN I 124 -19.15 -37.71 10.86
CA GLN I 124 -20.25 -36.76 10.73
C GLN I 124 -20.53 -36.04 12.05
N VAL I 125 -20.55 -34.72 12.01
CA VAL I 125 -20.72 -33.87 13.19
C VAL I 125 -22.20 -33.64 13.52
N LEU I 126 -22.57 -33.84 14.81
CA LEU I 126 -24.01 -33.82 15.19
C LEU I 126 -24.40 -32.67 16.12
N SER I 127 -23.42 -31.92 16.58
CA SER I 127 -23.67 -30.80 17.50
C SER I 127 -22.98 -29.53 16.97
N PRO I 128 -23.42 -28.35 17.44
CA PRO I 128 -22.83 -27.11 17.01
C PRO I 128 -21.36 -27.15 17.34
N GLN I 129 -20.54 -26.53 16.52
CA GLN I 129 -19.11 -26.52 16.82
C GLN I 129 -18.77 -25.26 17.61
N ILE I 130 -19.07 -25.29 18.90
CA ILE I 130 -18.84 -24.14 19.79
C ILE I 130 -18.02 -24.71 20.93
N ALA I 131 -17.01 -23.97 21.37
CA ALA I 131 -16.20 -24.38 22.52
C ALA I 131 -16.40 -23.39 23.61
N VAL I 132 -16.05 -23.73 24.84
CA VAL I 132 -16.06 -22.77 25.92
C VAL I 132 -14.66 -22.59 26.51
N VAL I 133 -14.30 -21.33 26.68
CA VAL I 133 -12.98 -20.93 27.11
C VAL I 133 -13.12 -20.30 28.48
N THR I 134 -12.29 -20.73 29.44
CA THR I 134 -12.32 -20.21 30.81
C THR I 134 -11.04 -19.40 31.10
N HIS I 135 -11.15 -18.46 32.03
CA HIS I 135 -10.10 -17.45 32.29
C HIS I 135 -8.75 -18.01 32.67
N ASP I 136 -8.72 -19.26 33.14
CA ASP I 136 -7.48 -19.97 33.38
C ASP I 136 -6.90 -20.54 32.08
N GLY I 137 -7.53 -20.23 30.94
CA GLY I 137 -6.98 -20.63 29.65
C GLY I 137 -7.40 -22.02 29.20
N SER I 138 -8.29 -22.65 29.96
CA SER I 138 -8.71 -24.00 29.55
C SER I 138 -9.92 -23.96 28.63
N VAL I 139 -10.00 -24.98 27.79
CA VAL I 139 -10.98 -25.07 26.74
C VAL I 139 -11.73 -26.37 26.89
N MET I 140 -13.03 -26.31 26.64
CA MET I 140 -13.88 -27.45 26.68
C MET I 140 -14.66 -27.51 25.37
N PHE I 141 -14.63 -28.66 24.72
CA PHE I 141 -15.24 -28.84 23.40
C PHE I 141 -15.76 -30.26 23.38
N ILE I 142 -17.05 -30.39 23.11
CA ILE I 142 -17.69 -31.70 23.21
C ILE I 142 -18.48 -31.96 21.90
N PRO I 143 -17.77 -32.31 20.80
CA PRO I 143 -18.42 -32.65 19.57
C PRO I 143 -19.13 -34.00 19.66
N ALA I 144 -20.44 -34.00 19.34
CA ALA I 144 -21.21 -35.22 19.12
C ALA I 144 -20.91 -35.66 17.66
N GLN I 145 -20.77 -36.96 17.41
CA GLN I 145 -20.25 -37.46 16.14
CA GLN I 145 -20.22 -37.47 16.16
C GLN I 145 -20.84 -38.85 15.80
N ARG I 146 -20.97 -39.16 14.51
CA ARG I 146 -21.24 -40.53 14.05
C ARG I 146 -19.97 -40.99 13.32
N LEU I 147 -19.39 -42.11 13.74
CA LEU I 147 -18.17 -42.64 13.15
C LEU I 147 -18.38 -44.08 12.65
N SER I 148 -17.93 -44.34 11.41
CA SER I 148 -17.80 -45.69 10.86
C SER I 148 -16.33 -46.06 11.02
N PHE I 149 -16.05 -47.23 11.59
CA PHE I 149 -14.67 -47.66 11.74
C PHE I 149 -14.54 -49.18 11.50
N MET I 150 -13.32 -49.69 11.41
CA MET I 150 -13.09 -51.07 11.01
C MET I 150 -13.39 -51.99 12.17
N CYS I 151 -14.32 -52.92 11.97
CA CYS I 151 -14.74 -53.79 13.06
C CYS I 151 -15.47 -54.98 12.52
N ASP I 152 -14.97 -56.15 12.93
CA ASP I 152 -15.60 -57.43 12.63
C ASP I 152 -16.58 -57.77 13.74
N PRO I 153 -17.89 -57.77 13.41
CA PRO I 153 -18.87 -58.04 14.46
C PRO I 153 -19.14 -59.53 14.70
N THR I 154 -18.27 -60.41 14.20
CA THR I 154 -18.53 -61.86 14.33
C THR I 154 -18.75 -62.15 15.78
N GLY I 155 -19.84 -62.85 16.05
CA GLY I 155 -20.19 -63.23 17.40
C GLY I 155 -21.08 -62.28 18.19
N VAL I 156 -21.56 -61.17 17.57
CA VAL I 156 -22.60 -60.30 18.17
C VAL I 156 -23.85 -61.08 18.56
N ASP I 157 -24.20 -62.08 17.76
CA ASP I 157 -25.43 -62.80 17.99
C ASP I 157 -25.27 -63.93 19.04
N SER I 158 -24.15 -63.93 19.76
CA SER I 158 -23.96 -64.86 20.89
C SER I 158 -23.88 -64.16 22.24
N GLU I 159 -24.14 -64.94 23.28
CA GLU I 159 -23.95 -64.57 24.68
C GLU I 159 -22.62 -63.85 24.90
N GLU I 160 -21.55 -64.39 24.33
CA GLU I 160 -20.24 -63.77 24.49
C GLU I 160 -20.12 -62.39 23.80
N GLY I 161 -20.89 -62.18 22.74
CA GLY I 161 -20.86 -60.90 22.01
C GLY I 161 -19.62 -60.66 21.17
N ALA I 162 -19.51 -59.44 20.66
CA ALA I 162 -18.46 -59.07 19.76
C ALA I 162 -17.56 -58.07 20.47
N THR I 163 -16.34 -57.94 19.98
CA THR I 163 -15.44 -56.91 20.52
C THR I 163 -14.97 -56.05 19.38
N CYS I 164 -14.90 -54.75 19.59
CA CYS I 164 -14.14 -53.92 18.68
C CYS I 164 -13.32 -52.84 19.35
N ALA I 165 -12.33 -52.35 18.61
CA ALA I 165 -11.33 -51.46 19.14
C ALA I 165 -11.06 -50.37 18.13
N VAL I 166 -10.98 -49.11 18.59
CA VAL I 166 -10.50 -48.02 17.71
C VAL I 166 -9.61 -47.06 18.53
N LYS I 167 -8.40 -46.80 18.07
CA LYS I 167 -7.50 -45.82 18.70
C LYS I 167 -7.77 -44.40 18.25
N PHE I 168 -7.63 -43.46 19.18
CA PHE I 168 -7.75 -42.05 18.89
C PHE I 168 -6.44 -41.39 19.28
N GLY I 169 -5.97 -40.43 18.49
CA GLY I 169 -4.72 -39.81 18.75
C GLY I 169 -4.50 -38.67 17.77
N SER I 170 -3.46 -37.89 18.01
CA SER I 170 -3.05 -36.84 17.11
C SER I 170 -2.56 -37.47 15.81
N TRP I 171 -2.93 -36.88 14.69
CA TRP I 171 -2.44 -37.36 13.40
C TRP I 171 -0.98 -37.07 13.20
N VAL I 172 -0.54 -35.87 13.61
CA VAL I 172 0.84 -35.42 13.28
C VAL I 172 1.76 -35.02 14.43
N TYR I 173 1.26 -35.01 15.66
CA TYR I 173 2.15 -34.71 16.80
C TYR I 173 2.48 -35.98 17.57
N SER I 174 3.74 -36.13 17.99
CA SER I 174 4.14 -37.25 18.82
C SER I 174 3.80 -36.97 20.29
N GLY I 175 4.12 -37.93 21.17
CA GLY I 175 4.03 -37.76 22.61
C GLY I 175 4.89 -36.62 23.17
N PHE I 176 5.87 -36.15 22.40
CA PHE I 176 6.63 -35.00 22.87
C PHE I 176 5.89 -33.66 22.74
N GLU I 177 4.88 -33.60 21.87
CA GLU I 177 4.18 -32.35 21.67
C GLU I 177 2.79 -32.35 22.29
N ILE I 178 2.15 -33.51 22.22
CA ILE I 178 0.80 -33.66 22.72
C ILE I 178 0.74 -34.95 23.55
N ASP I 179 0.44 -34.80 24.83
CA ASP I 179 0.21 -35.94 25.68
C ASP I 179 -1.29 -36.09 25.77
N LEU I 180 -1.77 -37.31 25.93
CA LEU I 180 -3.20 -37.53 26.06
C LEU I 180 -3.48 -38.04 27.42
N LYS I 181 -4.72 -37.94 27.86
CA LYS I 181 -5.13 -38.58 29.09
C LYS I 181 -6.62 -38.72 29.11
N THR I 182 -7.11 -39.58 29.98
CA THR I 182 -8.51 -39.81 30.19
C THR I 182 -8.68 -39.63 31.70
N ASP I 183 -9.82 -39.12 32.16
CA ASP I 183 -10.04 -38.98 33.61
C ASP I 183 -10.41 -40.30 34.27
N THR I 184 -10.80 -41.25 33.46
CA THR I 184 -11.24 -42.56 33.90
C THR I 184 -11.08 -43.42 32.67
N ASP I 185 -10.91 -44.71 32.86
CA ASP I 185 -10.86 -45.68 31.78
C ASP I 185 -12.22 -46.26 31.43
N GLN I 186 -13.25 -45.86 32.16
CA GLN I 186 -14.60 -46.38 31.92
C GLN I 186 -15.33 -45.40 31.02
N VAL I 187 -15.78 -45.89 29.88
CA VAL I 187 -16.57 -45.04 28.99
C VAL I 187 -17.86 -44.67 29.67
N ASP I 188 -18.26 -43.40 29.57
CA ASP I 188 -19.55 -43.01 30.12
C ASP I 188 -20.71 -43.64 29.29
N LEU I 189 -21.45 -44.52 29.97
CA LEU I 189 -22.59 -45.23 29.39
C LEU I 189 -23.92 -44.73 29.96
N SER I 190 -23.90 -43.62 30.68
CA SER I 190 -25.14 -43.20 31.33
C SER I 190 -26.18 -42.66 30.32
N SER I 191 -25.77 -42.39 29.06
CA SER I 191 -26.69 -41.99 28.01
C SER I 191 -26.81 -43.08 26.95
N TYR I 192 -26.44 -44.30 27.28
CA TYR I 192 -26.51 -45.30 26.24
C TYR I 192 -27.98 -45.57 25.91
N TYR I 193 -28.33 -45.41 24.64
CA TYR I 193 -29.70 -45.64 24.20
C TYR I 193 -30.24 -47.00 24.62
N ALA I 194 -31.26 -46.96 25.46
CA ALA I 194 -31.73 -48.13 26.14
C ALA I 194 -32.50 -49.08 25.21
N SER I 195 -32.90 -48.62 24.02
CA SER I 195 -33.62 -49.50 23.10
C SER I 195 -32.82 -49.82 21.86
N SER I 196 -31.49 -49.72 21.97
CA SER I 196 -30.56 -50.00 20.90
C SER I 196 -30.71 -51.44 20.44
N LYS I 197 -30.31 -51.72 19.20
CA LYS I 197 -30.23 -53.13 18.73
C LYS I 197 -29.16 -53.87 19.52
N TYR I 198 -28.26 -53.12 20.14
CA TYR I 198 -27.09 -53.70 20.79
C TYR I 198 -26.96 -53.31 22.25
N GLU I 199 -26.69 -54.32 23.07
CA GLU I 199 -26.45 -54.16 24.49
C GLU I 199 -24.93 -54.02 24.72
N ILE I 200 -24.54 -53.12 25.61
CA ILE I 200 -23.11 -52.95 25.87
C ILE I 200 -22.66 -53.78 27.05
N LEU I 201 -21.72 -54.68 26.79
CA LEU I 201 -21.16 -55.52 27.84
C LEU I 201 -20.06 -54.80 28.65
N SER I 202 -19.24 -53.99 27.97
CA SER I 202 -18.26 -53.11 28.61
C SER I 202 -17.67 -52.12 27.60
N ALA I 203 -17.22 -50.98 28.07
CA ALA I 203 -16.60 -50.03 27.21
C ALA I 203 -15.50 -49.34 27.98
N THR I 204 -14.25 -49.52 27.52
CA THR I 204 -13.08 -48.93 28.18
C THR I 204 -12.39 -47.95 27.26
N GLN I 205 -11.82 -46.88 27.81
CA GLN I 205 -11.01 -45.94 27.01
C GLN I 205 -9.66 -45.84 27.72
N THR I 206 -8.59 -46.38 27.11
CA THR I 206 -7.31 -46.54 27.83
C THR I 206 -6.18 -45.79 27.12
N ARG I 207 -5.54 -44.84 27.82
CA ARG I 207 -4.31 -44.20 27.33
C ARG I 207 -3.17 -45.23 27.15
N GLN I 208 -2.48 -45.21 26.02
CA GLN I 208 -1.40 -46.18 25.75
C GLN I 208 -0.22 -45.44 25.13
N VAL I 209 0.98 -45.73 25.62
CA VAL I 209 2.19 -45.19 25.04
C VAL I 209 2.82 -46.27 24.17
N GLN I 210 3.23 -45.91 22.96
CA GLN I 210 3.92 -46.86 22.10
C GLN I 210 5.36 -46.38 21.89
N HIS I 211 6.31 -47.30 22.05
CA HIS I 211 7.74 -46.99 21.90
C HIS I 211 8.30 -47.71 20.68
N TYR I 212 9.26 -47.07 19.99
CA TYR I 212 9.89 -47.67 18.80
C TYR I 212 11.38 -47.65 18.96
N SER I 213 12.01 -48.79 18.69
CA SER I 213 13.46 -48.91 18.73
C SER I 213 14.12 -47.97 17.72
N CYS I 214 13.43 -47.70 16.60
CA CYS I 214 13.93 -46.77 15.58
C CYS I 214 14.18 -45.34 16.10
N CYS I 215 13.33 -44.88 17.02
CA CYS I 215 13.02 -43.46 17.17
C CYS I 215 12.89 -42.98 18.61
N PRO I 216 13.46 -41.81 18.95
CA PRO I 216 13.43 -41.41 20.36
C PRO I 216 12.04 -41.00 20.89
N GLU I 217 11.12 -40.67 20.00
CA GLU I 217 9.85 -40.10 20.46
C GLU I 217 8.69 -41.10 20.69
N PRO I 218 8.02 -40.99 21.84
CA PRO I 218 6.90 -41.86 22.15
C PRO I 218 5.67 -41.40 21.40
N TYR I 219 4.73 -42.32 21.13
CA TYR I 219 3.40 -42.01 20.56
C TYR I 219 2.30 -42.50 21.49
N ILE I 220 1.28 -41.67 21.66
CA ILE I 220 0.21 -41.85 22.62
C ILE I 220 -1.13 -41.90 21.87
N ASP I 221 -1.96 -42.85 22.25
CA ASP I 221 -3.33 -42.88 21.77
C ASP I 221 -4.28 -43.31 22.92
N VAL I 222 -5.57 -43.10 22.71
CA VAL I 222 -6.56 -43.62 23.62
C VAL I 222 -7.27 -44.70 22.88
N ASN I 223 -7.28 -45.87 23.51
CA ASN I 223 -7.84 -47.05 22.92
C ASN I 223 -9.28 -47.29 23.41
N LEU I 224 -10.26 -47.18 22.52
CA LEU I 224 -11.67 -47.44 22.84
C LEU I 224 -12.02 -48.88 22.49
N VAL I 225 -12.38 -49.66 23.48
CA VAL I 225 -12.62 -51.07 23.26
C VAL I 225 -14.08 -51.32 23.71
N VAL I 226 -14.94 -51.72 22.79
CA VAL I 226 -16.34 -51.90 23.16
C VAL I 226 -16.66 -53.36 22.88
N LYS I 227 -17.25 -54.02 23.89
CA LYS I 227 -17.77 -55.37 23.73
C LYS I 227 -19.28 -55.29 23.84
N PHE I 228 -19.95 -56.01 22.96
CA PHE I 228 -21.39 -55.84 22.76
C PHE I 228 -22.04 -57.03 22.07
N ARG I 229 -23.37 -57.12 22.22
CA ARG I 229 -24.16 -58.19 21.63
C ARG I 229 -25.57 -57.71 21.28
N GLU I 230 -26.25 -58.45 20.43
CA GLU I 230 -27.64 -58.14 20.08
C GLU I 230 -28.53 -58.15 21.33
N ARG I 231 -29.32 -57.09 21.53
CA ARG I 231 -30.19 -56.94 22.71
C ARG I 231 -31.20 -58.08 22.85
N ASP J 19 -45.42 8.47 -3.52
CA ASP J 19 -45.89 8.02 -4.86
C ASP J 19 -45.07 6.78 -5.26
N ASP J 20 -43.97 7.01 -5.99
CA ASP J 20 -42.99 5.99 -6.38
C ASP J 20 -41.68 6.34 -5.69
N ASP J 21 -41.60 7.60 -5.29
CA ASP J 21 -40.51 8.16 -4.48
C ASP J 21 -40.62 7.63 -3.04
N ASP J 22 -41.86 7.41 -2.58
CA ASP J 22 -42.10 6.86 -1.22
C ASP J 22 -41.54 5.45 -1.11
N LYS J 23 -41.51 4.73 -2.23
CA LYS J 23 -40.97 3.37 -2.29
C LYS J 23 -39.45 3.31 -2.09
N LEU J 24 -38.70 4.14 -2.83
CA LEU J 24 -37.26 4.29 -2.60
C LEU J 24 -36.97 4.73 -1.16
N HIS J 25 -37.82 5.60 -0.59
CA HIS J 25 -37.69 6.04 0.79
C HIS J 25 -37.90 4.91 1.77
N SER J 26 -38.95 4.11 1.55
CA SER J 26 -39.15 2.95 2.41
C SER J 26 -37.95 1.98 2.37
N GLN J 27 -37.36 1.78 1.19
CA GLN J 27 -36.18 0.93 1.09
C GLN J 27 -34.99 1.45 1.90
N ALA J 28 -34.67 2.74 1.76
CA ALA J 28 -33.59 3.34 2.54
C ALA J 28 -33.91 3.27 4.04
N ASN J 29 -35.17 3.49 4.42
CA ASN J 29 -35.58 3.31 5.81
C ASN J 29 -35.21 1.92 6.34
N LEU J 30 -35.61 0.89 5.59
CA LEU J 30 -35.23 -0.48 5.94
C LEU J 30 -33.73 -0.68 6.01
N MET J 31 -32.99 -0.23 4.99
CA MET J 31 -31.52 -0.37 4.99
C MET J 31 -30.87 0.37 6.16
N ARG J 32 -31.42 1.55 6.48
N ARG J 32 -31.42 1.55 6.46
CA ARG J 32 -30.98 2.36 7.62
CA ARG J 32 -31.05 2.40 7.59
C ARG J 32 -31.14 1.57 8.91
C ARG J 32 -31.18 1.63 8.91
N LEU J 33 -32.32 0.98 9.11
CA LEU J 33 -32.57 0.16 10.31
C LEU J 33 -31.57 -1.01 10.44
N LYS J 34 -31.40 -1.77 9.35
CA LYS J 34 -30.52 -2.92 9.35
C LYS J 34 -29.09 -2.45 9.62
N SER J 35 -28.67 -1.35 8.96
CA SER J 35 -27.35 -0.77 9.23
C SER J 35 -27.23 -0.52 10.71
N ASP J 36 -28.24 0.14 11.28
CA ASP J 36 -28.18 0.54 12.67
C ASP J 36 -28.10 -0.64 13.64
N LEU J 37 -28.86 -1.69 13.34
CA LEU J 37 -28.94 -2.86 14.20
C LEU J 37 -27.73 -3.78 14.13
N PHE J 38 -27.14 -3.90 12.95
CA PHE J 38 -26.11 -4.92 12.72
C PHE J 38 -24.72 -4.36 12.75
N ASN J 39 -24.55 -3.19 12.14
CA ASN J 39 -23.25 -2.57 12.04
C ASN J 39 -22.94 -1.72 13.26
N ARG J 40 -23.49 -2.12 14.42
CA ARG J 40 -23.31 -1.34 15.66
C ARG J 40 -23.06 -2.10 16.96
N SER J 41 -21.97 -1.67 17.61
CA SER J 41 -21.51 -2.15 18.92
C SER J 41 -22.55 -1.94 20.05
N PRO J 42 -22.32 -2.56 21.23
CA PRO J 42 -21.26 -3.55 21.47
C PRO J 42 -21.59 -5.02 21.09
N MET J 43 -22.46 -5.22 20.08
CA MET J 43 -22.79 -6.55 19.50
C MET J 43 -23.30 -7.60 20.50
N TYR J 44 -24.38 -8.30 20.14
CA TYR J 44 -24.92 -9.35 21.03
C TYR J 44 -24.06 -10.62 20.97
N PRO J 45 -23.32 -10.91 22.06
CA PRO J 45 -22.45 -12.08 21.99
C PRO J 45 -23.15 -13.39 22.35
N GLY J 46 -24.46 -13.36 22.59
CA GLY J 46 -25.15 -14.52 23.15
C GLY J 46 -25.39 -14.33 24.64
N PRO J 47 -26.17 -15.22 25.24
CA PRO J 47 -26.52 -15.15 26.64
C PRO J 47 -25.38 -15.55 27.57
N THR J 48 -25.44 -15.05 28.80
CA THR J 48 -24.48 -15.28 29.86
C THR J 48 -25.33 -15.44 31.14
N LYS J 49 -24.72 -15.90 32.23
CA LYS J 49 -25.38 -15.96 33.53
C LYS J 49 -25.98 -14.61 33.93
N ASP J 50 -25.26 -13.54 33.59
CA ASP J 50 -25.70 -12.17 33.91
C ASP J 50 -26.79 -11.68 32.97
N ASP J 51 -26.88 -12.29 31.79
CA ASP J 51 -27.85 -11.86 30.80
C ASP J 51 -28.60 -13.06 30.17
N PRO J 52 -29.39 -13.80 30.98
CA PRO J 52 -30.01 -15.02 30.42
C PRO J 52 -31.13 -14.77 29.37
N LEU J 53 -31.53 -15.82 28.65
CA LEU J 53 -32.44 -15.69 27.54
C LEU J 53 -33.40 -16.84 27.62
N THR J 54 -34.68 -16.56 27.39
CA THR J 54 -35.70 -17.59 27.27
C THR J 54 -36.00 -17.76 25.82
N VAL J 55 -36.00 -19.01 25.36
CA VAL J 55 -36.29 -19.37 23.99
C VAL J 55 -37.54 -20.26 24.01
N THR J 56 -38.57 -19.88 23.25
CA THR J 56 -39.77 -20.69 23.13
C THR J 56 -39.64 -21.59 21.89
N LEU J 57 -39.96 -22.87 22.07
CA LEU J 57 -39.86 -23.93 21.07
C LEU J 57 -41.22 -24.61 20.86
N GLY J 58 -41.64 -24.78 19.60
CA GLY J 58 -42.81 -25.57 19.29
C GLY J 58 -42.47 -26.39 18.07
N PHE J 59 -43.02 -27.60 17.99
CA PHE J 59 -42.79 -28.48 16.84
C PHE J 59 -44.04 -28.69 16.02
N THR J 60 -43.86 -28.71 14.70
CA THR J 60 -44.91 -29.01 13.76
C THR J 60 -44.46 -30.23 13.00
N LEU J 61 -45.11 -31.36 13.24
CA LEU J 61 -44.71 -32.58 12.61
C LEU J 61 -45.29 -32.76 11.20
N GLN J 62 -44.44 -32.99 10.20
CA GLN J 62 -44.97 -33.13 8.83
C GLN J 62 -45.06 -34.58 8.35
N ASP J 63 -44.09 -35.40 8.73
CA ASP J 63 -44.06 -36.76 8.20
C ASP J 63 -43.06 -37.64 8.92
N ILE J 64 -43.47 -38.86 9.20
CA ILE J 64 -42.54 -39.89 9.59
C ILE J 64 -42.28 -40.63 8.31
N VAL J 65 -41.08 -40.42 7.77
CA VAL J 65 -40.79 -40.81 6.40
C VAL J 65 -40.41 -42.29 6.35
N LYS J 66 -39.62 -42.69 7.35
CA LYS J 66 -39.00 -43.98 7.40
C LYS J 66 -38.79 -44.46 8.84
N ALA J 67 -39.06 -45.74 9.07
CA ALA J 67 -38.76 -46.40 10.34
C ALA J 67 -37.95 -47.63 9.98
N ASP J 68 -36.72 -47.71 10.48
CA ASP J 68 -35.82 -48.78 10.12
C ASP J 68 -35.59 -49.67 11.34
N SER J 69 -36.20 -50.85 11.34
CA SER J 69 -36.14 -51.72 12.51
C SER J 69 -34.87 -52.54 12.55
N SER J 70 -34.10 -52.51 11.46
CA SER J 70 -32.79 -53.16 11.50
C SER J 70 -31.72 -52.31 12.21
N THR J 71 -31.92 -50.99 12.27
CA THR J 71 -30.96 -50.11 12.95
C THR J 71 -31.55 -49.31 14.09
N ASN J 72 -32.87 -49.40 14.28
CA ASN J 72 -33.62 -48.51 15.18
C ASN J 72 -33.34 -47.02 14.99
N GLU J 73 -33.55 -46.55 13.76
CA GLU J 73 -33.55 -45.12 13.45
C GLU J 73 -34.87 -44.76 12.77
N VAL J 74 -35.43 -43.60 13.11
CA VAL J 74 -36.61 -43.13 12.44
C VAL J 74 -36.24 -41.80 11.86
N ASP J 75 -36.86 -41.44 10.74
CA ASP J 75 -36.59 -40.17 10.05
C ASP J 75 -37.86 -39.34 10.10
N LEU J 76 -37.81 -38.15 10.70
CA LEU J 76 -38.97 -37.24 10.72
C LEU J 76 -38.67 -36.03 9.89
N VAL J 77 -39.71 -35.53 9.23
CA VAL J 77 -39.69 -34.21 8.65
C VAL J 77 -40.57 -33.33 9.54
N TYR J 78 -40.08 -32.15 9.93
CA TYR J 78 -40.87 -31.29 10.81
C TYR J 78 -40.36 -29.87 10.76
N TYR J 79 -41.19 -28.93 11.20
CA TYR J 79 -40.58 -27.67 11.53
C TYR J 79 -40.58 -27.32 12.99
N GLU J 80 -39.67 -26.43 13.29
CA GLU J 80 -39.31 -26.15 14.66
C GLU J 80 -39.36 -24.65 14.85
N GLN J 81 -40.45 -24.18 15.43
CA GLN J 81 -40.67 -22.78 15.71
C GLN J 81 -39.79 -22.32 16.88
N GLN J 82 -38.92 -21.34 16.61
CA GLN J 82 -38.10 -20.76 17.67
C GLN J 82 -38.39 -19.32 17.85
N ARG J 83 -38.59 -18.89 19.10
N ARG J 83 -38.56 -18.90 19.11
CA ARG J 83 -38.83 -17.48 19.41
CA ARG J 83 -38.85 -17.51 19.46
C ARG J 83 -38.01 -17.04 20.61
C ARG J 83 -38.00 -17.05 20.62
N TRP J 84 -37.43 -15.85 20.51
CA TRP J 84 -36.73 -15.22 21.64
C TRP J 84 -36.85 -13.73 21.47
N LYS J 85 -36.41 -12.97 22.49
CA LYS J 85 -36.44 -11.50 22.43
C LYS J 85 -35.11 -10.85 22.87
N LEU J 86 -34.62 -9.88 22.11
CA LEU J 86 -33.40 -9.20 22.52
C LEU J 86 -33.59 -7.69 22.59
N ASN J 87 -33.14 -7.10 23.68
CA ASN J 87 -33.21 -5.65 23.81
C ASN J 87 -32.41 -4.97 22.70
N SER J 88 -31.25 -5.55 22.34
CA SER J 88 -30.40 -4.93 21.33
C SER J 88 -31.03 -4.98 19.92
N LEU J 89 -32.13 -5.70 19.77
CA LEU J 89 -32.83 -5.71 18.47
C LEU J 89 -34.10 -4.84 18.46
N MET J 90 -34.31 -4.05 19.52
CA MET J 90 -35.50 -3.19 19.62
C MET J 90 -35.32 -1.89 18.83
N TRP J 91 -36.39 -1.36 18.28
CA TRP J 91 -36.33 -0.01 17.71
C TRP J 91 -37.67 0.67 17.80
N ASP J 92 -37.65 1.99 17.69
CA ASP J 92 -38.86 2.78 17.59
C ASP J 92 -39.32 2.93 16.12
N PRO J 93 -40.46 2.30 15.73
CA PRO J 93 -40.92 2.44 14.34
C PRO J 93 -40.95 3.90 13.85
N ASN J 94 -41.19 4.84 14.76
CA ASN J 94 -41.26 6.25 14.37
C ASN J 94 -39.96 6.84 13.84
N GLU J 95 -38.83 6.25 14.22
CA GLU J 95 -37.51 6.70 13.76
C GLU J 95 -37.11 5.98 12.46
N TYR J 96 -37.80 4.90 12.13
CA TYR J 96 -37.52 4.15 10.90
C TYR J 96 -38.77 4.01 10.02
N GLY J 97 -39.40 5.15 9.72
CA GLY J 97 -40.54 5.22 8.80
C GLY J 97 -41.58 4.15 8.99
N ASN J 98 -42.02 3.94 10.25
CA ASN J 98 -43.15 3.05 10.57
C ASN J 98 -42.92 1.58 10.34
N ILE J 99 -41.68 1.23 10.03
CA ILE J 99 -41.32 -0.18 9.97
C ILE J 99 -41.51 -0.92 11.31
N THR J 100 -42.30 -1.98 11.28
CA THR J 100 -42.63 -2.74 12.46
C THR J 100 -41.90 -4.06 12.56
N ASP J 101 -41.47 -4.61 11.42
CA ASP J 101 -40.78 -5.90 11.42
C ASP J 101 -40.01 -6.04 10.11
N PHE J 102 -39.07 -6.98 10.05
CA PHE J 102 -38.36 -7.24 8.81
C PHE J 102 -37.80 -8.66 8.76
N ARG J 103 -37.54 -9.11 7.53
CA ARG J 103 -36.95 -10.43 7.28
C ARG J 103 -35.47 -10.26 7.12
N THR J 104 -34.71 -11.16 7.71
CA THR J 104 -33.27 -11.14 7.62
C THR J 104 -32.68 -12.56 7.67
N SER J 105 -31.60 -12.73 6.95
CA SER J 105 -30.87 -13.98 6.88
C SER J 105 -30.46 -14.38 8.29
N ALA J 106 -30.60 -15.66 8.66
CA ALA J 106 -30.34 -16.07 10.03
C ALA J 106 -28.85 -15.88 10.36
N ALA J 107 -28.03 -15.71 9.33
CA ALA J 107 -26.62 -15.47 9.57
C ALA J 107 -26.33 -14.02 10.02
N ASP J 108 -27.23 -13.06 9.80
CA ASP J 108 -26.97 -11.69 10.34
C ASP J 108 -27.28 -11.53 11.84
N ILE J 109 -27.88 -12.57 12.45
CA ILE J 109 -28.21 -12.46 13.88
C ILE J 109 -27.68 -13.65 14.64
N TRP J 110 -27.61 -13.50 15.96
CA TRP J 110 -27.40 -14.62 16.83
C TRP J 110 -28.61 -15.51 16.79
N THR J 111 -28.38 -16.83 16.70
CA THR J 111 -29.46 -17.80 16.85
C THR J 111 -29.07 -18.84 17.88
N PRO J 112 -30.07 -19.43 18.55
CA PRO J 112 -29.82 -20.46 19.56
C PRO J 112 -29.29 -21.79 18.99
N ASP J 113 -28.30 -22.38 19.66
CA ASP J 113 -27.74 -23.69 19.28
C ASP J 113 -28.61 -24.88 19.64
N ILE J 114 -29.90 -24.83 19.27
CA ILE J 114 -30.83 -25.89 19.66
C ILE J 114 -30.47 -27.15 18.92
N THR J 115 -30.34 -28.26 19.64
CA THR J 115 -29.73 -29.48 19.09
C THR J 115 -30.57 -30.67 19.49
N ALA J 116 -30.79 -31.61 18.57
CA ALA J 116 -31.38 -32.90 18.97
C ALA J 116 -30.33 -33.68 19.74
N TYR J 117 -30.71 -34.33 20.82
CA TYR J 117 -29.72 -35.06 21.60
C TYR J 117 -29.45 -36.46 21.12
N SER J 118 -30.34 -37.05 20.31
CA SER J 118 -30.14 -38.44 19.88
C SER J 118 -30.27 -38.61 18.37
N SER J 119 -29.82 -37.62 17.63
CA SER J 119 -29.77 -37.80 16.21
C SER J 119 -28.70 -38.84 15.88
N THR J 120 -28.85 -39.44 14.71
CA THR J 120 -27.83 -40.34 14.22
C THR J 120 -27.16 -39.91 12.92
N ARG J 121 -27.64 -38.81 12.31
N ARG J 121 -27.65 -38.81 12.32
CA ARG J 121 -27.02 -38.22 11.11
CA ARG J 121 -27.04 -38.22 11.11
C ARG J 121 -27.18 -36.71 11.23
C ARG J 121 -27.19 -36.71 11.23
N PRO J 122 -26.33 -35.94 10.53
CA PRO J 122 -26.50 -34.48 10.51
C PRO J 122 -27.91 -34.15 10.02
N VAL J 123 -28.53 -33.16 10.64
CA VAL J 123 -29.91 -32.79 10.31
C VAL J 123 -29.84 -32.13 8.95
N GLN J 124 -30.84 -32.35 8.13
CA GLN J 124 -30.85 -31.75 6.82
C GLN J 124 -31.87 -30.60 6.77
N VAL J 125 -31.43 -29.43 6.34
CA VAL J 125 -32.26 -28.22 6.34
C VAL J 125 -33.10 -28.13 5.04
N LEU J 126 -34.41 -27.92 5.17
CA LEU J 126 -35.35 -27.99 4.06
C LEU J 126 -35.91 -26.61 3.71
N SER J 127 -35.72 -25.64 4.59
CA SER J 127 -36.30 -24.30 4.38
C SER J 127 -35.21 -23.20 4.32
N PRO J 128 -35.48 -22.07 3.69
CA PRO J 128 -34.51 -20.96 3.71
C PRO J 128 -34.19 -20.58 5.16
N GLN J 129 -32.97 -20.18 5.39
CA GLN J 129 -32.58 -19.82 6.73
CA GLN J 129 -32.54 -19.82 6.72
C GLN J 129 -32.74 -18.30 6.89
N ILE J 130 -34.00 -17.89 7.08
CA ILE J 130 -34.34 -16.48 7.20
C ILE J 130 -35.21 -16.33 8.43
N ALA J 131 -34.89 -15.35 9.27
CA ALA J 131 -35.69 -15.00 10.46
C ALA J 131 -36.45 -13.70 10.28
N VAL J 132 -37.47 -13.50 11.13
CA VAL J 132 -38.30 -12.32 11.10
C VAL J 132 -38.09 -11.60 12.44
N VAL J 133 -37.68 -10.34 12.38
CA VAL J 133 -37.37 -9.55 13.56
C VAL J 133 -38.41 -8.44 13.72
N THR J 134 -38.98 -8.29 14.90
CA THR J 134 -40.01 -7.28 15.15
C THR J 134 -39.45 -6.17 16.08
N HIS J 135 -40.10 -5.01 16.03
CA HIS J 135 -39.61 -3.78 16.67
C HIS J 135 -39.49 -3.90 18.15
N ASP J 136 -40.16 -4.87 18.74
CA ASP J 136 -40.02 -5.10 20.19
C ASP J 136 -38.80 -5.99 20.46
N GLY J 137 -38.04 -6.31 19.42
CA GLY J 137 -36.84 -7.11 19.60
C GLY J 137 -37.08 -8.61 19.60
N SER J 138 -38.30 -9.06 19.35
CA SER J 138 -38.47 -10.50 19.21
C SER J 138 -38.12 -11.00 17.81
N VAL J 139 -37.65 -12.24 17.80
CA VAL J 139 -37.26 -12.95 16.62
C VAL J 139 -38.16 -14.19 16.49
N MET J 140 -38.50 -14.51 15.25
CA MET J 140 -39.26 -15.70 14.95
C MET J 140 -38.44 -16.43 13.89
N PHE J 141 -38.04 -17.66 14.16
CA PHE J 141 -37.23 -18.42 13.19
C PHE J 141 -37.86 -19.80 13.09
N ILE J 142 -38.24 -20.21 11.87
CA ILE J 142 -38.99 -21.45 11.73
C ILE J 142 -38.35 -22.37 10.67
N PRO J 143 -37.26 -23.07 11.04
CA PRO J 143 -36.59 -23.93 10.06
C PRO J 143 -37.28 -25.30 9.96
N ALA J 144 -37.40 -25.79 8.72
CA ALA J 144 -37.95 -27.12 8.48
C ALA J 144 -36.75 -28.02 8.28
N GLN J 145 -36.88 -29.28 8.71
CA GLN J 145 -35.72 -30.13 8.82
C GLN J 145 -36.09 -31.58 8.61
N ARG J 146 -35.13 -32.37 8.15
CA ARG J 146 -35.32 -33.81 8.20
C ARG J 146 -34.29 -34.42 9.17
N LEU J 147 -34.76 -35.27 10.07
CA LEU J 147 -33.91 -35.75 11.18
C LEU J 147 -34.04 -37.27 11.32
N SER J 148 -32.89 -37.93 11.37
CA SER J 148 -32.76 -39.33 11.78
C SER J 148 -32.37 -39.35 13.25
N PHE J 149 -33.10 -40.13 14.03
CA PHE J 149 -32.85 -40.25 15.45
C PHE J 149 -33.14 -41.67 15.94
N MET J 150 -32.72 -41.93 17.18
CA MET J 150 -32.82 -43.26 17.75
C MET J 150 -34.25 -43.58 18.18
N CYS J 151 -34.77 -44.69 17.69
CA CYS J 151 -36.20 -44.99 17.87
C CYS J 151 -36.42 -46.44 17.50
N ASP J 152 -36.92 -47.20 18.45
CA ASP J 152 -37.30 -48.60 18.26
C ASP J 152 -38.77 -48.59 17.77
N PRO J 153 -39.01 -48.97 16.51
CA PRO J 153 -40.38 -49.02 16.00
C PRO J 153 -41.18 -50.31 16.33
N THR J 154 -40.62 -51.24 17.10
CA THR J 154 -41.40 -52.41 17.55
C THR J 154 -42.78 -51.94 18.00
N GLY J 155 -43.81 -52.68 17.60
CA GLY J 155 -45.18 -52.30 17.92
C GLY J 155 -45.86 -51.46 16.85
N VAL J 156 -45.09 -50.94 15.90
CA VAL J 156 -45.66 -50.06 14.88
C VAL J 156 -46.80 -50.74 14.08
N ASP J 157 -46.76 -52.06 14.00
CA ASP J 157 -47.79 -52.83 13.29
C ASP J 157 -48.85 -53.44 14.22
N SER J 158 -49.33 -52.67 15.19
CA SER J 158 -50.36 -53.10 16.14
C SER J 158 -51.14 -51.88 16.64
N GLU J 159 -52.29 -52.13 17.24
CA GLU J 159 -53.19 -51.05 17.68
C GLU J 159 -52.53 -50.10 18.66
N GLU J 160 -51.63 -50.64 19.48
CA GLU J 160 -50.91 -49.83 20.48
C GLU J 160 -49.82 -48.96 19.83
N GLY J 161 -49.30 -49.39 18.67
CA GLY J 161 -48.26 -48.64 17.93
C GLY J 161 -46.91 -48.53 18.63
N ALA J 162 -46.02 -47.68 18.09
CA ALA J 162 -44.69 -47.53 18.64
C ALA J 162 -44.62 -46.18 19.34
N THR J 163 -43.64 -46.03 20.23
CA THR J 163 -43.46 -44.77 20.96
C THR J 163 -41.98 -44.38 20.85
N CYS J 164 -41.69 -43.12 20.54
CA CYS J 164 -40.32 -42.66 20.54
C CYS J 164 -40.22 -41.25 21.05
N ALA J 165 -39.01 -40.87 21.48
CA ALA J 165 -38.83 -39.56 22.04
C ALA J 165 -37.51 -39.05 21.57
N VAL J 166 -37.40 -37.74 21.46
CA VAL J 166 -36.15 -37.13 21.13
C VAL J 166 -36.14 -35.79 21.83
N LYS J 167 -35.04 -35.39 22.44
CA LYS J 167 -35.07 -34.09 23.12
C LYS J 167 -34.23 -33.05 22.43
N PHE J 168 -34.64 -31.81 22.57
CA PHE J 168 -34.01 -30.68 21.89
C PHE J 168 -33.65 -29.63 22.92
N GLY J 169 -32.44 -29.11 22.84
CA GLY J 169 -31.95 -28.13 23.81
C GLY J 169 -30.65 -27.53 23.35
N SER J 170 -30.25 -26.44 24.00
CA SER J 170 -28.98 -25.79 23.75
C SER J 170 -27.89 -26.81 24.04
N TRP J 171 -26.89 -26.87 23.17
CA TRP J 171 -25.74 -27.76 23.42
C TRP J 171 -24.76 -27.17 24.43
N VAL J 172 -24.48 -25.88 24.35
CA VAL J 172 -23.44 -25.29 25.17
C VAL J 172 -23.93 -24.34 26.25
N TYR J 173 -25.23 -24.12 26.33
CA TYR J 173 -25.76 -23.19 27.36
C TYR J 173 -26.61 -23.93 28.36
N SER J 174 -26.27 -23.81 29.64
CA SER J 174 -27.02 -24.46 30.68
C SER J 174 -28.29 -23.65 30.98
N GLY J 175 -29.14 -24.17 31.85
CA GLY J 175 -30.36 -23.49 32.28
C GLY J 175 -30.18 -22.13 32.90
N PHE J 176 -28.95 -21.79 33.27
CA PHE J 176 -28.69 -20.49 33.87
C PHE J 176 -28.39 -19.47 32.79
N GLU J 177 -28.22 -19.95 31.54
CA GLU J 177 -28.01 -19.09 30.41
C GLU J 177 -29.13 -19.15 29.39
N ILE J 178 -29.64 -20.35 29.10
CA ILE J 178 -30.76 -20.41 28.20
C ILE J 178 -31.88 -21.17 28.87
N ASP J 179 -33.01 -20.51 29.05
CA ASP J 179 -34.17 -21.20 29.52
C ASP J 179 -35.00 -21.54 28.30
N LEU J 180 -35.69 -22.68 28.35
CA LEU J 180 -36.58 -23.07 27.28
C LEU J 180 -37.98 -23.13 27.82
N LYS J 181 -38.95 -22.88 26.95
CA LYS J 181 -40.34 -23.13 27.29
C LYS J 181 -41.13 -23.46 26.04
N THR J 182 -42.36 -23.93 26.23
CA THR J 182 -43.29 -24.16 25.12
C THR J 182 -44.49 -23.23 25.32
N ASP J 183 -45.21 -22.92 24.27
CA ASP J 183 -46.44 -22.13 24.40
C ASP J 183 -47.61 -23.06 24.61
N THR J 184 -47.40 -24.32 24.23
CA THR J 184 -48.35 -25.40 24.52
C THR J 184 -47.56 -26.68 24.57
N ASP J 185 -48.15 -27.73 25.12
CA ASP J 185 -47.49 -29.04 25.11
C ASP J 185 -48.05 -29.98 24.04
N GLN J 186 -48.96 -29.46 23.21
CA GLN J 186 -49.44 -30.22 22.06
C GLN J 186 -48.66 -29.90 20.78
N VAL J 187 -48.18 -30.95 20.14
CA VAL J 187 -47.45 -30.81 18.90
C VAL J 187 -48.44 -30.46 17.80
N ASP J 188 -48.07 -29.51 16.97
CA ASP J 188 -48.94 -29.05 15.94
C ASP J 188 -48.99 -30.14 14.86
N LEU J 189 -50.19 -30.64 14.59
CA LEU J 189 -50.35 -31.72 13.61
C LEU J 189 -51.15 -31.26 12.41
N SER J 190 -51.24 -29.94 12.21
CA SER J 190 -52.05 -29.35 11.14
C SER J 190 -51.47 -29.61 9.76
N SER J 191 -50.18 -29.94 9.70
CA SER J 191 -49.50 -30.17 8.44
C SER J 191 -49.08 -31.63 8.32
N TYR J 192 -49.54 -32.51 9.20
CA TYR J 192 -49.05 -33.87 9.06
C TYR J 192 -49.55 -34.52 7.74
N TYR J 193 -48.63 -35.11 6.99
CA TYR J 193 -48.97 -35.68 5.68
C TYR J 193 -50.08 -36.74 5.76
N ALA J 194 -51.20 -36.48 5.08
CA ALA J 194 -52.40 -37.34 5.18
C ALA J 194 -52.23 -38.75 4.60
N SER J 195 -51.28 -38.92 3.67
CA SER J 195 -51.03 -40.27 3.11
C SER J 195 -49.67 -40.84 3.50
N SER J 196 -49.16 -40.43 4.66
CA SER J 196 -47.98 -41.03 5.26
C SER J 196 -48.21 -42.51 5.53
N LYS J 197 -47.12 -43.27 5.52
CA LYS J 197 -47.17 -44.70 5.89
C LYS J 197 -47.58 -44.83 7.37
N TYR J 198 -47.29 -43.79 8.15
CA TYR J 198 -47.57 -43.79 9.56
C TYR J 198 -48.51 -42.66 9.95
N GLU J 199 -49.47 -42.98 10.81
CA GLU J 199 -50.32 -41.98 11.42
C GLU J 199 -49.95 -41.70 12.88
N ILE J 200 -50.28 -40.51 13.34
CA ILE J 200 -49.92 -40.10 14.67
C ILE J 200 -51.04 -40.40 15.65
N LEU J 201 -50.72 -41.15 16.69
CA LEU J 201 -51.65 -41.39 17.77
C LEU J 201 -51.56 -40.26 18.77
N SER J 202 -50.36 -39.75 19.01
CA SER J 202 -50.21 -38.61 19.91
C SER J 202 -48.81 -38.09 19.83
N ALA J 203 -48.67 -36.79 20.09
CA ALA J 203 -47.37 -36.17 20.04
C ALA J 203 -47.35 -35.01 21.01
N THR J 204 -46.46 -35.12 22.00
CA THR J 204 -46.32 -34.08 23.03
C THR J 204 -44.94 -33.49 23.03
N GLN J 205 -44.84 -32.30 23.58
CA GLN J 205 -43.60 -31.57 23.71
C GLN J 205 -43.52 -30.95 25.14
N THR J 206 -42.55 -31.41 25.94
CA THR J 206 -42.54 -31.13 27.40
C THR J 206 -41.12 -30.80 27.86
N ARG J 207 -40.96 -29.58 28.36
CA ARG J 207 -39.79 -29.16 29.05
C ARG J 207 -39.28 -30.20 30.09
N GLN J 208 -37.99 -30.52 30.04
CA GLN J 208 -37.32 -31.36 31.04
C GLN J 208 -36.02 -30.68 31.44
N VAL J 209 -35.40 -31.20 32.51
CA VAL J 209 -34.04 -30.84 32.94
C VAL J 209 -33.25 -32.07 33.29
N GLN J 210 -31.92 -31.96 33.25
CA GLN J 210 -31.02 -32.97 33.85
C GLN J 210 -29.59 -32.46 33.93
N HIS J 211 -28.71 -33.25 34.57
CA HIS J 211 -27.26 -33.05 34.52
C HIS J 211 -26.69 -33.91 33.47
N TYR J 212 -25.46 -33.57 33.07
CA TYR J 212 -24.64 -34.45 32.24
C TYR J 212 -23.34 -34.46 32.99
N SER J 213 -22.50 -35.48 32.78
CA SER J 213 -21.32 -35.64 33.65
C SER J 213 -20.24 -34.58 33.41
N CYS J 214 -20.26 -33.93 32.25
CA CYS J 214 -19.26 -32.91 31.91
C CYS J 214 -19.26 -31.74 32.86
N CYS J 215 -20.44 -31.49 33.41
CA CYS J 215 -20.77 -30.14 33.81
C CYS J 215 -21.61 -30.14 35.09
N PRO J 216 -21.37 -29.20 35.98
CA PRO J 216 -22.22 -29.05 37.17
C PRO J 216 -23.64 -28.48 36.89
N GLU J 217 -23.79 -27.61 35.91
CA GLU J 217 -25.07 -26.91 35.73
C GLU J 217 -26.16 -27.81 35.10
N PRO J 218 -27.41 -27.68 35.57
CA PRO J 218 -28.47 -28.37 34.84
C PRO J 218 -28.73 -27.80 33.43
N TYR J 219 -29.20 -28.66 32.53
CA TYR J 219 -29.49 -28.27 31.12
C TYR J 219 -30.98 -28.40 30.84
N ILE J 220 -31.56 -27.47 30.09
CA ILE J 220 -32.99 -27.58 29.75
C ILE J 220 -33.15 -28.16 28.36
N ASP J 221 -34.13 -29.06 28.23
CA ASP J 221 -34.50 -29.62 26.94
C ASP J 221 -36.02 -29.66 26.78
N VAL J 222 -36.49 -29.73 25.53
CA VAL J 222 -37.90 -30.00 25.28
C VAL J 222 -38.00 -31.39 24.64
N ASN J 223 -38.67 -32.31 25.33
CA ASN J 223 -38.83 -33.72 24.89
C ASN J 223 -40.03 -33.90 23.95
N LEU J 224 -39.77 -34.47 22.78
CA LEU J 224 -40.79 -34.73 21.79
C LEU J 224 -41.13 -36.22 21.88
N VAL J 225 -42.36 -36.54 22.29
CA VAL J 225 -42.78 -37.95 22.40
C VAL J 225 -43.83 -38.17 21.30
N VAL J 226 -43.63 -39.21 20.51
CA VAL J 226 -44.51 -39.49 19.40
C VAL J 226 -44.93 -40.92 19.48
N LYS J 227 -46.27 -41.11 19.48
CA LYS J 227 -46.86 -42.41 19.28
C LYS J 227 -47.43 -42.52 17.88
N PHE J 228 -47.08 -43.60 17.20
CA PHE J 228 -47.41 -43.71 15.80
C PHE J 228 -47.57 -45.17 15.42
N ARG J 229 -48.27 -45.40 14.31
CA ARG J 229 -48.68 -46.72 13.88
C ARG J 229 -48.80 -46.71 12.35
N GLU J 230 -48.45 -47.82 11.70
CA GLU J 230 -48.73 -48.03 10.26
C GLU J 230 -50.20 -47.75 9.92
N ARG J 231 -50.43 -46.91 8.92
CA ARG J 231 -51.76 -46.44 8.53
C ARG J 231 -52.46 -47.52 7.72
N ARG J 232 -53.73 -47.78 8.05
CA ARG J 232 -54.61 -48.68 7.26
C ARG J 232 -55.37 -47.91 6.15
#